data_8JSR
#
_entry.id   8JSR
#
_cell.length_a   1.00
_cell.length_b   1.00
_cell.length_c   1.00
_cell.angle_alpha   90.00
_cell.angle_beta   90.00
_cell.angle_gamma   90.00
#
_symmetry.space_group_name_H-M   'P 1'
#
loop_
_entity.id
_entity.type
_entity.pdbx_description
1 polymer 'Growth hormone secretagogue receptor type 1'
2 polymer 'Engineered G-alpha-q'
3 polymer 'Guanine nucleotide-binding protein G(I)/G(S)/G(T) subunit beta-1'
4 polymer scFv16
5 polymer 'Guanine nucleotide-binding protein G(I)/G(S)/G(O) subunit gamma-2'
6 polymer Nb35
7 non-polymer Anamorelin
#
loop_
_entity_poly.entity_id
_entity_poly.type
_entity_poly.pdbx_seq_one_letter_code
_entity_poly.pdbx_strand_id
1 'polypeptide(L)'
;WNATPSEEPGFNLTLADLDWDASPGNDSLGDELLQLFPAPLLAGVTATCVALFVVGIAGNLLTMLVVSRFRELRTTTNLY
LSSMAFSDLLIFLCMPLDLVRLWQYRPWNFGDLLCKLFQFVSESCTYATVLTITALSVERYFAICFPLRAKVVVTKGRVK
LVIFVIWAVAFCSAGPIFVLVGVEHENGTDPWDTNECRPTEFAVRSGLLTVMVWVSSIFFFLPVFCLTVLYSLIGRKLWR
RRRGDAVVGASLRDQNHKQTVKMLAVVVFAFILCWLPFHVGRYLFSKSFEPGSLEIAQISQYCNLVSFVLFYLSAAINPI
LYNIMSKKYRVAVFRLLGFEPFSQRKLSTLKDESSRAWTESSINTVFTLEDFVGDWEQTAAYNLDQVLEQGGVSSLLQNL
AVSVTPIQRIVRSGENALKIDIHVIIPYEGLSADQMAQIEEVFKVVYPVDDHHFKVILPYGTLVIDGVTPNMLNYFGRPY
EGIAVFDGKKITVTGTLWNGNKIIDERLITPDGSMLFRVTINS
;
R
2 'polypeptide(L)'
;MGCTLSAEDKAAVERSKMIEKQLQKDKQVYRRTLRLLLLGADNSGKSTIVKQMRIYHVNGYSEEECKQYKAVVYSNTIQS
IIAIIRAMGRLKIDFGDSARADDARQLFVLAGAAEEGFMTAELAGVIKRLWKDSGVQACFNRSREYQLNDSAAYYLNDLD
RIAQPNYIPTQQDVLRTRVKTSGIFETKFQVDKVNFHMFDVGAQRDERRKWIQCFNDVTAIIFVVDSSDYNRLQEALNDF
KSIWNNRWLRTISVILFLNKQDLLAEKVLAGKSKIEDYFPEFARYTTPEDATPEPGEDPRVTRAKYFIRKEFVDISTASG
DGRHICYPHFTCSVDTENARRIFNDCKDIILQMNLREYNLV
;
A
3 'polypeptide(L)'
;MHHHHHHHHHHLEVLFQGPGSSGSELDQLRQEAEQLKNQIRDARKACADATLSQITNNIDPVGRIQMRTRRTLRGHLAKI
YAMHWGTDSRLLVSASQDGKLIIWDSYTTNKVHAIPLRSSWVMTCAYAPSGNYVACGGLDNICSIYNLKTREGNVRVSRE
LAGHTGYLSCCRFLDDNQIVTSSGDTTCALWDIETGQQTTTFTGHTGDVMSLSLAPDTRLFVSGACDASAKLWDVREGMC
RQTFTGHESDINAICFFPNGNAFATGSDDATCRLFDLRADQELMTYSHDNIICGITSVSFSKSGRLLLAGYDDFNCNVWD
ALKADRAGVLAGHDNRVSCLGVTDDGMAVATGSWDSFLKIWNGSSGGGGSGGGGSSGVSGWRLFKKIS
;
B
4 'polypeptide(L)'
;DVQLVESGGGLVQPGGSRKLSCSASGFAFSSFGMHWVRQAPEKGLEWVAYISSGSGTIYYADTVKGRFTISRDDPKNTLF
LQMTSLRSEDTAMYYCVRSIYYYGSSPFDFWGQGTTLTVSSGGGGSGGGGSGGGGSDIVMTQATSSVPVTPGESVSISCR
SSKSLLHSNGNTYLYWFLQRPGQSPQLLIYRMSNLASGVPDRFSGSGSGTAFTLTISRLEAEDVGVYYCMQHLEYPLTFG
AGTKLELKAAAHHHHHHHH
;
C
5 'polypeptide(L)' MASNNTASIAQARKLVEQLKMEANIDRIKVSKAAADLMAYCEAHAKEDPLLTPVPASENPFREKKFFCAIL G
6 'polypeptide(L)'
;MQVQLQESGGGLVQPGGSLRLSCAASGFTFSNYKMNWVRQAPGKGLEWVSDISQSGASISYTGSVKGRFTISRDNAKNTL
YLQMNSLKPEDTAVYYCARCPAPFTRDCFDVTSTTYAYRGQGTQVTVSS
;
N
#
# COMPACT_ATOMS: atom_id res chain seq x y z
N LEU A 36 28.04 28.83 -48.60
CA LEU A 36 28.97 27.92 -49.25
C LEU A 36 28.23 26.87 -50.06
N PHE A 37 27.48 26.02 -49.37
CA PHE A 37 26.74 24.96 -50.03
C PHE A 37 25.59 25.56 -50.84
N PRO A 38 25.15 24.88 -51.90
CA PRO A 38 24.05 25.41 -52.72
C PRO A 38 22.75 25.51 -51.93
N ALA A 39 21.94 26.50 -52.32
CA ALA A 39 20.70 26.82 -51.59
C ALA A 39 19.75 25.64 -51.44
N PRO A 40 19.41 24.88 -52.49
CA PRO A 40 18.44 23.78 -52.30
C PRO A 40 18.89 22.76 -51.27
N LEU A 41 20.20 22.48 -51.20
CA LEU A 41 20.70 21.55 -50.19
C LEU A 41 20.40 22.06 -48.78
N LEU A 42 20.62 23.35 -48.52
CA LEU A 42 20.35 23.86 -47.18
C LEU A 42 18.85 23.90 -46.90
N ALA A 43 18.02 24.14 -47.91
CA ALA A 43 16.57 24.06 -47.71
C ALA A 43 16.15 22.65 -47.31
N GLY A 44 16.69 21.63 -47.98
CA GLY A 44 16.35 20.26 -47.62
C GLY A 44 16.86 19.90 -46.24
N VAL A 45 18.08 20.33 -45.90
CA VAL A 45 18.62 20.06 -44.58
C VAL A 45 17.79 20.74 -43.51
N THR A 46 17.33 21.96 -43.77
CA THR A 46 16.49 22.67 -42.81
C THR A 46 15.16 21.96 -42.63
N ALA A 47 14.57 21.46 -43.72
CA ALA A 47 13.31 20.73 -43.61
C ALA A 47 13.48 19.47 -42.76
N THR A 48 14.53 18.69 -43.05
CA THR A 48 14.77 17.49 -42.27
C THR A 48 15.06 17.81 -40.81
N CYS A 49 15.80 18.89 -40.57
CA CYS A 49 16.14 19.28 -39.21
C CYS A 49 14.89 19.70 -38.42
N VAL A 50 13.98 20.43 -39.07
CA VAL A 50 12.76 20.84 -38.35
C VAL A 50 11.83 19.65 -38.14
N ALA A 51 11.81 18.68 -39.07
CA ALA A 51 11.07 17.45 -38.81
C ALA A 51 11.65 16.70 -37.62
N LEU A 52 12.97 16.61 -37.54
CA LEU A 52 13.62 15.99 -36.39
C LEU A 52 13.31 16.77 -35.12
N PHE A 53 13.25 18.09 -35.21
CA PHE A 53 12.90 18.93 -34.06
C PHE A 53 11.52 18.58 -33.54
N VAL A 54 10.54 18.49 -34.44
CA VAL A 54 9.18 18.14 -34.03
C VAL A 54 9.18 16.77 -33.36
N VAL A 55 9.83 15.80 -33.99
CA VAL A 55 9.79 14.44 -33.45
C VAL A 55 10.44 14.41 -32.06
N GLY A 56 11.60 15.05 -31.92
CA GLY A 56 12.30 15.02 -30.64
C GLY A 56 11.58 15.78 -29.55
N ILE A 57 11.02 16.94 -29.87
CA ILE A 57 10.25 17.70 -28.88
C ILE A 57 9.07 16.87 -28.39
N ALA A 58 8.32 16.27 -29.33
CA ALA A 58 7.18 15.46 -28.93
C ALA A 58 7.60 14.29 -28.05
N GLY A 59 8.67 13.60 -28.45
CA GLY A 59 9.11 12.44 -27.69
C GLY A 59 9.58 12.79 -26.30
N ASN A 60 10.39 13.84 -26.18
CA ASN A 60 10.90 14.23 -24.88
C ASN A 60 9.79 14.75 -23.96
N LEU A 61 8.86 15.54 -24.50
CA LEU A 61 7.73 15.99 -23.69
C LEU A 61 6.90 14.81 -23.22
N LEU A 62 6.63 13.85 -24.10
CA LEU A 62 5.84 12.69 -23.70
C LEU A 62 6.56 11.89 -22.61
N THR A 63 7.87 11.70 -22.76
CA THR A 63 8.62 10.96 -21.77
C THR A 63 8.60 11.65 -20.42
N MET A 64 8.84 12.96 -20.40
CA MET A 64 8.84 13.68 -19.12
C MET A 64 7.45 13.66 -18.48
N LEU A 65 6.41 13.89 -19.27
CA LEU A 65 5.05 13.87 -18.72
C LEU A 65 4.70 12.49 -18.17
N VAL A 66 5.04 11.42 -18.90
CA VAL A 66 4.71 10.09 -18.43
C VAL A 66 5.46 9.76 -17.15
N VAL A 67 6.76 10.10 -17.08
CA VAL A 67 7.53 9.79 -15.87
C VAL A 67 7.00 10.58 -14.69
N SER A 68 6.69 11.86 -14.87
CA SER A 68 6.27 12.68 -13.74
C SER A 68 4.87 12.30 -13.27
N ARG A 69 3.95 12.04 -14.21
CA ARG A 69 2.56 11.82 -13.83
C ARG A 69 2.38 10.56 -12.99
N PHE A 70 3.06 9.48 -13.36
CA PHE A 70 2.87 8.18 -12.73
C PHE A 70 3.97 7.93 -11.71
N ARG A 71 3.57 7.64 -10.47
CA ARG A 71 4.54 7.30 -9.43
C ARG A 71 5.12 5.91 -9.61
N GLU A 72 4.35 4.99 -10.22
CA GLU A 72 4.84 3.64 -10.45
C GLU A 72 5.93 3.62 -11.52
N LEU A 73 5.83 4.50 -12.52
CA LEU A 73 6.84 4.60 -13.57
C LEU A 73 8.02 5.48 -13.17
N ARG A 74 8.17 5.80 -11.89
CA ARG A 74 9.31 6.57 -11.41
C ARG A 74 10.43 5.64 -10.95
N THR A 75 10.84 4.74 -11.84
CA THR A 75 11.86 3.76 -11.51
C THR A 75 13.24 4.41 -11.56
N THR A 76 14.27 3.60 -11.27
CA THR A 76 15.64 4.12 -11.27
C THR A 76 16.08 4.50 -12.67
N THR A 77 15.79 3.65 -13.67
CA THR A 77 16.21 3.94 -15.04
C THR A 77 15.45 5.13 -15.60
N ASN A 78 14.23 5.37 -15.13
CA ASN A 78 13.44 6.48 -15.65
C ASN A 78 14.03 7.82 -15.23
N LEU A 79 14.80 7.87 -14.14
CA LEU A 79 15.48 9.10 -13.77
C LEU A 79 16.54 9.46 -14.81
N TYR A 80 17.35 8.49 -15.22
CA TYR A 80 18.32 8.73 -16.29
C TYR A 80 17.60 9.07 -17.58
N LEU A 81 16.47 8.42 -17.86
CA LEU A 81 15.73 8.71 -19.07
C LEU A 81 15.20 10.14 -19.07
N SER A 82 14.75 10.61 -17.90
CA SER A 82 14.29 12.00 -17.77
C SER A 82 15.44 12.99 -17.92
N SER A 83 16.60 12.67 -17.36
CA SER A 83 17.77 13.53 -17.55
C SER A 83 18.16 13.63 -19.02
N MET A 84 18.16 12.50 -19.74
CA MET A 84 18.44 12.56 -21.18
C MET A 84 17.39 13.37 -21.91
N ALA A 85 16.12 13.22 -21.51
CA ALA A 85 15.06 13.99 -22.16
C ALA A 85 15.27 15.49 -21.96
N PHE A 86 15.64 15.90 -20.74
CA PHE A 86 15.91 17.31 -20.49
C PHE A 86 17.10 17.80 -21.31
N SER A 87 18.17 17.01 -21.38
CA SER A 87 19.34 17.41 -22.15
C SER A 87 19.01 17.55 -23.63
N ASP A 88 18.26 16.58 -24.18
CA ASP A 88 17.89 16.64 -25.59
C ASP A 88 16.93 17.79 -25.86
N LEU A 89 16.04 18.09 -24.91
CA LEU A 89 15.13 19.22 -25.07
C LEU A 89 15.91 20.53 -25.13
N LEU A 90 16.91 20.70 -24.27
CA LEU A 90 17.72 21.91 -24.36
C LEU A 90 18.51 21.96 -25.66
N ILE A 91 19.02 20.81 -26.11
CA ILE A 91 19.74 20.77 -27.38
C ILE A 91 18.83 21.22 -28.53
N PHE A 92 17.59 20.74 -28.54
CA PHE A 92 16.65 21.14 -29.59
C PHE A 92 16.22 22.60 -29.45
N LEU A 93 16.09 23.10 -28.22
CA LEU A 93 15.77 24.51 -28.02
C LEU A 93 16.92 25.39 -28.51
N CYS A 94 18.14 24.87 -28.53
CA CYS A 94 19.26 25.60 -29.09
C CYS A 94 19.39 25.43 -30.61
N MET A 95 18.58 24.57 -31.22
CA MET A 95 18.77 24.27 -32.64
C MET A 95 18.58 25.47 -33.56
N PRO A 96 17.54 26.30 -33.42
CA PRO A 96 17.32 27.37 -34.41
C PRO A 96 18.48 28.33 -34.58
N LEU A 97 19.24 28.62 -33.53
CA LEU A 97 20.41 29.46 -33.74
C LEU A 97 21.46 28.76 -34.59
N ASP A 98 21.55 27.44 -34.48
CA ASP A 98 22.51 26.70 -35.30
C ASP A 98 22.08 26.67 -36.76
N LEU A 99 20.79 26.45 -37.00
CA LEU A 99 20.29 26.50 -38.37
C LEU A 99 20.45 27.89 -38.97
N VAL A 100 20.21 28.95 -38.21
CA VAL A 100 20.46 30.29 -38.72
C VAL A 100 21.94 30.51 -39.04
N ARG A 101 22.82 30.01 -38.15
CA ARG A 101 24.25 30.18 -38.31
C ARG A 101 24.81 29.49 -39.55
N LEU A 102 24.43 28.24 -39.81
CA LEU A 102 24.81 27.69 -41.10
C LEU A 102 24.03 28.33 -42.24
N TRP A 103 22.70 28.46 -42.10
CA TRP A 103 21.84 28.66 -43.24
C TRP A 103 22.12 29.99 -43.92
N GLN A 104 22.31 31.05 -43.13
CA GLN A 104 22.29 32.40 -43.68
C GLN A 104 23.58 33.18 -43.50
N TYR A 105 24.44 32.81 -42.55
CA TYR A 105 25.64 33.59 -42.22
C TYR A 105 25.25 35.03 -41.93
N ARG A 106 24.13 35.21 -41.23
CA ARG A 106 23.68 36.52 -40.84
C ARG A 106 24.61 37.11 -39.78
N PRO A 107 24.78 38.43 -39.77
CA PRO A 107 25.68 39.04 -38.79
C PRO A 107 25.22 38.77 -37.37
N TRP A 108 26.18 38.58 -36.47
CA TRP A 108 25.90 38.19 -35.09
C TRP A 108 25.68 39.46 -34.26
N ASN A 109 24.49 40.03 -34.41
CA ASN A 109 24.11 41.20 -33.63
C ASN A 109 23.52 40.83 -32.28
N PHE A 110 23.49 39.54 -31.93
CA PHE A 110 22.94 39.11 -30.65
C PHE A 110 23.88 39.29 -29.48
N GLY A 111 25.16 39.54 -29.72
CA GLY A 111 26.08 39.80 -28.64
C GLY A 111 27.08 38.66 -28.45
N ASP A 112 28.17 38.98 -27.76
CA ASP A 112 29.20 37.99 -27.47
C ASP A 112 28.75 37.01 -26.39
N LEU A 113 28.09 37.52 -25.35
CA LEU A 113 27.71 36.68 -24.23
C LEU A 113 26.74 35.58 -24.65
N LEU A 114 25.78 35.92 -25.52
CA LEU A 114 24.88 34.89 -26.06
C LEU A 114 25.65 33.90 -26.93
N CYS A 115 26.64 34.40 -27.69
CA CYS A 115 27.44 33.52 -28.53
C CYS A 115 28.16 32.47 -27.68
N LYS A 116 28.68 32.89 -26.52
CA LYS A 116 29.34 31.92 -25.64
C LYS A 116 28.35 31.02 -24.91
N LEU A 117 27.24 31.59 -24.43
CA LEU A 117 26.28 30.83 -23.64
C LEU A 117 25.59 29.74 -24.46
N PHE A 118 25.27 30.05 -25.71
CA PHE A 118 24.56 29.09 -26.56
C PHE A 118 25.38 27.81 -26.73
N GLN A 119 26.64 27.96 -27.10
CA GLN A 119 27.49 26.80 -27.29
C GLN A 119 27.85 26.14 -25.97
N PHE A 120 27.94 26.91 -24.87
CA PHE A 120 28.15 26.28 -23.58
C PHE A 120 27.00 25.35 -23.23
N VAL A 121 25.76 25.83 -23.42
CA VAL A 121 24.60 25.00 -23.10
C VAL A 121 24.58 23.76 -23.98
N SER A 122 24.85 23.93 -25.28
CA SER A 122 24.83 22.79 -26.20
C SER A 122 25.87 21.75 -25.81
N GLU A 123 27.11 22.18 -25.55
CA GLU A 123 28.17 21.24 -25.21
C GLU A 123 27.89 20.53 -23.89
N SER A 124 27.40 21.27 -22.89
CA SER A 124 27.07 20.65 -21.61
C SER A 124 25.98 19.60 -21.78
N CYS A 125 24.96 19.90 -22.60
CA CYS A 125 23.89 18.94 -22.82
C CYS A 125 24.40 17.70 -23.54
N THR A 126 25.29 17.85 -24.52
CA THR A 126 25.82 16.68 -25.21
C THR A 126 26.63 15.80 -24.25
N TYR A 127 27.47 16.43 -23.42
CA TYR A 127 28.25 15.67 -22.46
C TYR A 127 27.36 14.94 -21.47
N ALA A 128 26.32 15.62 -20.98
CA ALA A 128 25.39 14.97 -20.07
C ALA A 128 24.68 13.80 -20.74
N THR A 129 24.32 13.95 -22.01
CA THR A 129 23.65 12.86 -22.73
C THR A 129 24.54 11.64 -22.83
N VAL A 130 25.80 11.82 -23.23
CA VAL A 130 26.67 10.65 -23.40
C VAL A 130 26.99 10.02 -22.05
N LEU A 131 27.17 10.84 -21.01
CA LEU A 131 27.44 10.29 -19.69
C LEU A 131 26.24 9.50 -19.16
N THR A 132 25.01 10.00 -19.38
CA THR A 132 23.83 9.26 -18.96
C THR A 132 23.64 7.98 -19.76
N ILE A 133 24.03 7.97 -21.04
CA ILE A 133 23.99 6.74 -21.82
C ILE A 133 24.93 5.70 -21.22
N THR A 134 26.14 6.14 -20.87
CA THR A 134 27.09 5.22 -20.23
C THR A 134 26.57 4.73 -18.89
N ALA A 135 25.95 5.61 -18.10
CA ALA A 135 25.40 5.20 -16.82
C ALA A 135 24.30 4.17 -16.99
N LEU A 136 23.41 4.37 -17.97
CA LEU A 136 22.38 3.37 -18.25
C LEU A 136 23.00 2.03 -18.64
N SER A 137 24.05 2.06 -19.47
CA SER A 137 24.71 0.82 -19.85
C SER A 137 25.26 0.08 -18.63
N VAL A 138 25.94 0.82 -17.74
CA VAL A 138 26.53 0.19 -16.56
C VAL A 138 25.45 -0.36 -15.63
N GLU A 139 24.40 0.42 -15.40
CA GLU A 139 23.32 -0.04 -14.53
C GLU A 139 22.65 -1.29 -15.09
N ARG A 140 22.41 -1.32 -16.41
CA ARG A 140 21.80 -2.49 -17.02
C ARG A 140 22.69 -3.71 -16.86
N TYR A 141 24.00 -3.54 -17.07
CA TYR A 141 24.92 -4.65 -16.91
C TYR A 141 24.88 -5.20 -15.48
N PHE A 142 24.92 -4.30 -14.49
CA PHE A 142 24.94 -4.75 -13.10
C PHE A 142 23.62 -5.40 -12.71
N ALA A 143 22.50 -4.89 -13.23
CA ALA A 143 21.20 -5.44 -12.91
C ALA A 143 20.91 -6.76 -13.60
N ILE A 144 21.58 -7.05 -14.72
CA ILE A 144 21.36 -8.30 -15.43
C ILE A 144 22.32 -9.39 -14.95
N CYS A 145 23.62 -9.09 -14.90
CA CYS A 145 24.57 -10.15 -14.58
C CYS A 145 24.58 -10.52 -13.11
N PHE A 146 24.26 -9.59 -12.22
CA PHE A 146 24.23 -9.83 -10.77
C PHE A 146 22.90 -9.34 -10.23
N PRO A 147 21.80 -10.11 -10.44
CA PRO A 147 20.47 -9.59 -10.11
C PRO A 147 20.24 -9.36 -8.63
N LEU A 148 20.56 -10.36 -7.81
CA LEU A 148 20.28 -10.27 -6.38
C LEU A 148 21.17 -9.22 -5.72
N ARG A 149 22.46 -9.21 -6.07
CA ARG A 149 23.35 -8.20 -5.53
C ARG A 149 22.97 -6.80 -6.02
N ALA A 150 22.52 -6.68 -7.26
CA ALA A 150 22.07 -5.37 -7.73
C ALA A 150 20.85 -4.90 -6.96
N LYS A 151 19.88 -5.79 -6.70
CA LYS A 151 18.71 -5.38 -5.95
C LYS A 151 19.06 -5.05 -4.50
N VAL A 152 20.08 -5.71 -3.95
CA VAL A 152 20.52 -5.37 -2.60
C VAL A 152 21.21 -4.00 -2.57
N VAL A 153 22.07 -3.72 -3.55
CA VAL A 153 22.98 -2.58 -3.43
C VAL A 153 22.40 -1.32 -4.08
N VAL A 154 21.71 -1.45 -5.22
CA VAL A 154 21.31 -0.26 -5.96
C VAL A 154 20.15 0.43 -5.26
N THR A 155 20.30 1.73 -5.02
CA THR A 155 19.27 2.55 -4.40
C THR A 155 19.14 3.86 -5.16
N LYS A 156 17.97 4.48 -5.04
CA LYS A 156 17.70 5.72 -5.78
C LYS A 156 18.43 6.91 -5.17
N GLY A 157 18.68 6.88 -3.85
CA GLY A 157 19.46 7.96 -3.24
C GLY A 157 20.86 8.08 -3.79
N ARG A 158 21.48 6.96 -4.16
CA ARG A 158 22.75 7.01 -4.87
C ARG A 158 22.57 7.39 -6.33
N VAL A 159 21.41 7.06 -6.91
CA VAL A 159 21.15 7.37 -8.31
C VAL A 159 21.07 8.88 -8.53
N LYS A 160 20.39 9.59 -7.62
CA LYS A 160 20.32 11.03 -7.75
C LYS A 160 21.70 11.67 -7.61
N LEU A 161 22.52 11.12 -6.71
CA LEU A 161 23.89 11.61 -6.57
C LEU A 161 24.69 11.38 -7.84
N VAL A 162 24.50 10.21 -8.46
CA VAL A 162 25.19 9.92 -9.72
C VAL A 162 24.77 10.89 -10.81
N ILE A 163 23.48 11.21 -10.87
CA ILE A 163 22.99 12.18 -11.85
C ILE A 163 23.61 13.55 -11.59
N PHE A 164 23.69 13.95 -10.33
CA PHE A 164 24.30 15.24 -9.99
C PHE A 164 25.76 15.29 -10.39
N VAL A 165 26.51 14.21 -10.13
CA VAL A 165 27.91 14.17 -10.53
C VAL A 165 28.05 14.20 -12.04
N ILE A 166 27.14 13.53 -12.76
CA ILE A 166 27.16 13.55 -14.22
C ILE A 166 26.98 14.98 -14.71
N TRP A 167 26.00 15.70 -14.16
CA TRP A 167 25.75 17.06 -14.61
C TRP A 167 26.89 17.99 -14.24
N ALA A 168 27.50 17.79 -13.07
CA ALA A 168 28.65 18.60 -12.69
C ALA A 168 29.84 18.36 -13.61
N VAL A 169 30.07 17.10 -13.98
CA VAL A 169 31.16 16.77 -14.89
C VAL A 169 30.90 17.40 -16.26
N ALA A 170 29.64 17.37 -16.70
CA ALA A 170 29.30 18.03 -17.96
C ALA A 170 29.57 19.53 -17.89
N PHE A 171 29.09 20.19 -16.84
CA PHE A 171 29.27 21.64 -16.69
C PHE A 171 30.72 22.02 -16.45
N CYS A 172 31.58 21.09 -16.07
CA CYS A 172 32.98 21.42 -15.84
C CYS A 172 33.89 20.95 -16.98
N SER A 173 33.42 20.07 -17.84
CA SER A 173 34.14 19.73 -19.05
C SER A 173 33.75 20.62 -20.22
N ALA A 174 32.56 21.18 -20.21
CA ALA A 174 32.13 22.14 -21.22
C ALA A 174 32.41 23.58 -20.81
N GLY A 175 33.19 23.80 -19.75
CA GLY A 175 33.44 25.12 -19.23
C GLY A 175 34.57 25.93 -19.86
N PRO A 176 35.49 25.29 -20.62
CA PRO A 176 36.47 26.08 -21.38
C PRO A 176 35.96 26.61 -22.71
N ILE A 177 34.63 26.61 -22.88
CA ILE A 177 34.02 27.13 -24.10
C ILE A 177 33.72 28.63 -23.98
N PHE A 178 34.11 29.26 -22.87
CA PHE A 178 34.01 30.70 -22.70
C PHE A 178 35.27 31.41 -23.15
N VAL A 179 36.26 30.66 -23.62
CA VAL A 179 37.52 31.20 -24.08
C VAL A 179 37.75 30.87 -25.56
N LEU A 180 37.24 29.71 -25.99
CA LEU A 180 37.46 29.27 -27.36
C LEU A 180 36.53 30.01 -28.32
N VAL A 181 35.30 30.26 -27.90
CA VAL A 181 34.24 30.75 -28.79
C VAL A 181 34.02 32.24 -28.54
N GLY A 182 34.05 33.02 -29.61
CA GLY A 182 33.68 34.42 -29.54
C GLY A 182 33.28 34.95 -30.91
N VAL A 183 32.55 36.06 -30.87
CA VAL A 183 32.16 36.78 -32.08
C VAL A 183 33.39 37.30 -32.82
N GLU A 184 33.41 37.10 -34.13
CA GLU A 184 34.50 37.56 -34.98
C GLU A 184 33.94 38.47 -36.07
N HIS A 185 34.61 39.61 -36.27
CA HIS A 185 34.20 40.62 -37.24
C HIS A 185 35.20 40.67 -38.38
N GLU A 186 34.71 40.56 -39.61
CA GLU A 186 35.55 40.60 -40.80
C GLU A 186 36.64 39.52 -40.77
N TRP A 192 30.85 45.53 -37.71
CA TRP A 192 29.53 45.01 -37.38
C TRP A 192 28.74 44.64 -38.64
N ASP A 193 29.33 44.96 -39.80
CA ASP A 193 28.68 44.63 -41.06
C ASP A 193 28.55 43.12 -41.25
N THR A 194 29.62 42.37 -40.95
CA THR A 194 29.60 40.92 -40.98
C THR A 194 30.13 40.38 -39.67
N ASN A 195 29.37 39.49 -39.04
CA ASN A 195 29.75 38.90 -37.76
C ASN A 195 29.26 37.45 -37.70
N GLU A 196 30.06 36.60 -37.08
CA GLU A 196 29.69 35.20 -36.87
C GLU A 196 30.13 34.76 -35.49
N CYS A 197 29.47 33.73 -34.96
CA CYS A 197 29.94 33.05 -33.75
C CYS A 197 30.94 32.02 -34.23
N ARG A 198 32.20 32.19 -33.84
CA ARG A 198 33.28 31.36 -34.36
C ARG A 198 34.33 31.10 -33.29
N PRO A 199 35.11 30.01 -33.43
CA PRO A 199 36.23 29.81 -32.51
C PRO A 199 37.25 30.93 -32.62
N THR A 200 37.77 31.35 -31.47
CA THR A 200 38.59 32.56 -31.40
C THR A 200 39.97 32.33 -32.02
N GLU A 201 40.42 33.31 -32.81
CA GLU A 201 41.71 33.21 -33.50
C GLU A 201 42.88 33.10 -32.52
N PHE A 202 42.72 33.63 -31.31
CA PHE A 202 43.77 33.46 -30.31
C PHE A 202 43.78 32.03 -29.79
N ALA A 203 42.60 31.46 -29.58
CA ALA A 203 42.51 30.06 -29.14
C ALA A 203 43.12 29.16 -30.20
N VAL A 204 42.82 29.45 -31.47
CA VAL A 204 43.32 28.66 -32.58
C VAL A 204 44.84 28.74 -32.65
N ARG A 205 45.39 29.95 -32.51
CA ARG A 205 46.84 30.11 -32.67
C ARG A 205 47.58 29.49 -31.48
N SER A 206 47.04 29.65 -30.26
CA SER A 206 47.77 29.22 -29.08
C SER A 206 47.79 27.69 -28.95
N GLY A 207 46.73 27.02 -29.42
CA GLY A 207 46.68 25.58 -29.36
C GLY A 207 45.59 24.96 -28.49
N LEU A 208 44.66 25.77 -27.97
CA LEU A 208 43.57 25.23 -27.15
C LEU A 208 42.62 24.37 -27.98
N LEU A 209 42.63 24.55 -29.31
CA LEU A 209 41.70 23.83 -30.17
C LEU A 209 41.96 22.32 -30.17
N THR A 210 43.22 21.91 -30.37
CA THR A 210 43.51 20.48 -30.37
C THR A 210 43.30 19.84 -29.01
N VAL A 211 43.65 20.55 -27.93
CA VAL A 211 43.41 20.00 -26.59
C VAL A 211 41.92 19.77 -26.37
N MET A 212 41.08 20.74 -26.75
CA MET A 212 39.63 20.55 -26.63
C MET A 212 39.13 19.45 -27.56
N VAL A 213 39.76 19.28 -28.72
CA VAL A 213 39.40 18.19 -29.63
C VAL A 213 39.60 16.85 -28.95
N TRP A 214 40.76 16.67 -28.31
CA TRP A 214 41.06 15.40 -27.66
C TRP A 214 40.17 15.21 -26.43
N VAL A 215 39.92 16.28 -25.68
CA VAL A 215 39.03 16.18 -24.53
C VAL A 215 37.64 15.74 -24.96
N SER A 216 37.16 16.26 -26.09
CA SER A 216 35.86 15.83 -26.60
C SER A 216 35.91 14.39 -27.11
N SER A 217 37.02 14.00 -27.74
CA SER A 217 37.13 12.63 -28.25
C SER A 217 37.19 11.60 -27.13
N ILE A 218 37.62 12.00 -25.94
CA ILE A 218 37.50 11.11 -24.77
C ILE A 218 36.05 10.73 -24.55
N PHE A 219 35.13 11.69 -24.72
CA PHE A 219 33.70 11.47 -24.52
C PHE A 219 33.09 10.58 -25.60
N PHE A 220 33.85 10.24 -26.64
CA PHE A 220 33.45 9.21 -27.58
C PHE A 220 34.14 7.88 -27.30
N PHE A 221 35.43 7.92 -26.96
CA PHE A 221 36.19 6.68 -26.78
C PHE A 221 35.73 5.92 -25.54
N LEU A 222 35.36 6.63 -24.48
CA LEU A 222 34.94 5.90 -23.28
C LEU A 222 33.54 5.32 -23.40
N PRO A 223 32.52 6.10 -23.77
CA PRO A 223 31.17 5.52 -23.89
C PRO A 223 31.07 4.38 -24.88
N VAL A 224 31.77 4.45 -26.02
CA VAL A 224 31.68 3.37 -26.99
C VAL A 224 32.25 2.09 -26.40
N PHE A 225 33.37 2.19 -25.68
CA PHE A 225 33.95 1.01 -25.05
C PHE A 225 33.02 0.43 -24.01
N CYS A 226 32.46 1.28 -23.13
CA CYS A 226 31.57 0.78 -22.10
C CYS A 226 30.34 0.10 -22.70
N LEU A 227 29.66 0.79 -23.63
CA LEU A 227 28.49 0.20 -24.27
C LEU A 227 28.83 -1.12 -24.94
N THR A 228 29.89 -1.15 -25.76
CA THR A 228 30.21 -2.36 -26.51
C THR A 228 30.49 -3.53 -25.57
N VAL A 229 31.38 -3.33 -24.60
CA VAL A 229 31.79 -4.45 -23.75
C VAL A 229 30.63 -4.92 -22.87
N LEU A 230 29.96 -3.97 -22.20
CA LEU A 230 28.90 -4.38 -21.27
C LEU A 230 27.72 -5.00 -22.00
N TYR A 231 27.33 -4.44 -23.15
CA TYR A 231 26.22 -5.03 -23.89
C TYR A 231 26.59 -6.36 -24.51
N SER A 232 27.86 -6.55 -24.90
CA SER A 232 28.30 -7.87 -25.35
C SER A 232 28.20 -8.88 -24.23
N LEU A 233 28.59 -8.48 -23.02
CA LEU A 233 28.46 -9.38 -21.87
C LEU A 233 27.01 -9.71 -21.59
N ILE A 234 26.13 -8.70 -21.64
CA ILE A 234 24.70 -8.94 -21.43
C ILE A 234 24.15 -9.91 -22.48
N GLY A 235 24.52 -9.72 -23.74
CA GLY A 235 24.04 -10.60 -24.78
C GLY A 235 24.58 -12.01 -24.63
N ARG A 236 25.82 -12.14 -24.20
CA ARG A 236 26.39 -13.46 -23.93
C ARG A 236 25.64 -14.15 -22.80
N LYS A 237 25.30 -13.41 -21.75
CA LYS A 237 24.55 -14.01 -20.65
C LYS A 237 23.16 -14.43 -21.11
N LEU A 238 22.50 -13.59 -21.90
CA LEU A 238 21.14 -13.87 -22.34
C LEU A 238 21.10 -14.92 -23.45
N TRP A 239 22.23 -15.22 -24.08
CA TRP A 239 22.29 -16.12 -25.23
C TRP A 239 22.56 -17.57 -24.86
N ARG A 240 22.88 -17.87 -23.60
CA ARG A 240 23.27 -19.22 -23.22
C ARG A 240 22.15 -20.24 -23.45
N ASN A 256 14.26 -17.44 -28.49
CA ASN A 256 14.06 -16.73 -27.22
C ASN A 256 15.22 -15.76 -26.96
N HIS A 257 14.88 -14.59 -26.41
CA HIS A 257 15.83 -13.54 -26.07
C HIS A 257 16.59 -13.02 -27.29
N LYS A 258 16.10 -13.30 -28.49
CA LYS A 258 16.77 -12.83 -29.70
C LYS A 258 16.59 -11.34 -29.90
N GLN A 259 15.40 -10.83 -29.59
CA GLN A 259 15.11 -9.43 -29.86
C GLN A 259 15.81 -8.50 -28.86
N THR A 260 16.03 -8.96 -27.63
CA THR A 260 16.75 -8.11 -26.68
C THR A 260 18.19 -7.88 -27.14
N VAL A 261 18.84 -8.93 -27.64
CA VAL A 261 20.21 -8.77 -28.11
C VAL A 261 20.24 -7.98 -29.41
N LYS A 262 19.28 -8.23 -30.30
CA LYS A 262 19.27 -7.47 -31.54
C LYS A 262 19.04 -5.99 -31.28
N MET A 263 18.16 -5.68 -30.32
CA MET A 263 17.91 -4.29 -29.97
C MET A 263 19.15 -3.65 -29.34
N LEU A 264 19.90 -4.42 -28.53
CA LEU A 264 21.13 -3.84 -27.98
C LEU A 264 22.16 -3.60 -29.07
N ALA A 265 22.13 -4.41 -30.12
CA ALA A 265 23.07 -4.18 -31.22
C ALA A 265 22.65 -2.99 -32.07
N VAL A 266 21.34 -2.75 -32.19
CA VAL A 266 20.91 -1.57 -32.93
C VAL A 266 21.28 -0.33 -32.14
N VAL A 267 21.15 -0.39 -30.81
CA VAL A 267 21.45 0.78 -29.99
C VAL A 267 22.93 1.14 -30.09
N VAL A 268 23.80 0.13 -30.00
CA VAL A 268 25.24 0.42 -30.07
C VAL A 268 25.63 0.87 -31.48
N PHE A 269 25.00 0.28 -32.51
CA PHE A 269 25.33 0.70 -33.87
C PHE A 269 24.86 2.12 -34.13
N ALA A 270 23.70 2.51 -33.59
CA ALA A 270 23.22 3.87 -33.76
C ALA A 270 24.12 4.86 -33.03
N PHE A 271 24.61 4.47 -31.85
CA PHE A 271 25.52 5.35 -31.11
C PHE A 271 26.79 5.60 -31.91
N ILE A 272 27.37 4.53 -32.48
CA ILE A 272 28.62 4.70 -33.22
C ILE A 272 28.35 5.47 -34.51
N LEU A 273 27.22 5.18 -35.17
CA LEU A 273 26.88 5.81 -36.45
C LEU A 273 26.72 7.30 -36.27
N CYS A 274 26.14 7.72 -35.15
CA CYS A 274 25.82 9.13 -34.98
C CYS A 274 26.97 9.90 -34.34
N TRP A 275 27.82 9.26 -33.54
CA TRP A 275 28.85 10.01 -32.80
C TRP A 275 30.24 9.92 -33.42
N LEU A 276 30.54 8.90 -34.24
CA LEU A 276 31.84 8.87 -34.91
C LEU A 276 32.02 10.01 -35.90
N PRO A 277 31.08 10.31 -36.80
CA PRO A 277 31.27 11.47 -37.68
C PRO A 277 31.35 12.80 -36.95
N PHE A 278 30.72 12.94 -35.78
CA PHE A 278 30.77 14.20 -35.06
C PHE A 278 32.21 14.53 -34.64
N HIS A 279 32.94 13.53 -34.17
CA HIS A 279 34.30 13.78 -33.72
C HIS A 279 35.30 13.70 -34.85
N VAL A 280 35.01 12.94 -35.91
CA VAL A 280 35.91 12.99 -37.04
C VAL A 280 35.79 14.36 -37.70
N GLY A 281 34.57 14.91 -37.79
CA GLY A 281 34.40 16.23 -38.34
C GLY A 281 35.06 17.30 -37.50
N ARG A 282 35.02 17.14 -36.16
CA ARG A 282 35.73 18.10 -35.32
C ARG A 282 37.25 18.01 -35.54
N TYR A 283 37.78 16.80 -35.70
CA TYR A 283 39.20 16.65 -35.98
C TYR A 283 39.58 17.27 -37.32
N LEU A 284 38.71 17.08 -38.33
CA LEU A 284 38.97 17.67 -39.63
C LEU A 284 38.87 19.19 -39.58
N PHE A 285 37.97 19.71 -38.75
CA PHE A 285 37.84 21.15 -38.61
C PHE A 285 39.09 21.72 -37.96
N SER A 286 39.58 21.07 -36.91
CA SER A 286 40.78 21.56 -36.23
C SER A 286 41.98 21.47 -37.16
N LYS A 287 42.05 20.43 -37.99
CA LYS A 287 43.14 20.32 -38.95
C LYS A 287 42.93 21.19 -40.18
N SER A 288 41.73 21.73 -40.39
CA SER A 288 41.48 22.55 -41.56
C SER A 288 42.18 23.90 -41.47
N PHE A 289 42.64 24.30 -40.29
CA PHE A 289 43.20 25.63 -40.08
C PHE A 289 44.67 25.73 -40.49
N GLU A 290 45.31 24.62 -40.82
CA GLU A 290 46.67 24.68 -41.34
C GLU A 290 46.67 25.35 -42.70
N PRO A 291 47.57 26.31 -42.94
CA PRO A 291 47.55 27.01 -44.24
C PRO A 291 47.79 26.09 -45.43
N GLY A 292 48.45 24.96 -45.24
CA GLY A 292 48.64 23.97 -46.27
C GLY A 292 47.47 23.06 -46.52
N SER A 293 46.42 23.17 -45.73
CA SER A 293 45.26 22.27 -45.81
C SER A 293 44.25 22.85 -46.79
N LEU A 294 44.45 22.55 -48.07
CA LEU A 294 43.55 22.99 -49.13
C LEU A 294 42.51 21.94 -49.51
N GLU A 295 42.96 20.71 -49.79
CA GLU A 295 42.02 19.66 -50.16
C GLU A 295 41.12 19.25 -49.00
N ILE A 296 41.64 19.31 -47.78
CA ILE A 296 40.87 18.92 -46.60
C ILE A 296 39.68 19.84 -46.31
N ALA A 297 39.64 21.06 -46.88
CA ALA A 297 38.51 21.95 -46.62
C ALA A 297 37.15 21.41 -47.07
N GLN A 298 37.03 20.87 -48.29
CA GLN A 298 35.71 20.42 -48.73
C GLN A 298 35.24 19.21 -47.94
N ILE A 299 36.14 18.26 -47.65
CA ILE A 299 35.76 17.12 -46.83
C ILE A 299 35.38 17.59 -45.43
N SER A 300 36.16 18.49 -44.84
CA SER A 300 35.82 18.92 -43.48
C SER A 300 34.49 19.65 -43.46
N GLN A 301 34.13 20.29 -44.57
CA GLN A 301 32.86 21.01 -44.67
C GLN A 301 31.71 20.03 -44.68
N TYR A 302 31.74 19.09 -45.63
CA TYR A 302 30.58 18.21 -45.73
C TYR A 302 30.56 17.19 -44.61
N CYS A 303 31.73 16.91 -44.02
CA CYS A 303 31.81 16.05 -42.84
C CYS A 303 31.15 16.73 -41.66
N ASN A 304 31.32 18.04 -41.52
CA ASN A 304 30.67 18.70 -40.40
C ASN A 304 29.19 18.90 -40.66
N LEU A 305 28.78 19.12 -41.91
CA LEU A 305 27.35 19.20 -42.19
C LEU A 305 26.63 17.87 -41.93
N VAL A 306 27.23 16.75 -42.34
CA VAL A 306 26.66 15.44 -42.00
C VAL A 306 26.68 15.22 -40.50
N SER A 307 27.77 15.60 -39.82
CA SER A 307 27.78 15.46 -38.37
C SER A 307 26.71 16.32 -37.72
N PHE A 308 26.38 17.46 -38.32
CA PHE A 308 25.32 18.32 -37.82
C PHE A 308 23.97 17.61 -37.89
N VAL A 309 23.72 16.97 -39.03
CA VAL A 309 22.45 16.28 -39.21
C VAL A 309 22.36 15.07 -38.29
N LEU A 310 23.45 14.30 -38.16
CA LEU A 310 23.37 13.15 -37.26
C LEU A 310 23.37 13.60 -35.80
N PHE A 311 23.90 14.78 -35.52
CA PHE A 311 23.89 15.31 -34.17
C PHE A 311 22.47 15.58 -33.73
N TYR A 312 21.66 16.14 -34.62
CA TYR A 312 20.27 16.32 -34.24
C TYR A 312 19.43 15.06 -34.46
N LEU A 313 19.95 14.08 -35.19
CA LEU A 313 19.28 12.79 -35.28
C LEU A 313 19.38 12.00 -33.97
N SER A 314 20.50 12.16 -33.25
CA SER A 314 20.69 11.45 -31.98
C SER A 314 19.65 11.85 -30.94
N ALA A 315 19.37 13.16 -30.83
CA ALA A 315 18.43 13.63 -29.83
C ALA A 315 17.00 13.25 -30.18
N ALA A 316 16.75 12.87 -31.43
CA ALA A 316 15.43 12.45 -31.87
C ALA A 316 15.26 10.95 -31.68
N ILE A 317 16.31 10.17 -31.92
CA ILE A 317 16.20 8.72 -31.80
C ILE A 317 16.44 8.19 -30.40
N ASN A 318 17.04 8.97 -29.49
CA ASN A 318 17.27 8.44 -28.14
C ASN A 318 15.99 8.04 -27.40
N PRO A 319 14.91 8.84 -27.39
CA PRO A 319 13.67 8.35 -26.76
C PRO A 319 13.09 7.10 -27.40
N ILE A 320 13.21 6.93 -28.72
CA ILE A 320 12.62 5.74 -29.30
C ILE A 320 13.42 4.52 -28.87
N LEU A 321 14.75 4.65 -28.88
CA LEU A 321 15.59 3.49 -28.59
C LEU A 321 15.40 3.07 -27.15
N TYR A 322 15.29 4.02 -26.22
CA TYR A 322 15.26 3.64 -24.82
C TYR A 322 13.87 3.46 -24.24
N ASN A 323 12.79 3.89 -24.93
CA ASN A 323 11.45 3.83 -24.35
C ASN A 323 10.47 2.96 -25.14
N ILE A 324 10.90 2.25 -26.18
CA ILE A 324 9.94 1.57 -27.05
C ILE A 324 9.55 0.18 -26.59
N MET A 325 10.38 -0.50 -25.79
CA MET A 325 10.12 -1.88 -25.39
C MET A 325 9.68 -2.01 -23.93
N SER A 326 9.27 -0.91 -23.29
CA SER A 326 8.98 -0.97 -21.86
C SER A 326 7.76 -1.83 -21.56
N LYS A 327 6.68 -1.66 -22.34
CA LYS A 327 5.39 -2.33 -22.16
C LYS A 327 4.69 -1.76 -20.92
N LYS A 328 5.39 -0.92 -20.17
CA LYS A 328 4.81 -0.08 -19.13
C LYS A 328 4.66 1.36 -19.59
N TYR A 329 5.60 1.82 -20.41
CA TYR A 329 5.46 3.13 -21.06
C TYR A 329 4.28 3.14 -22.02
N ARG A 330 4.09 2.05 -22.77
CA ARG A 330 3.02 1.99 -23.76
C ARG A 330 1.65 2.08 -23.10
N VAL A 331 1.43 1.30 -22.03
CA VAL A 331 0.13 1.35 -21.37
C VAL A 331 -0.06 2.68 -20.66
N ALA A 332 1.01 3.29 -20.17
CA ALA A 332 0.90 4.62 -19.56
C ALA A 332 0.46 5.65 -20.58
N VAL A 333 1.04 5.61 -21.78
CA VAL A 333 0.66 6.53 -22.84
C VAL A 333 -0.78 6.29 -23.28
N PHE A 334 -1.19 5.02 -23.36
CA PHE A 334 -2.58 4.78 -23.72
C PHE A 334 -3.53 5.12 -22.58
N ARG A 335 -3.02 5.18 -21.35
CA ARG A 335 -3.82 5.64 -20.23
C ARG A 335 -4.00 7.14 -20.27
N LEU A 336 -3.01 7.86 -20.84
CA LEU A 336 -3.15 9.30 -21.00
C LEU A 336 -4.35 9.63 -21.90
N LEU A 337 -4.47 8.90 -23.00
CA LEU A 337 -5.59 9.04 -23.94
C LEU A 337 -5.81 10.49 -24.38
N GLY B 2 9.23 27.28 9.04
CA GLY B 2 8.48 27.80 7.91
C GLY B 2 7.57 28.96 8.29
N CYS B 3 7.14 29.71 7.28
CA CYS B 3 6.25 30.84 7.53
C CYS B 3 4.86 30.34 7.93
N THR B 4 4.09 31.25 8.53
CA THR B 4 2.73 31.02 9.04
C THR B 4 2.57 29.68 9.74
N LEU B 5 3.62 29.26 10.47
CA LEU B 5 3.57 28.07 11.31
C LEU B 5 3.98 28.46 12.72
N SER B 6 3.20 28.01 13.70
CA SER B 6 3.56 28.23 15.09
C SER B 6 4.70 27.28 15.49
N ALA B 7 5.30 27.56 16.64
CA ALA B 7 6.43 26.75 17.10
C ALA B 7 6.04 25.29 17.28
N GLU B 8 4.85 25.05 17.84
CA GLU B 8 4.36 23.69 18.01
C GLU B 8 4.12 23.01 16.67
N ASP B 9 3.65 23.77 15.67
CA ASP B 9 3.49 23.22 14.32
C ASP B 9 4.82 22.80 13.73
N LYS B 10 5.85 23.63 13.90
CA LYS B 10 7.17 23.29 13.40
C LYS B 10 7.73 22.04 14.09
N ALA B 11 7.52 21.93 15.41
CA ALA B 11 7.97 20.74 16.12
C ALA B 11 7.23 19.50 15.66
N ALA B 12 5.92 19.62 15.38
CA ALA B 12 5.17 18.49 14.86
C ALA B 12 5.67 18.07 13.48
N VAL B 13 6.00 19.05 12.63
CA VAL B 13 6.56 18.75 11.31
C VAL B 13 7.90 18.03 11.46
N GLU B 14 8.72 18.47 12.40
CA GLU B 14 10.01 17.81 12.63
C GLU B 14 9.82 16.37 13.09
N ARG B 15 8.84 16.14 13.96
CA ARG B 15 8.54 14.77 14.40
C ARG B 15 8.09 13.92 13.23
N SER B 16 7.25 14.47 12.34
CA SER B 16 6.82 13.73 11.16
C SER B 16 8.00 13.39 10.27
N LYS B 17 8.95 14.32 10.13
CA LYS B 17 10.13 14.05 9.32
C LYS B 17 10.99 12.95 9.92
N MET B 18 11.12 12.93 11.25
CA MET B 18 11.85 11.85 11.90
C MET B 18 11.16 10.51 11.70
N ILE B 19 9.83 10.50 11.74
CA ILE B 19 9.07 9.29 11.45
C ILE B 19 9.34 8.82 10.02
N GLU B 20 9.37 9.76 9.07
CA GLU B 20 9.67 9.40 7.68
C GLU B 20 11.07 8.81 7.54
N LYS B 21 12.03 9.36 8.28
CA LYS B 21 13.38 8.81 8.27
C LYS B 21 13.39 7.35 8.74
N GLN B 22 12.69 7.08 9.84
CA GLN B 22 12.58 5.70 10.31
C GLN B 22 11.89 4.82 9.28
N LEU B 23 10.88 5.37 8.59
CA LEU B 23 10.19 4.60 7.55
C LEU B 23 11.12 4.24 6.42
N GLN B 24 12.01 5.16 6.02
CA GLN B 24 12.98 4.84 4.97
C GLN B 24 13.95 3.75 5.43
N LYS B 25 14.41 3.83 6.68
CA LYS B 25 15.28 2.79 7.20
C LYS B 25 14.58 1.43 7.21
N ASP B 26 13.28 1.42 7.49
CA ASP B 26 12.52 0.17 7.39
C ASP B 26 12.37 -0.29 5.95
N LYS B 27 12.21 0.67 5.03
CA LYS B 27 12.00 0.33 3.62
C LYS B 27 13.21 -0.36 3.03
N GLN B 28 14.42 0.08 3.40
CA GLN B 28 15.61 -0.59 2.88
C GLN B 28 15.61 -2.06 3.24
N VAL B 29 15.33 -2.38 4.51
CA VAL B 29 15.33 -3.77 4.95
C VAL B 29 14.19 -4.55 4.31
N TYR B 30 13.02 -3.91 4.14
CA TYR B 30 11.91 -4.58 3.47
C TYR B 30 12.28 -4.95 2.05
N ARG B 31 13.01 -4.08 1.36
CA ARG B 31 13.42 -4.37 -0.01
C ARG B 31 14.51 -5.44 -0.07
N ARG B 32 15.34 -5.54 0.98
CA ARG B 32 16.43 -6.52 0.94
C ARG B 32 15.93 -7.95 0.83
N THR B 33 14.91 -8.31 1.62
CA THR B 33 14.54 -9.71 1.79
C THR B 33 13.57 -10.19 0.72
N LEU B 34 13.51 -11.51 0.57
CA LEU B 34 12.62 -12.17 -0.38
C LEU B 34 11.61 -13.01 0.39
N ARG B 35 10.33 -12.84 0.05
CA ARG B 35 9.25 -13.51 0.75
C ARG B 35 8.70 -14.64 -0.11
N LEU B 36 8.56 -15.83 0.49
CA LEU B 36 8.07 -17.01 -0.20
C LEU B 36 6.87 -17.56 0.55
N LEU B 37 5.92 -18.12 -0.19
CA LEU B 37 4.74 -18.76 0.38
C LEU B 37 4.82 -20.26 0.11
N LEU B 38 4.74 -21.06 1.16
CA LEU B 38 4.87 -22.50 1.05
C LEU B 38 3.48 -23.14 1.10
N LEU B 39 3.17 -23.93 0.08
CA LEU B 39 1.88 -24.59 -0.03
C LEU B 39 2.08 -26.09 -0.22
N GLY B 40 1.01 -26.84 -0.01
CA GLY B 40 1.06 -28.28 -0.14
C GLY B 40 -0.10 -28.91 0.60
N ALA B 41 -0.12 -30.24 0.56
CA ALA B 41 -1.15 -31.02 1.22
C ALA B 41 -0.59 -31.63 2.50
N ASP B 42 -1.40 -32.44 3.17
CA ASP B 42 -0.99 -33.07 4.41
C ASP B 42 -0.01 -34.22 4.20
N ASN B 43 0.03 -34.79 2.99
CA ASN B 43 0.97 -35.86 2.67
C ASN B 43 2.16 -35.38 1.87
N SER B 44 2.24 -34.08 1.57
CA SER B 44 3.32 -33.58 0.73
C SER B 44 4.68 -33.75 1.38
N GLY B 45 4.76 -33.49 2.69
CA GLY B 45 6.02 -33.54 3.39
C GLY B 45 6.76 -32.21 3.47
N LYS B 46 6.05 -31.09 3.35
CA LYS B 46 6.70 -29.79 3.44
C LYS B 46 7.19 -29.49 4.84
N SER B 47 6.70 -30.21 5.85
CA SER B 47 7.23 -30.06 7.20
C SER B 47 8.71 -30.44 7.25
N THR B 48 9.07 -31.55 6.59
CA THR B 48 10.49 -31.90 6.49
C THR B 48 11.27 -30.87 5.69
N ILE B 49 10.63 -30.25 4.69
CA ILE B 49 11.30 -29.24 3.91
C ILE B 49 11.65 -28.02 4.76
N VAL B 50 10.71 -27.55 5.58
CA VAL B 50 11.03 -26.43 6.46
C VAL B 50 12.02 -26.86 7.54
N LYS B 51 11.94 -28.12 7.98
CA LYS B 51 12.90 -28.62 8.97
C LYS B 51 14.33 -28.58 8.41
N GLN B 52 14.49 -28.93 7.14
CA GLN B 52 15.83 -28.88 6.54
C GLN B 52 16.22 -27.48 6.08
N MET B 53 15.24 -26.58 5.91
CA MET B 53 15.58 -25.17 5.73
C MET B 53 16.08 -24.56 7.03
N ARG B 54 15.58 -25.05 8.17
CA ARG B 54 16.03 -24.54 9.47
C ARG B 54 17.52 -24.80 9.72
N ILE B 55 18.12 -25.73 8.97
CA ILE B 55 19.56 -25.93 9.07
C ILE B 55 20.30 -24.66 8.65
N TYR B 56 19.79 -23.96 7.64
CA TYR B 56 20.40 -22.74 7.15
C TYR B 56 20.14 -21.54 8.06
N HIS B 57 19.36 -21.71 9.12
CA HIS B 57 19.12 -20.66 10.11
C HIS B 57 18.56 -19.39 9.48
N ARG B 178 3.95 -18.44 20.90
CA ARG B 178 3.28 -19.29 19.91
C ARG B 178 1.93 -19.78 20.44
N VAL B 179 0.88 -19.03 20.13
CA VAL B 179 -0.47 -19.41 20.57
C VAL B 179 -0.90 -20.68 19.84
N LYS B 180 -1.82 -21.42 20.46
CA LYS B 180 -2.28 -22.67 19.85
C LYS B 180 -2.96 -22.41 18.51
N THR B 181 -3.78 -21.37 18.42
CA THR B 181 -4.43 -20.98 17.17
C THR B 181 -3.54 -19.98 16.44
N SER B 182 -2.42 -20.48 15.93
CA SER B 182 -1.45 -19.66 15.23
C SER B 182 -1.76 -19.67 13.74
N GLY B 183 -2.07 -18.50 13.18
CA GLY B 183 -2.51 -18.43 11.80
C GLY B 183 -1.43 -18.58 10.76
N ILE B 184 -0.21 -18.15 11.07
CA ILE B 184 0.89 -18.20 10.11
C ILE B 184 2.15 -18.66 10.85
N PHE B 185 2.92 -19.53 10.20
CA PHE B 185 4.24 -19.93 10.68
C PHE B 185 5.28 -19.33 9.73
N GLU B 186 6.33 -18.73 10.30
CA GLU B 186 7.39 -18.13 9.52
C GLU B 186 8.74 -18.72 9.91
N THR B 187 9.54 -19.06 8.90
CA THR B 187 10.91 -19.49 9.09
C THR B 187 11.83 -18.64 8.22
N LYS B 188 13.05 -18.44 8.70
CA LYS B 188 14.04 -17.63 8.01
C LYS B 188 15.30 -18.45 7.75
N PHE B 189 15.95 -18.16 6.62
CA PHE B 189 17.21 -18.81 6.29
C PHE B 189 17.97 -17.92 5.31
N GLN B 190 19.28 -18.14 5.23
CA GLN B 190 20.16 -17.36 4.38
C GLN B 190 20.93 -18.28 3.44
N VAL B 191 20.95 -17.93 2.15
CA VAL B 191 21.80 -18.59 1.17
C VAL B 191 22.64 -17.50 0.51
N ASP B 192 23.96 -17.57 0.72
CA ASP B 192 24.91 -16.60 0.17
C ASP B 192 24.55 -15.18 0.56
N LYS B 193 24.31 -14.98 1.86
CA LYS B 193 24.02 -13.67 2.44
C LYS B 193 22.76 -13.03 1.85
N VAL B 194 21.80 -13.84 1.47
CA VAL B 194 20.49 -13.37 1.01
C VAL B 194 19.43 -13.93 1.94
N ASN B 195 18.60 -13.05 2.49
CA ASN B 195 17.62 -13.42 3.49
C ASN B 195 16.32 -13.85 2.82
N PHE B 196 15.82 -15.02 3.21
CA PHE B 196 14.56 -15.56 2.72
C PHE B 196 13.57 -15.67 3.88
N HIS B 197 12.32 -15.31 3.62
CA HIS B 197 11.25 -15.43 4.61
C HIS B 197 10.18 -16.34 4.03
N MET B 198 10.04 -17.53 4.61
CA MET B 198 9.05 -18.51 4.18
C MET B 198 7.87 -18.47 5.14
N PHE B 199 6.66 -18.43 4.58
CA PHE B 199 5.43 -18.33 5.35
C PHE B 199 4.60 -19.59 5.15
N ASP B 200 4.32 -20.29 6.24
CA ASP B 200 3.50 -21.50 6.22
C ASP B 200 2.17 -21.20 6.90
N VAL B 201 1.08 -21.61 6.26
CA VAL B 201 -0.26 -21.31 6.75
C VAL B 201 -0.72 -22.43 7.66
N GLY B 202 -1.11 -22.08 8.88
CA GLY B 202 -1.68 -23.04 9.81
C GLY B 202 -2.89 -22.45 10.49
N ALA B 203 -3.69 -23.34 11.08
CA ALA B 203 -4.88 -22.95 11.82
C ALA B 203 -5.81 -22.07 10.98
N GLN B 204 -6.00 -22.46 9.72
CA GLN B 204 -6.93 -21.81 8.82
C GLN B 204 -7.89 -22.85 8.26
N ARG B 205 -9.04 -22.39 7.77
CA ARG B 205 -10.07 -23.28 7.26
C ARG B 205 -9.74 -23.70 5.83
N ASP B 206 -10.64 -24.50 5.26
CA ASP B 206 -10.42 -25.05 3.92
C ASP B 206 -10.48 -23.98 2.84
N GLU B 207 -11.33 -22.97 3.02
CA GLU B 207 -11.56 -21.96 2.00
C GLU B 207 -10.34 -21.05 1.90
N ARG B 208 -9.65 -21.10 0.75
CA ARG B 208 -8.45 -20.31 0.53
C ARG B 208 -8.68 -19.10 -0.37
N ARG B 209 -9.90 -18.91 -0.88
CA ARG B 209 -10.12 -17.87 -1.89
C ARG B 209 -9.93 -16.46 -1.33
N LYS B 210 -10.00 -16.27 -0.02
CA LYS B 210 -9.94 -14.94 0.57
C LYS B 210 -8.57 -14.60 1.14
N TRP B 211 -7.97 -15.50 1.92
CA TRP B 211 -6.67 -15.20 2.51
C TRP B 211 -5.50 -15.50 1.58
N ILE B 212 -5.76 -16.04 0.37
CA ILE B 212 -4.68 -16.22 -0.58
C ILE B 212 -4.29 -14.92 -1.26
N GLN B 213 -5.15 -13.91 -1.22
CA GLN B 213 -4.86 -12.64 -1.88
C GLN B 213 -3.81 -11.82 -1.14
N CYS B 214 -3.51 -12.17 0.12
CA CYS B 214 -2.49 -11.45 0.86
C CYS B 214 -1.09 -11.78 0.36
N PHE B 215 -0.93 -12.84 -0.42
CA PHE B 215 0.36 -13.29 -0.91
C PHE B 215 0.48 -13.06 -2.41
N ASN B 216 -0.05 -11.94 -2.90
CA ASN B 216 0.01 -11.61 -4.31
C ASN B 216 1.25 -10.81 -4.68
N ASP B 217 2.13 -10.52 -3.71
CA ASP B 217 3.36 -9.79 -3.96
C ASP B 217 4.59 -10.55 -3.49
N VAL B 218 4.45 -11.83 -3.14
CA VAL B 218 5.61 -12.61 -2.75
C VAL B 218 6.50 -12.86 -3.96
N THR B 219 7.76 -13.19 -3.69
CA THR B 219 8.70 -13.45 -4.77
C THR B 219 8.30 -14.70 -5.54
N ALA B 220 7.94 -15.76 -4.85
CA ALA B 220 7.58 -17.01 -5.50
C ALA B 220 6.68 -17.81 -4.56
N ILE B 221 5.99 -18.79 -5.14
CA ILE B 221 5.19 -19.76 -4.41
C ILE B 221 5.89 -21.11 -4.50
N ILE B 222 6.09 -21.76 -3.36
CA ILE B 222 6.71 -23.07 -3.31
C ILE B 222 5.61 -24.10 -3.14
N PHE B 223 5.39 -24.90 -4.18
CA PHE B 223 4.36 -25.92 -4.20
C PHE B 223 5.01 -27.28 -4.04
N VAL B 224 4.62 -28.01 -2.99
CA VAL B 224 5.19 -29.31 -2.67
C VAL B 224 4.16 -30.37 -2.97
N VAL B 225 4.56 -31.39 -3.73
CA VAL B 225 3.66 -32.45 -4.17
C VAL B 225 4.26 -33.79 -3.80
N ASP B 226 3.43 -34.66 -3.23
CA ASP B 226 3.82 -36.05 -2.97
C ASP B 226 3.51 -36.87 -4.22
N SER B 227 4.54 -37.22 -4.97
CA SER B 227 4.38 -37.93 -6.23
C SER B 227 4.30 -39.44 -6.07
N SER B 228 4.37 -39.94 -4.84
CA SER B 228 4.36 -41.39 -4.61
C SER B 228 2.98 -41.98 -4.89
N ASP B 229 1.93 -41.35 -4.38
CA ASP B 229 0.58 -41.89 -4.48
C ASP B 229 -0.17 -41.22 -5.62
N TYR B 230 -0.78 -42.04 -6.48
CA TYR B 230 -1.52 -41.55 -7.63
C TYR B 230 -2.98 -41.27 -7.33
N ASN B 231 -3.46 -41.63 -6.15
CA ASN B 231 -4.84 -41.36 -5.78
C ASN B 231 -5.10 -39.86 -5.65
N ARG B 232 -4.14 -39.11 -5.14
CA ARG B 232 -4.31 -37.68 -4.88
C ARG B 232 -3.48 -36.82 -5.82
N LEU B 233 -2.99 -37.38 -6.92
CA LEU B 233 -2.23 -36.59 -7.89
C LEU B 233 -3.13 -35.61 -8.64
N GLN B 234 -4.36 -36.02 -8.94
CA GLN B 234 -5.29 -35.12 -9.62
C GLN B 234 -5.71 -33.97 -8.72
N GLU B 235 -5.81 -34.21 -7.41
CA GLU B 235 -6.09 -33.12 -6.48
C GLU B 235 -4.96 -32.09 -6.49
N ALA B 236 -3.72 -32.56 -6.51
CA ALA B 236 -2.58 -31.66 -6.61
C ALA B 236 -2.59 -30.90 -7.93
N LEU B 237 -2.96 -31.58 -9.02
CA LEU B 237 -3.03 -30.92 -10.32
C LEU B 237 -4.10 -29.82 -10.32
N ASN B 238 -5.24 -30.08 -9.69
CA ASN B 238 -6.29 -29.06 -9.61
C ASN B 238 -5.86 -27.89 -8.72
N ASP B 239 -5.15 -28.18 -7.63
CA ASP B 239 -4.60 -27.11 -6.80
C ASP B 239 -3.63 -26.24 -7.60
N PHE B 240 -2.76 -26.88 -8.38
CA PHE B 240 -1.82 -26.14 -9.21
C PHE B 240 -2.57 -25.30 -10.26
N LYS B 241 -3.62 -25.86 -10.86
CA LYS B 241 -4.42 -25.10 -11.81
C LYS B 241 -5.01 -23.85 -11.17
N SER B 242 -5.61 -24.01 -9.98
CA SER B 242 -6.22 -22.88 -9.31
C SER B 242 -5.19 -21.82 -8.94
N ILE B 243 -4.03 -22.24 -8.42
CA ILE B 243 -2.99 -21.29 -8.06
C ILE B 243 -2.47 -20.56 -9.30
N TRP B 244 -2.21 -21.30 -10.38
CA TRP B 244 -1.64 -20.71 -11.59
C TRP B 244 -2.60 -19.72 -12.24
N ASN B 245 -3.89 -20.06 -12.30
CA ASN B 245 -4.85 -19.27 -13.05
C ASN B 245 -5.53 -18.18 -12.24
N ASN B 246 -5.13 -17.98 -10.98
CA ASN B 246 -5.78 -16.98 -10.15
C ASN B 246 -5.50 -15.57 -10.67
N ARG B 247 -6.51 -14.69 -10.50
CA ARG B 247 -6.39 -13.33 -11.00
C ARG B 247 -5.28 -12.56 -10.29
N TRP B 248 -5.18 -12.72 -8.97
CA TRP B 248 -4.20 -11.96 -8.19
C TRP B 248 -2.86 -12.67 -8.07
N LEU B 249 -2.77 -13.93 -8.51
CA LEU B 249 -1.51 -14.66 -8.49
C LEU B 249 -0.94 -14.87 -9.89
N ARG B 250 -1.36 -14.04 -10.85
CA ARG B 250 -0.89 -14.19 -12.23
C ARG B 250 0.59 -13.88 -12.36
N THR B 251 1.09 -12.90 -11.61
CA THR B 251 2.48 -12.48 -11.71
C THR B 251 3.44 -13.43 -11.00
N ILE B 252 2.96 -14.16 -10.00
CA ILE B 252 3.85 -14.96 -9.15
C ILE B 252 4.30 -16.22 -9.88
N SER B 253 5.59 -16.52 -9.80
CA SER B 253 6.14 -17.77 -10.30
C SER B 253 6.08 -18.84 -9.22
N VAL B 254 6.09 -20.09 -9.66
CA VAL B 254 5.92 -21.25 -8.78
C VAL B 254 7.17 -22.11 -8.86
N ILE B 255 7.74 -22.42 -7.69
CA ILE B 255 8.84 -23.37 -7.57
C ILE B 255 8.23 -24.69 -7.15
N LEU B 256 8.17 -25.64 -8.07
CA LEU B 256 7.46 -26.91 -7.85
C LEU B 256 8.45 -27.97 -7.37
N PHE B 257 8.15 -28.55 -6.21
CA PHE B 257 8.95 -29.64 -5.65
C PHE B 257 8.13 -30.92 -5.72
N LEU B 258 8.62 -31.90 -6.51
CA LEU B 258 7.97 -33.19 -6.63
C LEU B 258 8.63 -34.13 -5.62
N ASN B 259 8.13 -34.09 -4.40
CA ASN B 259 8.75 -34.70 -3.24
C ASN B 259 8.56 -36.22 -3.26
N LYS B 260 9.30 -36.88 -2.37
CA LYS B 260 9.21 -38.33 -2.15
C LYS B 260 9.50 -39.11 -3.44
N GLN B 261 10.73 -38.95 -3.93
CA GLN B 261 11.16 -39.64 -5.13
C GLN B 261 11.47 -41.11 -4.86
N ASP B 262 12.03 -41.42 -3.69
CA ASP B 262 12.37 -42.81 -3.38
C ASP B 262 11.12 -43.67 -3.24
N LEU B 263 10.06 -43.13 -2.62
CA LEU B 263 8.82 -43.87 -2.51
C LEU B 263 8.21 -44.14 -3.87
N LEU B 264 8.26 -43.15 -4.77
CA LEU B 264 7.77 -43.35 -6.13
C LEU B 264 8.59 -44.39 -6.87
N ALA B 265 9.90 -44.37 -6.68
CA ALA B 265 10.76 -45.37 -7.32
C ALA B 265 10.43 -46.77 -6.83
N GLU B 266 10.21 -46.92 -5.52
CA GLU B 266 9.82 -48.21 -4.98
C GLU B 266 8.46 -48.65 -5.51
N LYS B 267 7.51 -47.72 -5.59
CA LYS B 267 6.19 -48.05 -6.09
C LYS B 267 6.22 -48.50 -7.55
N VAL B 268 7.07 -47.85 -8.36
CA VAL B 268 7.14 -48.24 -9.77
C VAL B 268 8.01 -49.46 -10.00
N LEU B 269 8.93 -49.77 -9.09
CA LEU B 269 9.68 -51.02 -9.20
C LEU B 269 8.87 -52.22 -8.74
N ALA B 270 8.01 -52.03 -7.75
CA ALA B 270 7.21 -53.15 -7.24
C ALA B 270 6.26 -53.67 -8.32
N GLY B 271 5.65 -52.77 -9.08
CA GLY B 271 4.73 -53.16 -10.14
C GLY B 271 3.32 -53.45 -9.70
N LYS B 272 3.03 -53.36 -8.40
CA LYS B 272 1.67 -53.62 -7.93
C LYS B 272 0.72 -52.51 -8.35
N SER B 273 1.14 -51.26 -8.26
CA SER B 273 0.31 -50.11 -8.59
C SER B 273 0.70 -49.57 -9.96
N LYS B 274 -0.31 -49.18 -10.74
CA LYS B 274 -0.11 -48.74 -12.11
C LYS B 274 -0.63 -47.32 -12.28
N ILE B 275 0.13 -46.51 -13.03
CA ILE B 275 -0.27 -45.13 -13.26
C ILE B 275 -1.37 -45.00 -14.32
N GLU B 276 -1.49 -45.97 -15.22
CA GLU B 276 -2.49 -45.86 -16.28
C GLU B 276 -3.91 -46.01 -15.76
N ASP B 277 -4.08 -46.54 -14.53
CA ASP B 277 -5.41 -46.64 -13.96
C ASP B 277 -6.03 -45.27 -13.72
N TYR B 278 -5.22 -44.30 -13.29
CA TYR B 278 -5.69 -42.96 -12.99
C TYR B 278 -5.35 -41.95 -14.09
N PHE B 279 -4.30 -42.21 -14.87
CA PHE B 279 -3.92 -41.37 -16.00
C PHE B 279 -3.81 -42.27 -17.22
N PRO B 280 -4.91 -42.43 -17.98
CA PRO B 280 -4.92 -43.44 -19.05
C PRO B 280 -3.94 -43.16 -20.17
N GLU B 281 -3.44 -41.93 -20.31
CA GLU B 281 -2.51 -41.60 -21.38
C GLU B 281 -1.08 -42.01 -21.08
N PHE B 282 -0.84 -42.70 -19.96
CA PHE B 282 0.51 -43.12 -19.63
C PHE B 282 1.00 -44.20 -20.58
N ALA B 283 0.10 -45.08 -21.02
CA ALA B 283 0.51 -46.15 -21.94
C ALA B 283 1.00 -45.60 -23.26
N ARG B 284 0.38 -44.52 -23.74
CA ARG B 284 0.80 -43.87 -24.98
C ARG B 284 2.02 -42.97 -24.79
N TYR B 285 2.44 -42.73 -23.55
CA TYR B 285 3.58 -41.86 -23.30
C TYR B 285 4.89 -42.62 -23.42
N THR B 286 5.86 -42.02 -24.10
CA THR B 286 7.22 -42.54 -24.16
C THR B 286 8.17 -41.43 -23.74
N THR B 287 9.18 -41.79 -22.95
CA THR B 287 10.12 -40.80 -22.46
C THR B 287 10.86 -40.14 -23.62
N PRO B 288 11.11 -38.84 -23.56
CA PRO B 288 11.74 -38.15 -24.69
C PRO B 288 13.16 -38.68 -24.93
N GLU B 289 13.58 -38.61 -26.20
CA GLU B 289 14.92 -39.04 -26.55
C GLU B 289 15.98 -38.21 -25.83
N ASP B 290 15.78 -36.90 -25.74
CA ASP B 290 16.65 -36.02 -24.99
C ASP B 290 16.21 -36.02 -23.53
N ALA B 291 17.05 -36.58 -22.66
CA ALA B 291 16.74 -36.65 -21.24
C ALA B 291 18.05 -36.79 -20.47
N THR B 292 17.96 -36.52 -19.17
CA THR B 292 19.12 -36.61 -18.27
C THR B 292 18.76 -37.46 -17.07
N PRO B 293 18.64 -38.78 -17.25
CA PRO B 293 18.33 -39.65 -16.11
C PRO B 293 19.50 -39.72 -15.14
N GLU B 294 19.18 -39.93 -13.88
CA GLU B 294 20.20 -40.14 -12.87
C GLU B 294 20.90 -41.48 -13.12
N PRO B 295 22.21 -41.57 -12.86
CA PRO B 295 22.91 -42.85 -13.04
C PRO B 295 22.33 -43.93 -12.14
N GLY B 296 22.24 -45.14 -12.67
CA GLY B 296 21.69 -46.26 -11.92
C GLY B 296 20.19 -46.26 -11.80
N GLU B 297 19.48 -45.44 -12.56
CA GLU B 297 18.03 -45.36 -12.49
C GLU B 297 17.41 -46.17 -13.63
N ASP B 298 16.39 -46.95 -13.30
CA ASP B 298 15.74 -47.77 -14.30
C ASP B 298 14.94 -46.90 -15.27
N PRO B 299 14.76 -47.36 -16.51
CA PRO B 299 13.96 -46.57 -17.46
C PRO B 299 12.52 -46.36 -17.03
N ARG B 300 11.94 -47.30 -16.30
CA ARG B 300 10.56 -47.14 -15.84
C ARG B 300 10.44 -45.97 -14.87
N VAL B 301 11.41 -45.82 -13.96
CA VAL B 301 11.40 -44.70 -13.03
C VAL B 301 11.50 -43.38 -13.78
N THR B 302 12.38 -43.32 -14.78
CA THR B 302 12.53 -42.11 -15.58
C THR B 302 11.23 -41.78 -16.32
N ARG B 303 10.59 -42.79 -16.89
CA ARG B 303 9.34 -42.56 -17.62
C ARG B 303 8.26 -42.04 -16.68
N ALA B 304 8.12 -42.67 -15.50
CA ALA B 304 7.11 -42.22 -14.54
C ALA B 304 7.37 -40.79 -14.09
N LYS B 305 8.62 -40.49 -13.74
CA LYS B 305 8.97 -39.15 -13.27
C LYS B 305 8.71 -38.11 -14.36
N TYR B 306 9.09 -38.41 -15.60
CA TYR B 306 8.93 -37.45 -16.68
C TYR B 306 7.46 -37.23 -17.00
N PHE B 307 6.64 -38.28 -16.95
CA PHE B 307 5.21 -38.09 -17.16
C PHE B 307 4.59 -37.26 -16.05
N ILE B 308 4.95 -37.55 -14.80
CA ILE B 308 4.39 -36.81 -13.67
C ILE B 308 4.76 -35.33 -13.75
N ARG B 309 6.02 -35.05 -14.10
CA ARG B 309 6.42 -33.65 -14.26
C ARG B 309 5.75 -33.01 -15.47
N LYS B 310 5.56 -33.78 -16.55
CA LYS B 310 4.97 -33.24 -17.77
C LYS B 310 3.53 -32.82 -17.54
N GLU B 311 2.81 -33.50 -16.65
CA GLU B 311 1.45 -33.06 -16.33
C GLU B 311 1.45 -31.62 -15.81
N PHE B 312 2.28 -31.35 -14.81
CA PHE B 312 2.35 -30.00 -14.23
C PHE B 312 2.90 -29.01 -15.24
N VAL B 313 3.88 -29.41 -16.05
CA VAL B 313 4.45 -28.49 -17.04
C VAL B 313 3.42 -28.14 -18.11
N ASP B 314 2.62 -29.11 -18.52
CA ASP B 314 1.54 -28.85 -19.48
C ASP B 314 0.53 -27.88 -18.89
N ILE B 315 0.16 -28.08 -17.62
CA ILE B 315 -0.74 -27.13 -16.97
C ILE B 315 -0.14 -25.74 -16.96
N SER B 316 1.16 -25.65 -16.62
CA SER B 316 1.81 -24.34 -16.52
C SER B 316 1.87 -23.63 -17.87
N THR B 317 2.20 -24.37 -18.93
CA THR B 317 2.36 -23.77 -20.25
C THR B 317 1.05 -23.62 -21.01
N ALA B 318 -0.05 -24.17 -20.49
CA ALA B 318 -1.34 -24.01 -21.16
C ALA B 318 -1.76 -22.54 -21.25
N SER B 319 -1.40 -21.73 -20.25
CA SER B 319 -1.76 -20.33 -20.26
C SER B 319 -0.77 -19.53 -19.43
N GLY B 320 -0.69 -18.24 -19.74
CA GLY B 320 0.09 -17.30 -18.93
C GLY B 320 1.56 -17.62 -18.83
N ASP B 321 2.18 -18.09 -19.91
CA ASP B 321 3.58 -18.45 -19.85
C ASP B 321 4.49 -17.21 -19.83
N GLY B 322 4.03 -16.11 -20.41
CA GLY B 322 4.87 -14.92 -20.48
C GLY B 322 5.15 -14.30 -19.13
N ARG B 323 4.10 -14.17 -18.30
CA ARG B 323 4.24 -13.43 -17.04
C ARG B 323 5.07 -14.20 -16.02
N HIS B 324 4.81 -15.49 -15.87
CA HIS B 324 5.42 -16.27 -14.80
C HIS B 324 5.79 -17.66 -15.32
N ILE B 325 6.77 -18.26 -14.65
CA ILE B 325 7.37 -19.52 -15.07
C ILE B 325 7.32 -20.49 -13.91
N CYS B 326 7.10 -21.77 -14.22
CA CYS B 326 7.18 -22.84 -13.23
C CYS B 326 8.57 -23.47 -13.26
N TYR B 327 9.04 -23.87 -12.08
CA TYR B 327 10.38 -24.46 -11.91
C TYR B 327 10.24 -25.82 -11.26
N PRO B 328 10.13 -26.89 -12.05
CA PRO B 328 9.93 -28.22 -11.47
C PRO B 328 11.24 -28.84 -11.00
N HIS B 329 11.17 -29.51 -9.84
CA HIS B 329 12.32 -30.18 -9.25
C HIS B 329 11.89 -31.53 -8.71
N PHE B 330 12.85 -32.46 -8.65
CA PHE B 330 12.65 -33.79 -8.08
C PHE B 330 13.46 -33.84 -6.78
N THR B 331 12.77 -33.73 -5.66
CA THR B 331 13.41 -33.70 -4.35
C THR B 331 13.02 -34.95 -3.56
N CYS B 332 13.54 -35.04 -2.34
CA CYS B 332 13.31 -36.18 -1.46
C CYS B 332 13.53 -35.72 -0.02
N SER B 333 13.33 -36.65 0.91
CA SER B 333 13.51 -36.34 2.32
C SER B 333 14.99 -36.26 2.70
N VAL B 334 15.84 -37.07 2.07
CA VAL B 334 17.27 -37.03 2.36
C VAL B 334 17.96 -35.88 1.63
N ASP B 335 17.38 -35.37 0.55
CA ASP B 335 18.00 -34.30 -0.21
C ASP B 335 18.18 -33.04 0.65
N THR B 336 19.37 -32.46 0.58
CA THR B 336 19.71 -31.27 1.36
C THR B 336 20.02 -30.06 0.50
N GLU B 337 19.74 -30.12 -0.81
CA GLU B 337 20.06 -29.05 -1.72
C GLU B 337 18.85 -28.20 -2.11
N ASN B 338 17.75 -28.31 -1.37
CA ASN B 338 16.54 -27.57 -1.72
C ASN B 338 16.72 -26.07 -1.53
N ALA B 339 17.52 -25.67 -0.53
CA ALA B 339 17.77 -24.24 -0.32
C ALA B 339 18.49 -23.63 -1.51
N ARG B 340 19.49 -24.33 -2.05
CA ARG B 340 20.20 -23.84 -3.22
C ARG B 340 19.29 -23.78 -4.44
N ARG B 341 18.40 -24.76 -4.58
CA ARG B 341 17.45 -24.74 -5.70
C ARG B 341 16.51 -23.54 -5.60
N ILE B 342 16.01 -23.26 -4.39
CA ILE B 342 15.18 -22.07 -4.19
C ILE B 342 15.97 -20.82 -4.52
N PHE B 343 17.22 -20.76 -4.08
CA PHE B 343 18.07 -19.60 -4.35
C PHE B 343 18.24 -19.37 -5.85
N ASN B 344 18.54 -20.44 -6.61
CA ASN B 344 18.74 -20.31 -8.04
C ASN B 344 17.44 -19.91 -8.76
N ASP B 345 16.31 -20.51 -8.37
CA ASP B 345 15.05 -20.15 -9.01
C ASP B 345 14.66 -18.71 -8.70
N CYS B 346 14.90 -18.25 -7.48
CA CYS B 346 14.64 -16.85 -7.15
C CYS B 346 15.58 -15.91 -7.89
N LYS B 347 16.83 -16.32 -8.10
CA LYS B 347 17.75 -15.53 -8.91
C LYS B 347 17.22 -15.37 -10.33
N ASP B 348 16.69 -16.45 -10.91
CA ASP B 348 16.13 -16.35 -12.26
C ASP B 348 14.87 -15.49 -12.27
N ILE B 349 14.03 -15.60 -11.25
CA ILE B 349 12.83 -14.77 -11.17
C ILE B 349 13.19 -13.29 -11.11
N ILE B 350 14.18 -12.95 -10.29
CA ILE B 350 14.63 -11.57 -10.16
C ILE B 350 15.27 -11.10 -11.46
N LEU B 351 15.98 -11.99 -12.15
CA LEU B 351 16.55 -11.62 -13.44
C LEU B 351 15.47 -11.27 -14.45
N GLN B 352 14.40 -12.07 -14.50
CA GLN B 352 13.30 -11.76 -15.41
C GLN B 352 12.62 -10.46 -15.04
N MET B 353 12.42 -10.22 -13.75
CA MET B 353 11.82 -8.96 -13.31
C MET B 353 12.69 -7.77 -13.69
N ASN B 354 14.01 -7.91 -13.53
CA ASN B 354 14.93 -6.85 -13.93
C ASN B 354 14.89 -6.59 -15.43
N LEU B 355 14.82 -7.67 -16.22
CA LEU B 355 14.68 -7.50 -17.66
C LEU B 355 13.41 -6.73 -18.00
N ARG B 356 12.31 -7.03 -17.30
CA ARG B 356 11.07 -6.29 -17.55
C ARG B 356 11.20 -4.82 -17.14
N GLU B 357 11.84 -4.55 -16.00
CA GLU B 357 11.87 -3.20 -15.44
C GLU B 357 12.81 -2.27 -16.19
N TYR B 358 13.96 -2.79 -16.64
CA TYR B 358 15.02 -1.95 -17.20
C TYR B 358 14.84 -1.67 -18.69
N ASN B 359 13.62 -1.77 -19.20
CA ASN B 359 13.29 -1.49 -20.59
C ASN B 359 14.05 -2.39 -21.56
N LEU B 360 14.45 -3.58 -21.10
CA LEU B 360 15.14 -4.53 -21.96
C LEU B 360 14.17 -5.53 -22.56
N VAL B 361 13.49 -6.31 -21.71
CA VAL B 361 12.51 -7.30 -22.13
C VAL B 361 13.07 -8.25 -23.17
N GLU C 25 -35.06 -38.79 9.60
CA GLU C 25 -35.40 -37.59 10.37
C GLU C 25 -34.86 -36.34 9.70
N LEU C 26 -33.75 -36.50 8.97
CA LEU C 26 -33.15 -35.36 8.29
C LEU C 26 -34.07 -34.83 7.19
N ASP C 27 -34.75 -35.73 6.47
CA ASP C 27 -35.63 -35.30 5.39
C ASP C 27 -36.79 -34.45 5.90
N GLN C 28 -37.38 -34.85 7.04
CA GLN C 28 -38.47 -34.07 7.62
C GLN C 28 -37.98 -32.69 8.04
N LEU C 29 -36.80 -32.61 8.64
CA LEU C 29 -36.26 -31.31 9.05
C LEU C 29 -35.98 -30.43 7.84
N ARG C 30 -35.44 -31.01 6.77
CA ARG C 30 -35.19 -30.23 5.55
C ARG C 30 -36.50 -29.74 4.94
N GLN C 31 -37.53 -30.58 4.95
CA GLN C 31 -38.84 -30.16 4.43
C GLN C 31 -39.42 -29.04 5.27
N GLU C 32 -39.28 -29.14 6.60
CA GLU C 32 -39.77 -28.06 7.47
C GLU C 32 -39.03 -26.76 7.23
N ALA C 33 -37.71 -26.84 7.04
CA ALA C 33 -36.93 -25.64 6.74
C ALA C 33 -37.36 -25.04 5.41
N GLU C 34 -37.61 -25.88 4.40
CA GLU C 34 -38.08 -25.37 3.12
C GLU C 34 -39.44 -24.69 3.25
N GLN C 35 -40.35 -25.29 4.03
CA GLN C 35 -41.66 -24.68 4.24
C GLN C 35 -41.53 -23.34 4.96
N LEU C 36 -40.67 -23.28 5.98
CA LEU C 36 -40.47 -22.03 6.71
C LEU C 36 -39.89 -20.95 5.81
N LYS C 37 -38.92 -21.31 4.96
CA LYS C 37 -38.35 -20.34 4.02
C LYS C 37 -39.41 -19.87 3.03
N ASN C 38 -40.26 -20.78 2.55
CA ASN C 38 -41.31 -20.39 1.62
C ASN C 38 -42.29 -19.42 2.27
N GLN C 39 -42.68 -19.67 3.52
CA GLN C 39 -43.62 -18.78 4.17
C GLN C 39 -42.98 -17.44 4.53
N ILE C 40 -41.68 -17.43 4.83
CA ILE C 40 -40.97 -16.17 5.05
C ILE C 40 -40.95 -15.36 3.76
N ARG C 41 -40.67 -16.03 2.64
CA ARG C 41 -40.68 -15.35 1.35
C ARG C 41 -42.06 -14.80 1.02
N ASP C 42 -43.12 -15.56 1.32
CA ASP C 42 -44.48 -15.08 1.11
C ASP C 42 -44.77 -13.86 1.96
N ALA C 43 -44.36 -13.88 3.23
CA ALA C 43 -44.58 -12.74 4.11
C ALA C 43 -43.83 -11.51 3.60
N ARG C 44 -42.60 -11.70 3.14
CA ARG C 44 -41.84 -10.58 2.59
C ARG C 44 -42.49 -10.03 1.33
N LYS C 45 -43.01 -10.92 0.46
CA LYS C 45 -43.67 -10.48 -0.76
C LYS C 45 -44.95 -9.72 -0.47
N ALA C 46 -45.68 -10.12 0.59
CA ALA C 46 -46.93 -9.44 0.92
C ALA C 46 -46.71 -7.97 1.23
N CYS C 47 -45.56 -7.62 1.80
CA CYS C 47 -45.28 -6.24 2.19
C CYS C 47 -44.70 -5.40 1.06
N ALA C 48 -44.38 -6.01 -0.09
CA ALA C 48 -43.77 -5.28 -1.20
C ALA C 48 -44.85 -4.64 -2.07
N ASP C 49 -45.52 -3.63 -1.49
CA ASP C 49 -46.58 -2.94 -2.19
C ASP C 49 -46.05 -1.98 -3.25
N ALA C 50 -44.89 -1.37 -3.01
CA ALA C 50 -44.30 -0.46 -3.98
C ALA C 50 -42.78 -0.51 -3.85
N THR C 51 -42.11 -0.09 -4.92
CA THR C 51 -40.66 -0.08 -4.97
C THR C 51 -40.13 1.28 -4.52
N LEU C 52 -38.86 1.30 -4.10
CA LEU C 52 -38.21 2.55 -3.75
C LEU C 52 -38.09 3.47 -4.96
N SER C 53 -37.75 2.92 -6.12
CA SER C 53 -37.58 3.74 -7.31
C SER C 53 -38.88 4.38 -7.77
N GLN C 54 -40.01 3.70 -7.56
CA GLN C 54 -41.29 4.28 -7.91
C GLN C 54 -41.60 5.51 -7.07
N ILE C 55 -41.33 5.45 -5.78
CA ILE C 55 -41.66 6.55 -4.87
C ILE C 55 -40.75 7.74 -5.12
N THR C 56 -39.47 7.49 -5.36
CA THR C 56 -38.50 8.56 -5.60
C THR C 56 -38.35 8.89 -7.08
N ASN C 57 -39.38 8.63 -7.89
CA ASN C 57 -39.28 8.89 -9.32
C ASN C 57 -39.33 10.39 -9.62
N ASN C 58 -40.21 11.11 -8.92
CA ASN C 58 -40.39 12.53 -9.16
C ASN C 58 -39.39 13.41 -8.41
N ILE C 59 -38.48 12.81 -7.65
CA ILE C 59 -37.49 13.58 -6.92
C ILE C 59 -36.45 14.13 -7.88
N ASP C 60 -35.84 15.25 -7.50
CA ASP C 60 -34.88 15.91 -8.38
C ASP C 60 -33.55 15.19 -8.35
N PRO C 61 -32.88 15.03 -9.49
CA PRO C 61 -31.57 14.38 -9.51
C PRO C 61 -30.53 15.18 -8.74
N VAL C 62 -29.55 14.45 -8.17
CA VAL C 62 -28.47 15.10 -7.45
C VAL C 62 -27.60 15.92 -8.40
N GLY C 63 -27.42 15.46 -9.64
CA GLY C 63 -26.60 16.17 -10.59
C GLY C 63 -25.29 15.46 -10.87
N ARG C 64 -24.21 16.22 -10.96
CA ARG C 64 -22.87 15.68 -11.14
C ARG C 64 -22.02 16.03 -9.94
N ILE C 65 -21.38 15.03 -9.35
CA ILE C 65 -20.59 15.19 -8.14
C ILE C 65 -19.12 15.21 -8.55
N GLN C 66 -18.55 16.41 -8.63
CA GLN C 66 -17.13 16.56 -8.92
C GLN C 66 -16.35 16.64 -7.62
N MET C 67 -15.30 15.82 -7.51
CA MET C 67 -14.45 15.80 -6.33
C MET C 67 -12.99 15.82 -6.77
N ARG C 68 -12.15 16.43 -5.94
CA ARG C 68 -10.73 16.59 -6.24
C ARG C 68 -9.91 16.07 -5.07
N THR C 69 -8.71 15.58 -5.36
CA THR C 69 -7.81 15.04 -4.35
C THR C 69 -7.17 16.21 -3.61
N ARG C 70 -7.65 16.47 -2.40
CA ARG C 70 -7.08 17.56 -1.61
C ARG C 70 -5.71 17.20 -1.05
N ARG C 71 -5.57 16.00 -0.51
CA ARG C 71 -4.32 15.53 0.07
C ARG C 71 -4.04 14.12 -0.41
N THR C 72 -2.75 13.78 -0.42
CA THR C 72 -2.31 12.42 -0.72
C THR C 72 -1.28 12.03 0.32
N LEU C 73 -1.55 10.96 1.05
CA LEU C 73 -0.72 10.54 2.17
C LEU C 73 0.20 9.42 1.72
N ARG C 74 1.50 9.64 1.80
CA ARG C 74 2.51 8.69 1.38
C ARG C 74 3.37 8.28 2.57
N GLY C 75 3.94 7.08 2.50
CA GLY C 75 4.79 6.59 3.56
C GLY C 75 4.68 5.10 3.79
N HIS C 76 3.60 4.48 3.33
CA HIS C 76 3.44 3.04 3.44
C HIS C 76 4.26 2.34 2.37
N LEU C 77 4.87 1.21 2.73
CA LEU C 77 5.71 0.47 1.80
C LEU C 77 4.93 -0.55 0.97
N ALA C 78 3.83 -1.06 1.51
CA ALA C 78 3.05 -2.09 0.83
C ALA C 78 1.58 -1.67 0.77
N LYS C 79 0.77 -2.54 0.20
CA LYS C 79 -0.63 -2.23 -0.05
C LYS C 79 -1.39 -2.01 1.24
N ILE C 80 -2.41 -1.17 1.18
CA ILE C 80 -3.21 -0.78 2.33
C ILE C 80 -4.51 -1.56 2.32
N TYR C 81 -4.85 -2.19 3.45
CA TYR C 81 -6.06 -3.00 3.56
C TYR C 81 -7.20 -2.30 4.29
N ALA C 82 -6.91 -1.40 5.23
CA ALA C 82 -7.94 -0.80 6.06
C ALA C 82 -7.54 0.62 6.43
N MET C 83 -8.56 1.42 6.73
CA MET C 83 -8.38 2.74 7.33
C MET C 83 -9.59 3.04 8.19
N HIS C 84 -9.40 3.95 9.14
CA HIS C 84 -10.51 4.37 9.99
C HIS C 84 -10.32 5.83 10.39
N TRP C 85 -11.44 6.52 10.56
CA TRP C 85 -11.48 7.92 10.92
C TRP C 85 -11.64 8.08 12.42
N GLY C 86 -11.02 9.11 12.98
CA GLY C 86 -11.29 9.49 14.35
C GLY C 86 -12.61 10.21 14.49
N THR C 87 -13.14 10.20 15.72
CA THR C 87 -14.39 10.90 15.99
C THR C 87 -14.24 12.40 15.75
N ASP C 88 -13.06 12.96 16.01
CA ASP C 88 -12.69 14.24 15.45
C ASP C 88 -12.25 14.02 14.01
N SER C 89 -12.87 14.73 13.08
CA SER C 89 -12.67 14.40 11.67
C SER C 89 -11.34 14.92 11.16
N ARG C 90 -10.25 14.56 11.85
CA ARG C 90 -8.94 15.06 11.50
C ARG C 90 -7.90 13.95 11.43
N LEU C 91 -8.04 12.93 12.26
CA LEU C 91 -7.03 11.90 12.45
C LEU C 91 -7.46 10.59 11.81
N LEU C 92 -6.49 9.88 11.24
CA LEU C 92 -6.70 8.59 10.59
C LEU C 92 -5.82 7.52 11.24
N VAL C 93 -6.05 6.29 10.80
CA VAL C 93 -5.14 5.17 11.04
C VAL C 93 -5.24 4.26 9.83
N SER C 94 -4.12 3.68 9.41
CA SER C 94 -4.08 2.83 8.24
C SER C 94 -3.13 1.66 8.48
N ALA C 95 -3.39 0.56 7.79
CA ALA C 95 -2.61 -0.67 7.91
C ALA C 95 -2.06 -1.08 6.55
N SER C 96 -0.81 -1.55 6.54
CA SER C 96 -0.20 -2.13 5.35
C SER C 96 0.47 -3.44 5.72
N GLN C 97 0.76 -4.24 4.70
CA GLN C 97 1.39 -5.54 4.90
C GLN C 97 2.88 -5.45 5.21
N ASP C 98 3.44 -4.24 5.28
CA ASP C 98 4.79 -4.08 5.83
C ASP C 98 4.82 -4.46 7.29
N GLY C 99 3.68 -4.39 7.97
CA GLY C 99 3.62 -4.59 9.41
C GLY C 99 3.69 -3.26 10.13
N LYS C 100 2.87 -2.30 9.71
CA LYS C 100 2.97 -0.93 10.19
C LYS C 100 1.58 -0.33 10.32
N LEU C 101 1.37 0.43 11.38
CA LEU C 101 0.20 1.29 11.56
C LEU C 101 0.66 2.73 11.61
N ILE C 102 0.06 3.58 10.80
CA ILE C 102 0.39 5.01 10.76
C ILE C 102 -0.86 5.80 11.08
N ILE C 103 -0.73 6.74 12.01
CA ILE C 103 -1.80 7.68 12.34
C ILE C 103 -1.46 9.01 11.71
N TRP C 104 -2.37 9.54 10.88
CA TRP C 104 -2.12 10.73 10.09
C TRP C 104 -2.88 11.92 10.64
N ASP C 105 -2.32 13.10 10.41
CA ASP C 105 -3.05 14.36 10.56
C ASP C 105 -3.49 14.79 9.16
N SER C 106 -4.78 14.60 8.87
CA SER C 106 -5.26 14.80 7.50
C SER C 106 -5.20 16.25 7.08
N TYR C 107 -5.30 17.18 8.04
CA TYR C 107 -5.28 18.59 7.68
C TYR C 107 -3.91 19.02 7.16
N THR C 108 -2.85 18.56 7.81
CA THR C 108 -1.50 19.01 7.48
C THR C 108 -0.62 17.90 6.91
N THR C 109 -1.15 16.69 6.72
CA THR C 109 -0.40 15.57 6.16
C THR C 109 0.80 15.22 7.04
N ASN C 110 0.60 15.24 8.35
CA ASN C 110 1.63 14.91 9.33
C ASN C 110 1.40 13.52 9.89
N LYS C 111 2.46 12.73 9.98
CA LYS C 111 2.40 11.42 10.61
C LYS C 111 2.52 11.61 12.11
N VAL C 112 1.44 11.32 12.84
CA VAL C 112 1.46 11.49 14.29
C VAL C 112 2.13 10.29 14.97
N HIS C 113 1.82 9.08 14.51
CA HIS C 113 2.36 7.86 15.10
C HIS C 113 2.72 6.88 13.99
N ALA C 114 3.63 5.97 14.32
CA ALA C 114 3.99 4.85 13.45
C ALA C 114 4.22 3.64 14.33
N ILE C 115 3.36 2.64 14.22
CA ILE C 115 3.32 1.50 15.13
C ILE C 115 3.77 0.26 14.38
N PRO C 116 4.88 -0.37 14.77
CA PRO C 116 5.26 -1.64 14.14
C PRO C 116 4.51 -2.81 14.76
N LEU C 117 4.04 -3.72 13.90
CA LEU C 117 3.26 -4.86 14.32
C LEU C 117 4.12 -6.12 14.36
N ARG C 118 3.69 -7.08 15.18
CA ARG C 118 4.41 -8.35 15.29
C ARG C 118 4.16 -9.25 14.08
N SER C 119 2.98 -9.15 13.47
CA SER C 119 2.64 -9.93 12.30
C SER C 119 2.44 -9.00 11.11
N SER C 120 3.08 -9.33 9.99
CA SER C 120 3.00 -8.48 8.80
C SER C 120 1.59 -8.48 8.21
N TRP C 121 0.92 -9.62 8.22
CA TRP C 121 -0.35 -9.79 7.52
C TRP C 121 -1.48 -9.23 8.37
N VAL C 122 -1.73 -7.93 8.24
CA VAL C 122 -2.78 -7.23 8.96
C VAL C 122 -3.91 -6.93 7.99
N MET C 123 -5.15 -7.17 8.43
CA MET C 123 -6.30 -7.04 7.55
C MET C 123 -7.28 -5.93 7.95
N THR C 124 -7.19 -5.40 9.17
CA THR C 124 -8.22 -4.49 9.64
C THR C 124 -7.64 -3.48 10.61
N CYS C 125 -8.36 -2.36 10.75
CA CYS C 125 -8.01 -1.28 11.65
C CYS C 125 -9.25 -0.84 12.42
N ALA C 126 -9.04 -0.27 13.60
CA ALA C 126 -10.10 0.33 14.38
C ALA C 126 -9.53 1.46 15.20
N TYR C 127 -10.30 2.53 15.33
CA TYR C 127 -9.95 3.69 16.14
C TYR C 127 -11.00 3.83 17.24
N ALA C 128 -10.57 3.93 18.48
CA ALA C 128 -11.51 4.02 19.59
C ALA C 128 -12.27 5.33 19.53
N PRO C 129 -13.58 5.32 19.84
CA PRO C 129 -14.34 6.57 19.82
C PRO C 129 -13.79 7.62 20.76
N SER C 130 -13.23 7.21 21.90
CA SER C 130 -12.56 8.16 22.79
C SER C 130 -11.25 8.66 22.18
N GLY C 131 -10.57 7.82 21.42
CA GLY C 131 -9.31 8.17 20.82
C GLY C 131 -8.07 7.72 21.58
N ASN C 132 -8.23 6.90 22.62
CA ASN C 132 -7.10 6.46 23.42
C ASN C 132 -6.49 5.16 22.93
N TYR C 133 -7.20 4.39 22.11
CA TYR C 133 -6.76 3.06 21.72
C TYR C 133 -6.95 2.85 20.22
N VAL C 134 -6.15 1.93 19.69
CA VAL C 134 -6.24 1.48 18.30
C VAL C 134 -6.06 -0.04 18.29
N ALA C 135 -6.89 -0.73 17.51
CA ALA C 135 -6.82 -2.18 17.38
C ALA C 135 -6.48 -2.57 15.95
N CYS C 136 -5.98 -3.79 15.79
CA CYS C 136 -5.65 -4.34 14.48
C CYS C 136 -5.60 -5.85 14.58
N GLY C 137 -5.69 -6.49 13.42
CA GLY C 137 -5.61 -7.94 13.34
C GLY C 137 -5.42 -8.38 11.91
N GLY C 138 -5.28 -9.69 11.72
CA GLY C 138 -5.07 -10.22 10.40
C GLY C 138 -4.97 -11.74 10.30
N LEU C 139 -3.98 -12.22 9.54
CA LEU C 139 -3.84 -13.66 9.32
C LEU C 139 -3.56 -14.40 10.62
N ASP C 140 -2.74 -13.81 11.49
CA ASP C 140 -2.71 -14.27 12.87
C ASP C 140 -4.06 -14.02 13.51
N ASN C 141 -4.59 -15.04 14.18
CA ASN C 141 -5.98 -14.99 14.64
C ASN C 141 -6.11 -14.22 15.94
N ILE C 142 -5.54 -13.02 15.99
CA ILE C 142 -5.44 -12.23 17.22
C ILE C 142 -5.82 -10.79 16.92
N CYS C 143 -6.55 -10.18 17.85
CA CYS C 143 -6.81 -8.73 17.84
C CYS C 143 -5.95 -8.09 18.91
N SER C 144 -5.09 -7.17 18.51
CA SER C 144 -4.15 -6.49 19.41
C SER C 144 -4.59 -5.06 19.62
N ILE C 145 -4.67 -4.63 20.87
CA ILE C 145 -5.08 -3.28 21.24
C ILE C 145 -3.85 -2.53 21.71
N TYR C 146 -3.69 -1.30 21.23
CA TYR C 146 -2.54 -0.46 21.52
C TYR C 146 -2.98 0.77 22.29
N ASN C 147 -2.22 1.13 23.32
CA ASN C 147 -2.49 2.31 24.14
C ASN C 147 -1.78 3.51 23.54
N LEU C 148 -2.56 4.45 22.99
CA LEU C 148 -1.98 5.61 22.33
C LEU C 148 -1.45 6.64 23.32
N LYS C 149 -2.10 6.78 24.48
CA LYS C 149 -1.81 7.85 25.43
C LYS C 149 -1.26 7.24 26.71
N THR C 150 0.05 7.07 26.76
CA THR C 150 0.75 6.52 27.91
C THR C 150 1.63 7.59 28.55
N ARG C 151 1.98 7.36 29.82
CA ARG C 151 2.87 8.29 30.51
C ARG C 151 4.32 8.16 30.06
N GLU C 152 4.67 7.04 29.42
CA GLU C 152 6.03 6.83 28.95
C GLU C 152 6.30 7.48 27.60
N GLY C 153 5.27 7.95 26.91
CA GLY C 153 5.43 8.65 25.65
C GLY C 153 5.51 7.77 24.42
N ASN C 154 5.32 6.46 24.56
CA ASN C 154 5.34 5.54 23.43
C ASN C 154 4.00 4.83 23.33
N VAL C 155 3.76 4.23 22.17
CA VAL C 155 2.59 3.39 21.95
C VAL C 155 2.99 1.95 22.23
N ARG C 156 2.26 1.30 23.13
CA ARG C 156 2.55 -0.07 23.54
C ARG C 156 1.28 -0.90 23.43
N VAL C 157 1.46 -2.20 23.14
CA VAL C 157 0.34 -3.10 23.02
C VAL C 157 -0.28 -3.33 24.40
N SER C 158 -1.59 -3.20 24.48
CA SER C 158 -2.31 -3.28 25.75
C SER C 158 -2.92 -4.64 26.01
N ARG C 159 -3.42 -5.32 24.97
CA ARG C 159 -4.10 -6.59 25.13
C ARG C 159 -4.07 -7.33 23.81
N GLU C 160 -3.98 -8.65 23.89
CA GLU C 160 -4.08 -9.53 22.73
C GLU C 160 -5.23 -10.49 22.96
N LEU C 161 -6.21 -10.47 22.06
CA LEU C 161 -7.39 -11.32 22.14
C LEU C 161 -7.22 -12.50 21.21
N ALA C 162 -7.23 -13.72 21.76
CA ALA C 162 -6.71 -14.90 21.08
C ALA C 162 -7.70 -16.06 21.14
N GLY C 163 -8.95 -15.82 20.78
CA GLY C 163 -9.94 -16.88 20.79
C GLY C 163 -10.34 -17.41 19.42
N HIS C 164 -10.25 -16.57 18.39
CA HIS C 164 -10.67 -16.97 17.06
C HIS C 164 -9.73 -18.03 16.48
N THR C 165 -10.30 -18.92 15.67
CA THR C 165 -9.55 -19.97 14.99
C THR C 165 -9.38 -19.71 13.50
N GLY C 166 -9.60 -18.45 13.07
CA GLY C 166 -9.43 -18.06 11.69
C GLY C 166 -8.94 -16.63 11.62
N TYR C 167 -8.55 -16.22 10.41
CA TYR C 167 -8.02 -14.89 10.22
C TYR C 167 -9.05 -13.83 10.60
N LEU C 168 -8.57 -12.72 11.15
CA LEU C 168 -9.43 -11.67 11.66
C LEU C 168 -9.78 -10.71 10.52
N SER C 169 -11.07 -10.50 10.30
CA SER C 169 -11.54 -9.70 9.17
C SER C 169 -11.81 -8.25 9.54
N CYS C 170 -12.56 -8.00 10.60
CA CYS C 170 -12.96 -6.65 10.95
C CYS C 170 -12.96 -6.48 12.47
N CYS C 171 -12.76 -5.23 12.90
CA CYS C 171 -12.79 -4.86 14.31
C CYS C 171 -13.59 -3.57 14.46
N ARG C 172 -14.33 -3.44 15.54
CA ARG C 172 -15.08 -2.22 15.83
C ARG C 172 -15.17 -2.02 17.33
N PHE C 173 -14.73 -0.85 17.80
CA PHE C 173 -14.77 -0.54 19.22
C PHE C 173 -16.18 -0.17 19.65
N LEU C 174 -16.57 -0.66 20.84
CA LEU C 174 -17.79 -0.22 21.51
C LEU C 174 -17.49 0.84 22.57
N ASP C 175 -16.53 0.57 23.44
CA ASP C 175 -16.06 1.51 24.44
C ASP C 175 -14.55 1.35 24.52
N ASP C 176 -13.94 1.90 25.57
CA ASP C 176 -12.54 1.61 25.84
C ASP C 176 -12.32 0.17 26.32
N ASN C 177 -13.40 -0.55 26.65
CA ASN C 177 -13.29 -1.89 27.21
C ASN C 177 -14.13 -2.93 26.47
N GLN C 178 -14.68 -2.60 25.31
CA GLN C 178 -15.50 -3.54 24.56
C GLN C 178 -15.19 -3.40 23.07
N ILE C 179 -15.12 -4.54 22.39
CA ILE C 179 -14.81 -4.58 20.96
C ILE C 179 -15.51 -5.77 20.35
N VAL C 180 -15.94 -5.61 19.10
CA VAL C 180 -16.59 -6.69 18.33
C VAL C 180 -15.69 -7.02 17.16
N THR C 181 -15.45 -8.32 16.95
CA THR C 181 -14.60 -8.80 15.86
C THR C 181 -15.34 -9.81 15.01
N SER C 182 -14.98 -9.86 13.73
CA SER C 182 -15.41 -10.90 12.81
C SER C 182 -14.17 -11.58 12.27
N SER C 183 -14.27 -12.89 12.05
CA SER C 183 -13.07 -13.70 11.78
C SER C 183 -13.30 -14.61 10.59
N GLY C 184 -12.18 -15.18 10.11
CA GLY C 184 -12.25 -16.09 8.98
C GLY C 184 -13.08 -17.33 9.28
N ASP C 185 -12.93 -17.89 10.48
CA ASP C 185 -13.89 -18.88 10.92
C ASP C 185 -15.25 -18.21 11.10
N THR C 186 -16.31 -19.00 10.95
CA THR C 186 -17.63 -18.45 10.67
C THR C 186 -18.18 -17.59 11.81
N THR C 187 -17.60 -17.65 12.99
CA THR C 187 -18.14 -16.96 14.16
C THR C 187 -17.74 -15.48 14.20
N CYS C 188 -18.48 -14.72 15.01
CA CYS C 188 -18.16 -13.37 15.42
C CYS C 188 -18.18 -13.33 16.95
N ALA C 189 -17.39 -12.45 17.54
CA ALA C 189 -17.24 -12.44 18.99
C ALA C 189 -17.27 -11.02 19.55
N LEU C 190 -17.71 -10.92 20.80
CA LEU C 190 -17.66 -9.70 21.59
C LEU C 190 -16.73 -9.94 22.77
N TRP C 191 -15.80 -9.01 23.00
CA TRP C 191 -14.71 -9.22 23.93
C TRP C 191 -14.77 -8.22 25.08
N ASP C 192 -14.21 -8.63 26.22
CA ASP C 192 -13.93 -7.76 27.35
C ASP C 192 -12.42 -7.54 27.37
N ILE C 193 -11.99 -6.30 27.13
CA ILE C 193 -10.58 -6.03 26.93
C ILE C 193 -9.79 -6.21 28.22
N GLU C 194 -10.36 -5.79 29.35
CA GLU C 194 -9.64 -5.88 30.61
C GLU C 194 -9.35 -7.32 31.00
N THR C 195 -10.30 -8.22 30.79
CA THR C 195 -10.11 -9.63 31.11
C THR C 195 -9.63 -10.44 29.92
N GLY C 196 -9.89 -9.99 28.70
CA GLY C 196 -9.43 -10.71 27.53
C GLY C 196 -10.24 -11.93 27.17
N GLN C 197 -11.51 -11.97 27.55
CA GLN C 197 -12.36 -13.12 27.34
C GLN C 197 -13.53 -12.77 26.42
N GLN C 198 -13.99 -13.78 25.68
CA GLN C 198 -15.16 -13.63 24.81
C GLN C 198 -16.42 -13.54 25.67
N THR C 199 -17.00 -12.35 25.74
CA THR C 199 -18.27 -12.20 26.45
C THR C 199 -19.40 -12.89 25.70
N THR C 200 -19.45 -12.74 24.38
CA THR C 200 -20.48 -13.33 23.55
C THR C 200 -19.87 -13.84 22.27
N THR C 201 -20.52 -14.84 21.68
CA THR C 201 -20.12 -15.39 20.39
C THR C 201 -21.35 -15.48 19.48
N PHE C 202 -21.18 -15.11 18.22
CA PHE C 202 -22.25 -15.12 17.24
C PHE C 202 -21.92 -16.16 16.18
N THR C 203 -22.79 -17.17 16.05
CA THR C 203 -22.48 -18.43 15.37
C THR C 203 -23.54 -18.77 14.33
N GLY C 204 -23.89 -17.82 13.47
CA GLY C 204 -24.92 -18.08 12.48
C GLY C 204 -24.42 -18.38 11.08
N HIS C 205 -23.36 -17.71 10.64
CA HIS C 205 -22.91 -17.80 9.26
C HIS C 205 -22.28 -19.16 8.98
N THR C 206 -22.14 -19.46 7.68
CA THR C 206 -21.51 -20.70 7.22
C THR C 206 -20.30 -20.44 6.33
N GLY C 207 -19.80 -19.21 6.29
CA GLY C 207 -18.61 -18.89 5.55
C GLY C 207 -17.80 -17.86 6.30
N ASP C 208 -16.68 -17.44 5.69
CA ASP C 208 -15.87 -16.40 6.30
C ASP C 208 -16.65 -15.10 6.40
N VAL C 209 -16.75 -14.55 7.60
CA VAL C 209 -17.34 -13.24 7.78
C VAL C 209 -16.32 -12.19 7.35
N MET C 210 -16.71 -11.34 6.41
CA MET C 210 -15.78 -10.45 5.75
C MET C 210 -15.86 -9.00 6.21
N SER C 211 -17.03 -8.54 6.64
CA SER C 211 -17.20 -7.16 7.06
C SER C 211 -18.09 -7.12 8.29
N LEU C 212 -18.25 -5.92 8.83
CA LEU C 212 -18.95 -5.69 10.10
C LEU C 212 -19.22 -4.21 10.28
N SER C 213 -20.47 -3.86 10.62
CA SER C 213 -20.85 -2.46 10.79
C SER C 213 -21.61 -2.31 12.09
N LEU C 214 -21.22 -1.32 12.89
CA LEU C 214 -21.88 -1.01 14.15
C LEU C 214 -23.02 -0.02 13.92
N ALA C 215 -24.12 -0.23 14.64
CA ALA C 215 -25.25 0.67 14.55
C ALA C 215 -24.97 1.97 15.31
N PRO C 216 -25.66 3.06 14.95
CA PRO C 216 -25.44 4.32 15.68
C PRO C 216 -25.70 4.22 17.18
N ASP C 217 -26.73 3.49 17.59
CA ASP C 217 -27.00 3.29 19.01
C ASP C 217 -26.11 2.23 19.63
N THR C 218 -25.42 1.44 18.81
CA THR C 218 -24.49 0.40 19.27
C THR C 218 -25.21 -0.68 20.07
N ARG C 219 -26.51 -0.85 19.82
CA ARG C 219 -27.25 -1.98 20.38
C ARG C 219 -27.35 -3.15 19.42
N LEU C 220 -27.07 -2.93 18.13
CA LEU C 220 -27.14 -3.95 17.10
C LEU C 220 -25.92 -3.81 16.20
N PHE C 221 -25.67 -4.84 15.39
CA PHE C 221 -24.67 -4.74 14.34
C PHE C 221 -24.97 -5.77 13.27
N VAL C 222 -24.44 -5.52 12.07
CA VAL C 222 -24.65 -6.38 10.92
C VAL C 222 -23.31 -6.90 10.45
N SER C 223 -23.35 -8.04 9.76
CA SER C 223 -22.15 -8.66 9.21
C SER C 223 -22.47 -9.24 7.84
N GLY C 224 -21.46 -9.30 6.99
CA GLY C 224 -21.57 -9.95 5.70
C GLY C 224 -20.50 -11.01 5.54
N ALA C 225 -20.90 -12.23 5.18
CA ALA C 225 -19.98 -13.35 5.14
C ALA C 225 -19.81 -13.84 3.70
N CYS C 226 -19.04 -14.91 3.55
CA CYS C 226 -18.72 -15.45 2.24
C CYS C 226 -19.84 -16.25 1.62
N ASP C 227 -20.90 -16.56 2.37
CA ASP C 227 -22.15 -16.92 1.73
C ASP C 227 -22.83 -15.64 1.24
N ALA C 228 -23.96 -15.77 0.56
CA ALA C 228 -24.62 -14.63 -0.03
C ALA C 228 -25.58 -13.93 0.92
N SER C 229 -25.38 -14.08 2.23
CA SER C 229 -26.33 -13.59 3.23
C SER C 229 -25.66 -12.63 4.20
N ALA C 230 -26.49 -11.81 4.84
CA ALA C 230 -26.07 -10.91 5.90
C ALA C 230 -27.04 -11.08 7.07
N LYS C 231 -26.53 -10.88 8.29
CA LYS C 231 -27.29 -11.16 9.50
C LYS C 231 -27.26 -9.96 10.42
N LEU C 232 -28.38 -9.74 11.12
CA LEU C 232 -28.51 -8.67 12.10
C LEU C 232 -28.45 -9.28 13.50
N TRP C 233 -27.46 -8.86 14.28
CA TRP C 233 -27.22 -9.42 15.59
C TRP C 233 -27.62 -8.44 16.68
N ASP C 234 -28.00 -8.98 17.84
CA ASP C 234 -28.24 -8.21 19.04
C ASP C 234 -27.01 -8.34 19.94
N VAL C 235 -26.38 -7.21 20.26
CA VAL C 235 -25.11 -7.25 20.97
C VAL C 235 -25.29 -7.82 22.38
N ARG C 236 -26.34 -7.39 23.07
CA ARG C 236 -26.52 -7.79 24.46
C ARG C 236 -27.15 -9.18 24.57
N GLU C 237 -28.15 -9.47 23.75
CA GLU C 237 -28.74 -10.81 23.75
C GLU C 237 -27.82 -11.82 23.09
N GLY C 238 -26.95 -11.37 22.19
CA GLY C 238 -26.01 -12.25 21.54
C GLY C 238 -26.60 -13.28 20.59
N MET C 239 -27.59 -12.88 19.79
CA MET C 239 -28.28 -13.80 18.90
C MET C 239 -28.70 -13.06 17.64
N CYS C 240 -28.92 -13.83 16.58
CA CYS C 240 -29.29 -13.27 15.29
C CYS C 240 -30.77 -12.91 15.25
N ARG C 241 -31.08 -11.75 14.68
CA ARG C 241 -32.46 -11.27 14.56
C ARG C 241 -33.03 -11.49 13.16
N GLN C 242 -32.30 -11.12 12.11
CA GLN C 242 -32.79 -11.23 10.74
C GLN C 242 -31.67 -11.68 9.82
N THR C 243 -32.07 -12.28 8.70
CA THR C 243 -31.17 -12.62 7.61
C THR C 243 -31.75 -12.05 6.31
N PHE C 244 -30.87 -11.63 5.41
CA PHE C 244 -31.31 -10.84 4.27
C PHE C 244 -31.07 -11.49 2.92
N THR C 245 -29.97 -12.23 2.75
CA THR C 245 -29.73 -13.15 1.64
C THR C 245 -30.20 -12.65 0.27
N GLY C 246 -29.61 -11.57 -0.23
CA GLY C 246 -30.00 -11.04 -1.52
C GLY C 246 -28.96 -11.13 -2.62
N HIS C 247 -27.68 -11.11 -2.26
CA HIS C 247 -26.62 -11.08 -3.26
C HIS C 247 -26.46 -12.44 -3.94
N GLU C 248 -25.49 -12.51 -4.85
CA GLU C 248 -25.19 -13.74 -5.57
C GLU C 248 -23.83 -14.32 -5.25
N SER C 249 -22.93 -13.55 -4.65
CA SER C 249 -21.57 -14.01 -4.37
C SER C 249 -21.17 -13.50 -3.00
N ASP C 250 -19.87 -13.59 -2.71
CA ASP C 250 -19.36 -13.24 -1.39
C ASP C 250 -19.52 -11.76 -1.12
N ILE C 251 -19.96 -11.42 0.09
CA ILE C 251 -20.15 -10.03 0.50
C ILE C 251 -18.86 -9.54 1.14
N ASN C 252 -18.32 -8.44 0.60
CA ASN C 252 -17.03 -7.93 1.05
C ASN C 252 -17.13 -6.68 1.91
N ALA C 253 -18.20 -5.90 1.78
CA ALA C 253 -18.34 -4.65 2.51
C ALA C 253 -19.78 -4.50 3.00
N ILE C 254 -19.94 -3.76 4.10
CA ILE C 254 -21.25 -3.47 4.65
C ILE C 254 -21.18 -2.15 5.39
N CYS C 255 -22.28 -1.39 5.36
CA CYS C 255 -22.34 -0.10 6.00
C CYS C 255 -23.78 0.22 6.36
N PHE C 256 -23.95 1.06 7.38
CA PHE C 256 -25.26 1.44 7.90
C PHE C 256 -25.73 2.76 7.29
N PHE C 257 -27.02 2.83 7.01
CA PHE C 257 -27.64 4.11 6.73
C PHE C 257 -27.55 4.99 7.97
N PRO C 258 -27.33 6.30 7.82
CA PRO C 258 -27.20 7.15 9.01
C PRO C 258 -28.43 7.13 9.91
N ASN C 259 -29.61 6.86 9.36
CA ASN C 259 -30.80 6.70 10.18
C ASN C 259 -30.69 5.49 11.10
N GLY C 260 -29.94 4.47 10.70
CA GLY C 260 -29.87 3.23 11.43
C GLY C 260 -30.96 2.23 11.12
N ASN C 261 -31.83 2.54 10.15
CA ASN C 261 -32.93 1.66 9.77
C ASN C 261 -32.71 0.99 8.42
N ALA C 262 -31.49 1.05 7.89
CA ALA C 262 -31.17 0.43 6.62
C ALA C 262 -29.66 0.26 6.55
N PHE C 263 -29.23 -0.55 5.58
CA PHE C 263 -27.81 -0.76 5.38
C PHE C 263 -27.59 -1.19 3.93
N ALA C 264 -26.34 -1.07 3.48
CA ALA C 264 -25.95 -1.42 2.13
C ALA C 264 -24.78 -2.38 2.15
N THR C 265 -24.67 -3.17 1.08
CA THR C 265 -23.66 -4.21 0.98
C THR C 265 -22.98 -4.14 -0.37
N GLY C 266 -21.75 -4.63 -0.41
CA GLY C 266 -21.03 -4.81 -1.67
C GLY C 266 -20.53 -6.23 -1.75
N SER C 267 -20.57 -6.78 -2.96
CA SER C 267 -20.35 -8.21 -3.14
C SER C 267 -19.43 -8.46 -4.32
N ASP C 268 -19.02 -9.72 -4.47
CA ASP C 268 -18.12 -10.09 -5.56
C ASP C 268 -18.78 -9.90 -6.91
N ASP C 269 -20.09 -10.17 -7.00
CA ASP C 269 -20.81 -9.77 -8.19
C ASP C 269 -20.85 -8.24 -8.26
N ALA C 270 -21.06 -7.70 -9.46
CA ALA C 270 -20.87 -6.27 -9.67
C ALA C 270 -21.88 -5.40 -8.94
N THR C 271 -22.95 -5.97 -8.39
CA THR C 271 -24.02 -5.17 -7.81
C THR C 271 -23.72 -4.77 -6.36
N CYS C 272 -24.28 -3.63 -5.96
CA CYS C 272 -24.41 -3.22 -4.58
C CYS C 272 -25.90 -3.11 -4.29
N ARG C 273 -26.31 -3.49 -3.08
CA ARG C 273 -27.71 -3.54 -2.74
C ARG C 273 -27.98 -2.86 -1.40
N LEU C 274 -29.18 -2.30 -1.28
CA LEU C 274 -29.64 -1.63 -0.07
C LEU C 274 -30.74 -2.46 0.55
N PHE C 275 -30.58 -2.79 1.83
CA PHE C 275 -31.53 -3.62 2.55
C PHE C 275 -32.21 -2.80 3.64
N ASP C 276 -33.38 -3.27 4.06
CA ASP C 276 -34.23 -2.56 4.99
C ASP C 276 -34.48 -3.41 6.23
N LEU C 277 -34.22 -2.83 7.40
CA LEU C 277 -34.43 -3.56 8.65
C LEU C 277 -35.92 -3.74 8.95
N ARG C 278 -36.70 -2.68 8.82
CA ARG C 278 -38.09 -2.72 9.24
C ARG C 278 -38.96 -3.51 8.26
N ALA C 279 -38.75 -3.35 6.96
CA ALA C 279 -39.52 -4.10 5.98
C ALA C 279 -38.92 -5.46 5.66
N ASP C 280 -37.71 -5.75 6.17
CA ASP C 280 -37.10 -7.07 6.05
C ASP C 280 -36.92 -7.49 4.59
N GLN C 281 -36.53 -6.54 3.74
CA GLN C 281 -36.46 -6.80 2.31
C GLN C 281 -35.24 -6.08 1.73
N GLU C 282 -35.14 -6.12 0.41
CA GLU C 282 -34.10 -5.44 -0.34
C GLU C 282 -34.74 -4.29 -1.12
N LEU C 283 -34.13 -3.11 -1.04
CA LEU C 283 -34.76 -1.90 -1.54
C LEU C 283 -34.36 -1.56 -2.97
N MET C 284 -33.06 -1.60 -3.32
CA MET C 284 -32.65 -1.27 -4.67
C MET C 284 -31.24 -1.78 -4.91
N THR C 285 -30.91 -1.99 -6.19
CA THR C 285 -29.62 -2.50 -6.62
C THR C 285 -28.86 -1.41 -7.37
N TYR C 286 -27.54 -1.40 -7.20
CA TYR C 286 -26.67 -0.40 -7.81
C TYR C 286 -25.68 -1.13 -8.73
N SER C 287 -26.10 -1.34 -9.98
CA SER C 287 -25.30 -2.08 -10.94
C SER C 287 -25.36 -1.42 -12.31
N HIS C 288 -24.33 -1.67 -13.10
CA HIS C 288 -24.29 -1.22 -14.49
C HIS C 288 -23.64 -2.31 -15.35
N ASP C 289 -23.93 -2.27 -16.64
CA ASP C 289 -23.43 -3.28 -17.55
C ASP C 289 -21.92 -3.19 -17.74
N ASN C 290 -21.36 -1.99 -17.69
CA ASN C 290 -19.92 -1.82 -17.87
C ASN C 290 -19.11 -2.25 -16.65
N ILE C 291 -19.76 -2.46 -15.50
CA ILE C 291 -19.08 -2.87 -14.29
C ILE C 291 -19.15 -4.38 -14.18
N ILE C 292 -17.99 -5.04 -14.24
CA ILE C 292 -17.92 -6.49 -14.15
C ILE C 292 -16.88 -6.88 -13.10
N CYS C 293 -16.59 -5.97 -12.17
CA CYS C 293 -15.65 -6.22 -11.10
C CYS C 293 -16.37 -6.19 -9.76
N GLY C 294 -15.67 -6.64 -8.72
CA GLY C 294 -16.24 -6.72 -7.39
C GLY C 294 -16.04 -5.45 -6.58
N ILE C 295 -16.96 -5.24 -5.65
CA ILE C 295 -16.94 -4.05 -4.79
C ILE C 295 -16.21 -4.40 -3.50
N THR C 296 -15.16 -3.65 -3.20
CA THR C 296 -14.33 -3.90 -2.03
C THR C 296 -14.74 -3.07 -0.82
N SER C 297 -15.32 -1.89 -1.02
CA SER C 297 -15.65 -0.99 0.06
C SER C 297 -17.00 -0.35 -0.20
N VAL C 298 -17.66 0.08 0.88
CA VAL C 298 -18.98 0.71 0.81
C VAL C 298 -19.07 1.72 1.96
N SER C 299 -19.58 2.91 1.65
CA SER C 299 -19.79 3.93 2.66
C SER C 299 -20.91 4.86 2.21
N PHE C 300 -21.52 5.53 3.19
CA PHE C 300 -22.64 6.43 2.96
C PHE C 300 -22.21 7.87 3.21
N SER C 301 -23.01 8.80 2.71
CA SER C 301 -22.83 10.22 2.98
C SER C 301 -23.51 10.59 4.29
N LYS C 302 -23.17 11.77 4.82
CA LYS C 302 -23.74 12.19 6.09
C LYS C 302 -25.25 12.35 5.99
N SER C 303 -25.73 12.91 4.89
CA SER C 303 -27.18 13.00 4.66
C SER C 303 -27.78 11.68 4.23
N GLY C 304 -26.96 10.74 3.74
CA GLY C 304 -27.43 9.45 3.29
C GLY C 304 -27.87 9.38 1.84
N ARG C 305 -27.80 10.48 1.10
CA ARG C 305 -28.23 10.47 -0.30
C ARG C 305 -27.13 10.03 -1.25
N LEU C 306 -25.88 9.95 -0.81
CA LEU C 306 -24.77 9.52 -1.65
C LEU C 306 -24.20 8.23 -1.11
N LEU C 307 -24.02 7.25 -1.99
CA LEU C 307 -23.40 5.98 -1.66
C LEU C 307 -22.09 5.87 -2.43
N LEU C 308 -21.00 5.66 -1.70
CA LEU C 308 -19.67 5.57 -2.30
C LEU C 308 -19.17 4.14 -2.18
N ALA C 309 -18.71 3.57 -3.29
CA ALA C 309 -18.27 2.19 -3.33
C ALA C 309 -16.94 2.10 -4.07
N GLY C 310 -15.99 1.37 -3.49
CA GLY C 310 -14.73 1.09 -4.15
C GLY C 310 -14.79 -0.22 -4.91
N TYR C 311 -13.99 -0.32 -5.97
CA TYR C 311 -14.10 -1.43 -6.92
C TYR C 311 -12.74 -2.07 -7.15
N ASP C 312 -12.79 -3.28 -7.71
CA ASP C 312 -11.56 -3.93 -8.16
C ASP C 312 -10.91 -3.14 -9.28
N ASP C 313 -11.72 -2.57 -10.18
CA ASP C 313 -11.24 -1.51 -11.04
C ASP C 313 -10.66 -0.40 -10.19
N PHE C 314 -9.68 0.28 -10.73
CA PHE C 314 -8.94 1.18 -9.85
C PHE C 314 -9.71 2.45 -9.48
N ASN C 315 -11.01 2.53 -9.77
CA ASN C 315 -11.81 3.72 -9.54
C ASN C 315 -12.82 3.49 -8.42
N CYS C 316 -13.45 4.58 -8.02
CA CYS C 316 -14.53 4.57 -7.03
C CYS C 316 -15.71 5.32 -7.61
N ASN C 317 -16.90 4.73 -7.51
CA ASN C 317 -18.11 5.30 -8.09
C ASN C 317 -19.00 5.86 -6.98
N VAL C 318 -19.45 7.08 -7.18
CA VAL C 318 -20.45 7.70 -6.31
C VAL C 318 -21.83 7.39 -6.88
N TRP C 319 -22.74 6.98 -6.02
CA TRP C 319 -24.08 6.60 -6.42
C TRP C 319 -25.10 7.49 -5.75
N ASP C 320 -26.25 7.64 -6.38
CA ASP C 320 -27.38 8.34 -5.81
C ASP C 320 -28.26 7.31 -5.10
N ALA C 321 -28.37 7.44 -3.77
CA ALA C 321 -29.04 6.39 -3.00
C ALA C 321 -30.52 6.28 -3.37
N LEU C 322 -31.21 7.41 -3.50
CA LEU C 322 -32.65 7.36 -3.70
C LEU C 322 -33.02 6.88 -5.10
N LYS C 323 -32.28 7.30 -6.12
CA LYS C 323 -32.47 6.84 -7.48
C LYS C 323 -31.16 6.24 -7.96
N ALA C 324 -31.21 5.00 -8.46
CA ALA C 324 -29.98 4.27 -8.74
C ALA C 324 -29.30 4.89 -9.95
N ASP C 325 -28.40 5.85 -9.70
CA ASP C 325 -27.70 6.58 -10.73
C ASP C 325 -26.27 6.83 -10.27
N ARG C 326 -25.35 6.89 -11.22
CA ARG C 326 -23.95 7.16 -10.90
C ARG C 326 -23.71 8.65 -11.03
N ALA C 327 -23.65 9.35 -9.90
CA ALA C 327 -23.48 10.80 -9.91
C ALA C 327 -22.08 11.21 -10.32
N GLY C 328 -21.07 10.47 -9.85
CA GLY C 328 -19.69 10.86 -10.13
C GLY C 328 -18.76 9.67 -10.00
N VAL C 329 -17.50 9.91 -10.32
CA VAL C 329 -16.47 8.88 -10.31
C VAL C 329 -15.22 9.45 -9.63
N LEU C 330 -14.58 8.63 -8.79
CA LEU C 330 -13.30 8.95 -8.18
C LEU C 330 -12.25 8.10 -8.87
N ALA C 331 -11.36 8.75 -9.64
CA ALA C 331 -10.47 8.06 -10.56
C ALA C 331 -9.02 8.46 -10.32
N GLY C 332 -8.59 8.41 -9.06
CA GLY C 332 -7.24 8.80 -8.72
C GLY C 332 -6.25 7.67 -8.57
N HIS C 333 -6.67 6.57 -7.97
CA HIS C 333 -5.78 5.46 -7.67
C HIS C 333 -5.47 4.65 -8.93
N ASP C 334 -4.29 4.04 -8.94
CA ASP C 334 -3.85 3.21 -10.05
C ASP C 334 -3.68 1.75 -9.65
N ASN C 335 -4.40 1.33 -8.60
CA ASN C 335 -4.45 -0.07 -8.21
C ASN C 335 -5.79 -0.31 -7.53
N ARG C 336 -6.00 -1.56 -7.09
CA ARG C 336 -7.28 -1.95 -6.52
C ARG C 336 -7.60 -1.13 -5.29
N VAL C 337 -8.81 -0.58 -5.24
CA VAL C 337 -9.26 0.20 -4.08
C VAL C 337 -9.71 -0.78 -3.00
N SER C 338 -9.09 -0.67 -1.82
CA SER C 338 -9.31 -1.64 -0.76
C SER C 338 -10.12 -1.10 0.41
N CYS C 339 -10.05 0.20 0.70
CA CYS C 339 -10.72 0.78 1.86
C CYS C 339 -11.28 2.14 1.50
N LEU C 340 -12.23 2.59 2.32
CA LEU C 340 -13.00 3.80 2.02
C LEU C 340 -13.75 4.26 3.26
N GLY C 341 -13.75 5.55 3.55
CA GLY C 341 -14.41 6.06 4.73
C GLY C 341 -14.77 7.52 4.59
N VAL C 342 -15.84 7.92 5.28
CA VAL C 342 -16.34 9.29 5.28
C VAL C 342 -16.30 9.82 6.71
N THR C 343 -15.89 11.07 6.87
CA THR C 343 -15.74 11.66 8.19
C THR C 343 -17.10 11.81 8.86
N ASP C 344 -17.07 12.01 10.19
CA ASP C 344 -18.30 12.12 10.95
C ASP C 344 -19.08 13.38 10.61
N ASP C 345 -18.39 14.47 10.26
CA ASP C 345 -19.07 15.68 9.83
C ASP C 345 -19.43 15.68 8.35
N GLY C 346 -19.03 14.65 7.62
CA GLY C 346 -19.29 14.59 6.19
C GLY C 346 -18.43 15.50 5.36
N MET C 347 -17.29 15.96 5.90
CA MET C 347 -16.48 16.94 5.18
C MET C 347 -15.74 16.32 4.01
N ALA C 348 -15.16 15.14 4.20
CA ALA C 348 -14.27 14.56 3.21
C ALA C 348 -14.44 13.05 3.16
N VAL C 349 -13.88 12.45 2.11
CA VAL C 349 -13.82 11.01 1.92
C VAL C 349 -12.36 10.62 1.76
N ALA C 350 -11.94 9.57 2.46
CA ALA C 350 -10.59 9.04 2.33
C ALA C 350 -10.66 7.68 1.63
N THR C 351 -9.75 7.48 0.68
CA THR C 351 -9.72 6.29 -0.15
C THR C 351 -8.34 5.67 -0.08
N GLY C 352 -8.27 4.41 0.31
CA GLY C 352 -7.02 3.67 0.28
C GLY C 352 -7.01 2.68 -0.86
N SER C 353 -5.83 2.21 -1.25
CA SER C 353 -5.73 1.31 -2.39
C SER C 353 -4.43 0.53 -2.30
N TRP C 354 -4.29 -0.44 -3.20
CA TRP C 354 -3.18 -1.40 -3.15
C TRP C 354 -1.87 -0.81 -3.65
N ASP C 355 -1.85 0.43 -4.13
CA ASP C 355 -0.61 1.10 -4.50
C ASP C 355 0.03 1.84 -3.33
N SER C 356 -0.50 1.66 -2.11
CA SER C 356 0.10 2.19 -0.88
C SER C 356 -0.03 3.71 -0.79
N PHE C 357 -1.16 4.24 -1.25
CA PHE C 357 -1.43 5.67 -1.16
C PHE C 357 -2.85 5.89 -0.65
N LEU C 358 -3.01 6.95 0.14
CA LEU C 358 -4.29 7.39 0.66
C LEU C 358 -4.62 8.75 0.07
N LYS C 359 -5.88 8.95 -0.31
CA LYS C 359 -6.31 10.20 -0.92
C LYS C 359 -7.53 10.73 -0.19
N ILE C 360 -7.54 12.03 0.07
CA ILE C 360 -8.67 12.71 0.69
C ILE C 360 -9.37 13.54 -0.40
N TRP C 361 -10.66 13.30 -0.56
CA TRP C 361 -11.46 13.92 -1.62
C TRP C 361 -12.47 14.88 -1.02
N ASN C 362 -12.72 15.98 -1.74
CA ASN C 362 -13.66 16.99 -1.28
C ASN C 362 -14.35 17.59 -2.49
N GLY C 363 -15.48 18.25 -2.23
CA GLY C 363 -16.27 18.85 -3.29
C GLY C 363 -15.68 20.15 -3.79
N SER C 364 -16.54 20.96 -4.37
CA SER C 364 -16.13 22.24 -4.93
C SER C 364 -16.64 23.41 -4.09
N VAL D 2 7.88 7.92 35.56
CA VAL D 2 8.63 9.05 35.00
C VAL D 2 9.43 9.71 36.09
N GLN D 3 10.70 10.01 35.80
CA GLN D 3 11.59 10.61 36.78
C GLN D 3 12.70 11.36 36.07
N LEU D 4 12.93 12.60 36.46
CA LEU D 4 14.05 13.41 35.99
C LEU D 4 14.85 13.87 37.20
N VAL D 5 16.13 13.56 37.21
CA VAL D 5 17.02 13.90 38.32
C VAL D 5 18.16 14.75 37.79
N GLU D 6 18.36 15.92 38.39
CA GLU D 6 19.40 16.84 37.97
C GLU D 6 20.61 16.73 38.88
N SER D 7 21.80 16.88 38.29
CA SER D 7 23.05 16.82 39.03
C SER D 7 23.90 18.03 38.66
N GLY D 8 24.81 18.38 39.56
CA GLY D 8 25.63 19.56 39.41
C GLY D 8 25.04 20.76 40.13
N GLY D 9 25.86 21.79 40.27
CA GLY D 9 25.41 22.99 40.96
C GLY D 9 26.08 23.12 42.32
N GLY D 10 26.39 24.35 42.70
CA GLY D 10 27.06 24.60 43.95
C GLY D 10 27.77 25.95 43.91
N LEU D 11 28.71 26.10 44.83
CA LEU D 11 29.48 27.34 44.90
C LEU D 11 30.47 27.41 43.74
N VAL D 12 30.29 28.40 42.87
CA VAL D 12 31.12 28.58 41.70
C VAL D 12 31.55 30.05 41.63
N GLN D 13 32.79 30.27 41.22
CA GLN D 13 33.33 31.62 41.12
C GLN D 13 32.64 32.38 39.99
N PRO D 14 32.69 33.71 40.02
CA PRO D 14 32.00 34.50 38.99
C PRO D 14 32.71 34.49 37.63
N GLY D 15 33.66 33.57 37.45
CA GLY D 15 34.30 33.42 36.16
C GLY D 15 34.42 31.97 35.74
N GLY D 16 34.03 31.05 36.62
CA GLY D 16 34.21 29.64 36.37
C GLY D 16 33.19 29.05 35.41
N SER D 17 33.35 27.76 35.14
CA SER D 17 32.49 27.01 34.25
C SER D 17 31.89 25.82 35.00
N ARG D 18 30.62 25.54 34.73
CA ARG D 18 29.93 24.42 35.36
C ARG D 18 29.15 23.64 34.30
N LYS D 19 28.91 22.37 34.59
CA LYS D 19 28.15 21.49 33.70
C LYS D 19 27.03 20.85 34.50
N LEU D 20 25.80 21.02 34.04
CA LEU D 20 24.64 20.43 34.70
C LEU D 20 24.18 19.22 33.91
N SER D 21 23.72 18.19 34.62
CA SER D 21 23.28 16.95 34.03
C SER D 21 21.86 16.65 34.48
N CYS D 22 21.10 15.98 33.61
CA CYS D 22 19.70 15.65 33.89
C CYS D 22 19.48 14.20 33.46
N SER D 23 19.44 13.30 34.44
CA SER D 23 19.29 11.87 34.19
C SER D 23 17.81 11.50 34.16
N ALA D 24 17.38 10.88 33.08
CA ALA D 24 15.98 10.59 32.85
C ALA D 24 15.73 9.08 32.86
N SER D 25 14.61 8.68 33.44
CA SER D 25 14.19 7.29 33.46
C SER D 25 12.68 7.22 33.53
N GLY D 26 12.13 6.10 33.10
CA GLY D 26 10.70 5.88 33.16
C GLY D 26 9.91 6.31 31.94
N PHE D 27 10.56 6.85 30.92
CA PHE D 27 9.87 7.27 29.72
C PHE D 27 10.82 7.22 28.54
N ALA D 28 10.25 7.29 27.33
CA ALA D 28 11.04 7.28 26.11
C ALA D 28 11.75 8.61 25.90
N PHE D 29 13.00 8.69 26.37
CA PHE D 29 13.71 9.96 26.39
C PHE D 29 13.97 10.49 24.98
N SER D 30 14.28 9.59 24.04
CA SER D 30 14.69 10.02 22.70
C SER D 30 13.58 10.70 21.93
N SER D 31 12.32 10.51 22.32
CA SER D 31 11.18 11.05 21.59
C SER D 31 10.60 12.30 22.24
N PHE D 32 11.31 12.88 23.20
CA PHE D 32 10.85 14.08 23.90
C PHE D 32 11.83 15.22 23.68
N GLY D 33 11.30 16.42 23.47
CA GLY D 33 12.12 17.61 23.55
C GLY D 33 12.31 18.05 24.98
N MET D 34 13.47 18.63 25.26
CA MET D 34 13.87 18.95 26.63
C MET D 34 14.16 20.44 26.76
N HIS D 35 13.71 21.02 27.86
CA HIS D 35 13.91 22.43 28.16
C HIS D 35 14.67 22.59 29.47
N TRP D 36 15.41 23.69 29.59
CA TRP D 36 15.99 24.11 30.85
C TRP D 36 15.29 25.38 31.30
N VAL D 37 14.78 25.38 32.53
CA VAL D 37 14.09 26.52 33.11
C VAL D 37 14.72 26.80 34.47
N ARG D 38 15.04 28.05 34.73
CA ARG D 38 15.65 28.45 35.99
C ARG D 38 14.76 29.43 36.72
N GLN D 39 14.82 29.38 38.05
CA GLN D 39 14.07 30.27 38.91
C GLN D 39 15.03 30.90 39.91
N ALA D 40 15.17 32.22 39.83
CA ALA D 40 16.05 32.92 40.75
C ALA D 40 15.49 32.84 42.17
N PRO D 41 16.34 32.95 43.19
CA PRO D 41 15.84 32.88 44.57
C PRO D 41 14.81 33.97 44.84
N GLU D 42 13.63 33.52 45.29
CA GLU D 42 12.50 34.41 45.57
C GLU D 42 12.09 35.22 44.34
N LYS D 43 12.12 34.58 43.18
CA LYS D 43 11.70 35.21 41.92
C LYS D 43 10.99 34.16 41.06
N GLY D 44 10.53 34.59 39.89
CA GLY D 44 9.75 33.74 39.01
C GLY D 44 10.61 32.93 38.06
N LEU D 45 9.92 32.09 37.27
CA LEU D 45 10.59 31.20 36.34
C LEU D 45 11.16 31.99 35.16
N GLU D 46 12.10 31.35 34.46
CA GLU D 46 12.73 31.97 33.29
C GLU D 46 13.29 30.87 32.39
N TRP D 47 12.75 30.80 31.17
CA TRP D 47 13.19 29.81 30.20
C TRP D 47 14.64 30.05 29.79
N VAL D 48 15.37 28.96 29.51
CA VAL D 48 16.78 29.07 29.19
C VAL D 48 17.10 28.52 27.80
N ALA D 49 16.81 27.23 27.57
CA ALA D 49 17.23 26.60 26.33
C ALA D 49 16.25 25.50 25.95
N TYR D 50 16.36 25.03 24.71
CA TYR D 50 15.48 23.99 24.18
C TYR D 50 16.24 23.16 23.16
N ILE D 51 16.18 21.83 23.29
CA ILE D 51 16.71 20.91 22.29
C ILE D 51 15.60 19.94 21.91
N SER D 52 15.40 19.76 20.60
CA SER D 52 14.26 19.01 20.11
C SER D 52 14.48 17.50 20.28
N SER D 53 13.45 16.73 19.92
CA SER D 53 13.51 15.27 20.06
C SER D 53 14.70 14.71 19.29
N GLY D 54 14.83 15.06 18.02
CA GLY D 54 16.12 15.00 17.37
C GLY D 54 16.91 16.27 17.61
N SER D 55 18.23 16.17 17.55
CA SER D 55 19.07 17.29 17.97
C SER D 55 19.16 18.39 16.92
N GLY D 56 18.24 18.41 15.95
CA GLY D 56 18.33 19.40 14.88
C GLY D 56 18.09 20.82 15.34
N THR D 57 17.09 21.02 16.19
CA THR D 57 16.63 22.36 16.57
C THR D 57 17.10 22.69 17.99
N ILE D 58 17.79 23.81 18.14
CA ILE D 58 18.28 24.29 19.42
C ILE D 58 17.95 25.76 19.54
N TYR D 59 17.44 26.17 20.70
CA TYR D 59 17.09 27.56 20.97
C TYR D 59 17.72 28.00 22.28
N TYR D 60 17.94 29.31 22.42
CA TYR D 60 18.53 29.87 23.62
C TYR D 60 17.84 31.19 23.96
N ALA D 61 17.79 31.49 25.26
CA ALA D 61 17.38 32.81 25.68
C ALA D 61 18.44 33.84 25.30
N ASP D 62 18.00 35.09 25.12
CA ASP D 62 18.91 36.15 24.69
C ASP D 62 20.00 36.40 25.72
N THR D 63 19.73 36.17 27.00
CA THR D 63 20.68 36.47 28.05
C THR D 63 21.76 35.40 28.21
N VAL D 64 21.61 34.23 27.59
CA VAL D 64 22.54 33.13 27.77
C VAL D 64 22.95 32.55 26.43
N LYS D 65 22.71 33.30 25.35
CA LYS D 65 22.87 32.75 24.01
C LYS D 65 24.33 32.38 23.72
N GLY D 66 25.25 33.27 24.06
CA GLY D 66 26.64 33.06 23.71
C GLY D 66 27.45 32.25 24.70
N ARG D 67 26.94 32.02 25.90
CA ARG D 67 27.68 31.34 26.95
C ARG D 67 27.21 29.92 27.21
N PHE D 68 25.90 29.67 27.16
CA PHE D 68 25.36 28.36 27.47
C PHE D 68 25.24 27.52 26.19
N THR D 69 25.31 26.21 26.37
CA THR D 69 25.05 25.27 25.28
C THR D 69 24.35 24.04 25.84
N ILE D 70 23.40 23.51 25.07
CA ILE D 70 22.57 22.38 25.50
C ILE D 70 22.83 21.20 24.58
N SER D 71 22.88 20.00 25.16
CA SER D 71 23.12 18.79 24.39
C SER D 71 22.48 17.62 25.14
N ARG D 72 22.24 16.54 24.40
CA ARG D 72 21.63 15.34 24.96
C ARG D 72 22.39 14.11 24.50
N ASP D 73 22.36 13.07 25.34
CA ASP D 73 23.00 11.79 25.06
C ASP D 73 21.92 10.72 25.14
N ASP D 74 21.29 10.45 23.99
CA ASP D 74 20.13 9.56 23.97
C ASP D 74 20.42 8.15 24.48
N PRO D 75 21.53 7.49 24.11
CA PRO D 75 21.78 6.16 24.70
C PRO D 75 21.87 6.17 26.21
N LYS D 76 22.44 7.22 26.80
CA LYS D 76 22.58 7.33 28.25
C LYS D 76 21.37 7.98 28.92
N ASN D 77 20.44 8.53 28.13
CA ASN D 77 19.25 9.21 28.66
C ASN D 77 19.65 10.36 29.59
N THR D 78 20.62 11.16 29.16
CA THR D 78 21.12 12.28 29.94
C THR D 78 21.04 13.55 29.12
N LEU D 79 20.62 14.64 29.77
CA LEU D 79 20.57 15.96 29.18
C LEU D 79 21.57 16.85 29.89
N PHE D 80 22.36 17.59 29.11
CA PHE D 80 23.43 18.41 29.65
C PHE D 80 23.16 19.89 29.42
N LEU D 81 23.86 20.72 30.19
CA LEU D 81 23.87 22.16 29.98
C LEU D 81 25.24 22.66 30.42
N GLN D 82 26.10 22.97 29.45
CA GLN D 82 27.43 23.48 29.74
C GLN D 82 27.36 25.00 29.84
N MET D 83 27.78 25.53 30.98
CA MET D 83 27.72 26.96 31.26
C MET D 83 29.13 27.50 31.44
N THR D 84 29.41 28.63 30.79
CA THR D 84 30.69 29.29 30.89
C THR D 84 30.47 30.79 31.09
N SER D 85 31.48 31.44 31.67
CA SER D 85 31.43 32.88 31.97
C SER D 85 30.23 33.19 32.87
N LEU D 86 30.09 32.41 33.93
CA LEU D 86 28.93 32.54 34.82
C LEU D 86 28.99 33.85 35.58
N ARG D 87 27.88 34.59 35.58
CA ARG D 87 27.77 35.87 36.26
C ARG D 87 26.92 35.74 37.51
N SER D 88 26.87 36.82 38.29
CA SER D 88 26.15 36.80 39.55
C SER D 88 24.64 36.64 39.37
N GLU D 89 24.11 37.00 38.20
CA GLU D 89 22.69 36.85 37.93
C GLU D 89 22.34 35.47 37.40
N ASP D 90 23.31 34.57 37.30
CA ASP D 90 23.07 33.19 36.92
C ASP D 90 22.74 32.30 38.11
N THR D 91 22.68 32.86 39.31
CA THR D 91 22.33 32.12 40.51
C THR D 91 20.83 31.83 40.50
N ALA D 92 20.47 30.56 40.36
CA ALA D 92 19.07 30.16 40.31
C ALA D 92 19.02 28.64 40.51
N MET D 93 17.80 28.10 40.50
CA MET D 93 17.57 26.67 40.54
C MET D 93 17.10 26.24 39.15
N TYR D 94 17.84 25.33 38.53
CA TYR D 94 17.61 24.94 37.15
C TYR D 94 16.77 23.68 37.10
N TYR D 95 15.74 23.70 36.26
CA TYR D 95 14.80 22.60 36.13
C TYR D 95 14.94 21.93 34.77
N CYS D 96 14.53 20.66 34.72
CA CYS D 96 14.57 19.83 33.53
C CYS D 96 13.13 19.47 33.18
N VAL D 97 12.70 19.83 31.96
CA VAL D 97 11.29 19.78 31.60
C VAL D 97 11.13 18.94 30.33
N ARG D 98 10.13 18.04 30.34
CA ARG D 98 9.76 17.29 29.15
C ARG D 98 8.88 18.12 28.24
N SER D 99 8.89 17.77 26.96
CA SER D 99 8.01 18.40 25.99
C SER D 99 7.93 17.53 24.75
N ILE D 100 6.73 17.08 24.39
CA ILE D 100 6.50 16.29 23.19
C ILE D 100 5.45 17.01 22.36
N TYR D 101 5.69 17.09 21.05
CA TYR D 101 4.87 17.91 20.16
C TYR D 101 4.30 17.06 19.03
N TYR D 102 2.99 16.87 19.05
CA TYR D 102 2.22 16.39 17.91
C TYR D 102 0.80 16.90 18.10
N TYR D 103 -0.09 16.51 17.19
CA TYR D 103 -1.46 17.02 17.25
C TYR D 103 -2.14 16.50 18.52
N GLY D 104 -2.35 17.38 19.48
CA GLY D 104 -3.05 17.04 20.71
C GLY D 104 -2.18 16.68 21.89
N SER D 105 -0.88 16.90 21.82
CA SER D 105 0.01 16.52 22.90
C SER D 105 -0.10 17.51 24.06
N SER D 106 0.64 17.23 25.13
CA SER D 106 0.64 18.04 26.35
C SER D 106 2.07 18.38 26.72
N PRO D 107 2.65 19.41 26.13
CA PRO D 107 4.03 19.79 26.46
C PRO D 107 4.13 20.35 27.87
N PHE D 108 5.36 20.39 28.37
CA PHE D 108 5.68 20.96 29.68
C PHE D 108 4.95 20.24 30.80
N ASP D 109 4.78 18.92 30.67
CA ASP D 109 3.97 18.16 31.62
C ASP D 109 4.76 17.72 32.85
N PHE D 110 5.99 17.25 32.69
CA PHE D 110 6.78 16.76 33.80
C PHE D 110 8.04 17.60 33.97
N TRP D 111 8.23 18.11 35.18
CA TRP D 111 9.41 18.88 35.56
C TRP D 111 10.26 18.07 36.51
N GLY D 112 11.57 18.30 36.48
CA GLY D 112 12.47 17.65 37.40
C GLY D 112 12.46 18.30 38.77
N GLN D 113 13.23 17.72 39.69
CA GLN D 113 13.31 18.25 41.03
C GLN D 113 14.18 19.50 41.12
N GLY D 114 15.05 19.72 40.16
CA GLY D 114 15.84 20.94 40.12
C GLY D 114 17.14 20.82 40.90
N THR D 115 18.14 21.56 40.43
CA THR D 115 19.43 21.66 41.11
C THR D 115 19.81 23.12 41.24
N THR D 116 20.31 23.51 42.40
CA THR D 116 20.59 24.91 42.70
C THR D 116 22.04 25.24 42.40
N LEU D 117 22.24 26.41 41.79
CA LEU D 117 23.57 26.94 41.49
C LEU D 117 23.72 28.30 42.14
N THR D 118 24.85 28.52 42.81
CA THR D 118 25.14 29.79 43.48
C THR D 118 26.43 30.35 42.92
N VAL D 119 26.38 31.54 42.35
CA VAL D 119 27.55 32.22 41.80
C VAL D 119 27.97 33.30 42.78
N SER D 120 29.16 33.15 43.35
CA SER D 120 29.65 34.10 44.35
C SER D 120 29.93 35.46 43.71
N ASP D 137 9.98 40.14 22.28
CA ASP D 137 9.59 39.26 23.37
C ASP D 137 8.21 39.64 23.91
N ILE D 138 7.27 38.69 23.91
CA ILE D 138 5.94 38.94 24.41
C ILE D 138 6.00 39.13 25.92
N VAL D 139 5.31 40.15 26.42
CA VAL D 139 5.29 40.47 27.84
C VAL D 139 4.00 39.93 28.44
N MET D 140 4.13 39.03 29.41
CA MET D 140 2.99 38.46 30.11
C MET D 140 2.85 39.14 31.46
N THR D 141 1.68 39.70 31.73
CA THR D 141 1.45 40.51 32.92
C THR D 141 0.46 39.81 33.84
N GLN D 142 0.87 39.57 35.08
CA GLN D 142 0.01 39.06 36.14
C GLN D 142 -0.05 40.14 37.22
N ALA D 143 -1.13 40.93 37.21
CA ALA D 143 -1.20 42.10 38.08
C ALA D 143 -1.18 41.71 39.55
N THR D 144 -1.94 40.69 39.93
CA THR D 144 -1.98 40.27 41.31
C THR D 144 -0.67 39.59 41.71
N SER D 145 -0.30 39.77 42.97
CA SER D 145 0.90 39.15 43.54
C SER D 145 0.60 38.24 44.71
N SER D 146 -0.29 38.64 45.61
CA SER D 146 -0.70 37.82 46.75
C SER D 146 -2.22 37.90 46.90
N VAL D 147 -2.82 36.78 47.29
CA VAL D 147 -4.27 36.71 47.47
C VAL D 147 -4.59 35.89 48.71
N PRO D 148 -5.41 36.39 49.63
CA PRO D 148 -5.81 35.58 50.79
C PRO D 148 -7.05 34.76 50.51
N VAL D 149 -7.00 33.45 50.78
CA VAL D 149 -8.12 32.55 50.52
C VAL D 149 -8.32 31.63 51.72
N THR D 150 -9.51 31.02 51.76
CA THR D 150 -9.85 30.00 52.73
C THR D 150 -10.46 28.81 52.01
N PRO D 151 -10.25 27.59 52.52
CA PRO D 151 -10.81 26.42 51.85
C PRO D 151 -12.33 26.50 51.73
N GLY D 152 -12.84 26.03 50.60
CA GLY D 152 -14.26 26.09 50.33
C GLY D 152 -14.68 27.43 49.76
N GLU D 153 -13.97 27.89 48.74
CA GLU D 153 -14.28 29.17 48.11
C GLU D 153 -13.90 29.10 46.64
N SER D 154 -14.27 30.14 45.90
CA SER D 154 -13.94 30.27 44.49
C SER D 154 -13.02 31.46 44.31
N VAL D 155 -11.92 31.26 43.58
CA VAL D 155 -10.95 32.31 43.30
C VAL D 155 -10.66 32.31 41.81
N SER D 156 -10.31 33.49 41.29
CA SER D 156 -9.98 33.66 39.88
C SER D 156 -8.65 34.37 39.75
N ILE D 157 -7.77 33.83 38.91
CA ILE D 157 -6.44 34.38 38.68
C ILE D 157 -6.37 34.80 37.22
N SER D 158 -6.00 36.04 36.97
CA SER D 158 -6.01 36.61 35.63
C SER D 158 -4.61 36.95 35.17
N CYS D 159 -4.46 37.09 33.85
CA CYS D 159 -3.21 37.52 33.26
C CYS D 159 -3.50 38.17 31.92
N ARG D 160 -2.53 38.92 31.41
CA ARG D 160 -2.66 39.64 30.15
C ARG D 160 -1.42 39.40 29.31
N SER D 161 -1.57 39.61 28.00
CA SER D 161 -0.51 39.39 27.03
C SER D 161 -0.32 40.65 26.20
N SER D 162 0.94 40.99 25.92
CA SER D 162 1.22 42.15 25.08
C SER D 162 0.76 41.91 23.64
N LYS D 163 0.92 40.69 23.15
CA LYS D 163 0.55 40.32 21.80
C LYS D 163 -0.58 39.30 21.85
N SER D 164 -1.44 39.32 20.84
CA SER D 164 -2.54 38.36 20.77
C SER D 164 -1.99 36.95 20.61
N LEU D 165 -2.44 36.04 21.48
CA LEU D 165 -1.95 34.67 21.49
C LEU D 165 -2.72 33.75 20.55
N LEU D 166 -3.83 34.20 20.00
CA LEU D 166 -4.58 33.38 19.06
C LEU D 166 -3.82 33.27 17.74
N HIS D 167 -3.87 32.08 17.14
CA HIS D 167 -3.21 31.79 15.89
C HIS D 167 -4.24 31.47 14.82
N SER D 168 -3.76 31.41 13.57
CA SER D 168 -4.63 30.99 12.48
C SER D 168 -5.10 29.55 12.63
N ASN D 169 -4.34 28.72 13.35
CA ASN D 169 -4.77 27.36 13.63
C ASN D 169 -6.02 27.31 14.49
N GLY D 170 -6.29 28.35 15.25
CA GLY D 170 -7.35 28.35 16.24
C GLY D 170 -6.87 28.10 17.66
N ASN D 171 -5.65 27.63 17.83
CA ASN D 171 -5.07 27.44 19.16
C ASN D 171 -4.63 28.78 19.74
N THR D 172 -4.56 28.83 21.07
CA THR D 172 -4.19 30.05 21.77
C THR D 172 -2.81 29.99 22.41
N TYR D 173 -2.32 28.81 22.78
CA TYR D 173 -0.98 28.64 23.31
C TYR D 173 -0.76 29.45 24.59
N LEU D 174 -1.58 29.15 25.59
CA LEU D 174 -1.40 29.69 26.93
C LEU D 174 -1.37 28.54 27.92
N TYR D 175 -0.39 28.56 28.83
CA TYR D 175 -0.17 27.48 29.77
C TYR D 175 -0.25 28.02 31.20
N TRP D 176 -0.73 27.18 32.11
CA TRP D 176 -0.85 27.51 33.52
C TRP D 176 -0.09 26.48 34.34
N PHE D 177 0.73 26.95 35.29
CA PHE D 177 1.49 26.08 36.16
C PHE D 177 1.23 26.44 37.60
N LEU D 178 1.39 25.46 38.49
CA LEU D 178 1.26 25.66 39.93
C LEU D 178 2.50 25.12 40.62
N GLN D 179 3.17 25.96 41.39
CA GLN D 179 4.35 25.58 42.13
C GLN D 179 4.02 25.64 43.62
N ARG D 180 3.82 24.48 44.23
CA ARG D 180 3.53 24.41 45.66
C ARG D 180 4.78 24.72 46.46
N PRO D 181 4.63 25.14 47.72
CA PRO D 181 5.80 25.53 48.52
C PRO D 181 6.80 24.39 48.67
N GLY D 182 8.01 24.64 48.20
CA GLY D 182 9.09 23.67 48.31
C GLY D 182 9.10 22.59 47.25
N GLN D 183 8.34 22.75 46.17
CA GLN D 183 8.24 21.73 45.13
C GLN D 183 8.50 22.38 43.77
N SER D 184 8.53 21.54 42.73
CA SER D 184 8.70 21.97 41.36
C SER D 184 7.35 22.31 40.73
N PRO D 185 7.35 23.12 39.67
CA PRO D 185 6.08 23.47 39.03
C PRO D 185 5.38 22.26 38.43
N GLN D 186 4.06 22.32 38.41
CA GLN D 186 3.21 21.25 37.90
C GLN D 186 2.23 21.84 36.91
N LEU D 187 2.16 21.25 35.72
CA LEU D 187 1.28 21.76 34.68
C LEU D 187 -0.18 21.58 35.07
N LEU D 188 -0.97 22.62 34.83
CA LEU D 188 -2.40 22.58 35.09
C LEU D 188 -3.23 22.59 33.81
N ILE D 189 -3.01 23.58 32.95
CA ILE D 189 -3.81 23.77 31.74
C ILE D 189 -2.87 24.12 30.60
N TYR D 190 -3.06 23.46 29.45
CA TYR D 190 -2.24 23.72 28.27
C TYR D 190 -3.12 24.23 27.13
N ARG D 191 -2.59 25.21 26.40
CA ARG D 191 -3.27 25.84 25.28
C ARG D 191 -4.61 26.47 25.72
N MET D 192 -4.60 27.05 26.91
CA MET D 192 -5.57 27.99 27.47
C MET D 192 -6.88 27.33 27.88
N SER D 193 -7.16 26.09 27.48
CA SER D 193 -8.42 25.46 27.89
C SER D 193 -8.30 24.01 28.31
N ASN D 194 -7.28 23.28 27.87
CA ASN D 194 -7.24 21.83 28.09
C ASN D 194 -6.64 21.52 29.45
N LEU D 195 -7.29 20.60 30.17
CA LEU D 195 -6.87 20.22 31.52
C LEU D 195 -5.88 19.06 31.44
N ALA D 196 -4.76 19.20 32.14
CA ALA D 196 -3.74 18.16 32.12
C ALA D 196 -4.19 16.93 32.89
N SER D 197 -3.62 15.78 32.52
CA SER D 197 -3.96 14.53 33.18
C SER D 197 -3.46 14.51 34.61
N GLY D 198 -4.28 14.00 35.52
CA GLY D 198 -3.97 14.00 36.93
C GLY D 198 -4.35 15.26 37.66
N VAL D 199 -4.88 16.25 36.96
CA VAL D 199 -5.31 17.51 37.56
C VAL D 199 -6.79 17.42 37.87
N PRO D 200 -7.24 17.85 39.05
CA PRO D 200 -8.67 17.75 39.39
C PRO D 200 -9.53 18.61 38.48
N ASP D 201 -10.79 18.21 38.36
CA ASP D 201 -11.73 18.88 37.48
C ASP D 201 -12.14 20.27 37.96
N ARG D 202 -11.77 20.65 39.20
CA ARG D 202 -12.16 21.94 39.72
C ARG D 202 -11.46 23.10 39.03
N PHE D 203 -10.32 22.84 38.39
CA PHE D 203 -9.60 23.87 37.66
C PHE D 203 -10.23 24.07 36.28
N SER D 204 -10.40 25.33 35.89
CA SER D 204 -10.99 25.68 34.60
C SER D 204 -10.18 26.80 33.97
N GLY D 205 -10.06 26.77 32.66
CA GLY D 205 -9.30 27.76 31.91
C GLY D 205 -10.14 28.39 30.83
N SER D 206 -9.98 29.71 30.67
CA SER D 206 -10.75 30.46 29.69
C SER D 206 -10.02 31.78 29.42
N GLY D 207 -10.55 32.54 28.49
CA GLY D 207 -10.05 33.87 28.23
C GLY D 207 -10.21 34.27 26.79
N SER D 208 -9.92 35.54 26.51
CA SER D 208 -9.94 36.08 25.17
C SER D 208 -8.59 35.80 24.50
N GLY D 209 -8.34 36.44 23.37
CA GLY D 209 -7.05 36.29 22.72
C GLY D 209 -5.91 37.06 23.35
N THR D 210 -6.21 37.94 24.29
CA THR D 210 -5.21 38.74 24.98
C THR D 210 -5.30 38.63 26.50
N ALA D 211 -6.51 38.55 27.05
CA ALA D 211 -6.71 38.46 28.49
C ALA D 211 -7.28 37.09 28.84
N PHE D 212 -6.73 36.47 29.88
CA PHE D 212 -7.07 35.12 30.28
C PHE D 212 -7.35 35.06 31.77
N THR D 213 -8.00 33.99 32.20
CA THR D 213 -8.31 33.80 33.60
C THR D 213 -8.28 32.32 33.95
N LEU D 214 -7.90 32.03 35.20
CA LEU D 214 -7.89 30.69 35.75
C LEU D 214 -8.81 30.65 36.95
N THR D 215 -9.72 29.68 36.96
CA THR D 215 -10.74 29.58 38.00
C THR D 215 -10.55 28.28 38.78
N ILE D 216 -10.60 28.38 40.11
CA ILE D 216 -10.63 27.23 41.00
C ILE D 216 -11.98 27.23 41.69
N SER D 217 -12.72 26.13 41.57
CA SER D 217 -14.10 26.09 42.07
C SER D 217 -14.13 25.99 43.58
N ARG D 218 -13.41 25.02 44.15
CA ARG D 218 -13.41 24.79 45.60
C ARG D 218 -11.96 24.72 46.07
N LEU D 219 -11.53 25.72 46.82
CA LEU D 219 -10.16 25.77 47.31
C LEU D 219 -9.91 24.63 48.31
N GLU D 220 -8.66 24.17 48.32
CA GLU D 220 -8.18 23.21 49.30
C GLU D 220 -6.84 23.69 49.84
N ALA D 221 -6.36 23.02 50.89
CA ALA D 221 -5.02 23.31 51.38
C ALA D 221 -3.94 22.88 50.39
N GLU D 222 -4.27 21.99 49.46
CA GLU D 222 -3.34 21.53 48.44
C GLU D 222 -3.15 22.54 47.32
N ASP D 223 -4.10 23.46 47.13
CA ASP D 223 -4.05 24.42 46.04
C ASP D 223 -3.24 25.67 46.39
N VAL D 224 -2.70 25.77 47.61
CA VAL D 224 -1.94 26.94 48.00
C VAL D 224 -0.57 26.92 47.33
N GLY D 225 -0.22 28.03 46.70
CA GLY D 225 1.06 28.11 46.01
C GLY D 225 1.10 29.34 45.11
N VAL D 226 2.01 29.31 44.14
CA VAL D 226 2.21 30.39 43.19
C VAL D 226 1.85 29.87 41.80
N TYR D 227 1.08 30.66 41.06
CA TYR D 227 0.57 30.26 39.75
C TYR D 227 1.21 31.13 38.67
N TYR D 228 1.79 30.50 37.66
CA TYR D 228 2.47 31.18 36.58
C TYR D 228 1.75 30.91 35.26
N CYS D 229 1.82 31.88 34.35
CA CYS D 229 1.29 31.76 33.01
C CYS D 229 2.41 31.89 32.00
N MET D 230 2.39 31.05 30.97
CA MET D 230 3.43 31.01 29.97
C MET D 230 2.80 30.99 28.59
N GLN D 231 3.47 31.63 27.64
CA GLN D 231 3.04 31.63 26.25
C GLN D 231 3.96 30.73 25.43
N HIS D 232 3.38 30.03 24.45
CA HIS D 232 4.16 29.20 23.54
C HIS D 232 3.87 29.58 22.09
N LEU D 233 3.58 30.85 21.83
CA LEU D 233 3.36 31.30 20.47
C LEU D 233 4.67 31.44 19.71
N GLU D 234 5.71 31.94 20.37
CA GLU D 234 6.99 32.19 19.72
C GLU D 234 8.10 32.00 20.74
N TYR D 235 9.32 31.86 20.23
CA TYR D 235 10.46 31.82 21.13
C TYR D 235 11.09 33.20 21.23
N PRO D 236 11.60 33.61 22.39
CA PRO D 236 11.71 32.87 23.66
C PRO D 236 10.38 32.69 24.36
N LEU D 237 10.25 31.65 25.17
CA LEU D 237 9.05 31.45 25.98
C LEU D 237 9.13 32.32 27.22
N THR D 238 8.06 33.04 27.51
CA THR D 238 8.04 34.02 28.58
C THR D 238 6.96 33.66 29.61
N PHE D 239 7.24 33.98 30.86
CA PHE D 239 6.36 33.67 31.98
C PHE D 239 5.76 34.96 32.55
N GLY D 240 4.82 34.78 33.47
CA GLY D 240 4.30 35.88 34.24
C GLY D 240 5.03 36.05 35.56
N ALA D 241 4.61 37.06 36.32
CA ALA D 241 5.24 37.33 37.61
C ALA D 241 4.87 36.27 38.64
N GLY D 242 3.63 35.78 38.59
CA GLY D 242 3.18 34.78 39.54
C GLY D 242 2.19 35.33 40.56
N THR D 243 1.01 34.72 40.64
CA THR D 243 -0.01 35.10 41.61
C THR D 243 -0.01 34.08 42.73
N LYS D 244 0.26 34.53 43.95
CA LYS D 244 0.43 33.67 45.10
C LYS D 244 -0.87 33.59 45.90
N LEU D 245 -1.39 32.38 46.07
CA LEU D 245 -2.54 32.13 46.93
C LEU D 245 -2.04 31.70 48.30
N GLU D 246 -2.51 32.39 49.34
CA GLU D 246 -2.10 32.09 50.71
C GLU D 246 -3.33 32.02 51.61
N LEU D 247 -3.22 31.24 52.68
CA LEU D 247 -4.31 31.08 53.62
C LEU D 247 -4.43 32.28 54.54
N THR E 6 -24.44 -37.83 13.88
CA THR E 6 -25.62 -37.24 14.51
C THR E 6 -25.49 -35.72 14.58
N ALA E 7 -24.42 -35.19 13.98
CA ALA E 7 -24.25 -33.74 13.94
C ALA E 7 -25.15 -33.08 12.90
N SER E 8 -25.43 -33.77 11.80
CA SER E 8 -26.28 -33.20 10.76
C SER E 8 -27.69 -32.93 11.25
N ILE E 9 -28.25 -33.86 12.02
CA ILE E 9 -29.62 -33.67 12.53
C ILE E 9 -29.65 -32.54 13.56
N ALA E 10 -28.60 -32.42 14.39
CA ALA E 10 -28.54 -31.31 15.33
C ALA E 10 -28.45 -29.98 14.61
N GLN E 11 -27.63 -29.91 13.55
CA GLN E 11 -27.54 -28.69 12.76
C GLN E 11 -28.86 -28.35 12.10
N ALA E 12 -29.56 -29.37 11.58
CA ALA E 12 -30.87 -29.14 10.97
C ALA E 12 -31.88 -28.65 12.00
N ARG E 13 -31.86 -29.21 13.20
CA ARG E 13 -32.76 -28.73 14.26
C ARG E 13 -32.46 -27.28 14.63
N LYS E 14 -31.17 -26.94 14.73
CA LYS E 14 -30.80 -25.56 15.04
C LYS E 14 -31.26 -24.61 13.94
N LEU E 15 -31.09 -25.02 12.67
CA LEU E 15 -31.53 -24.19 11.56
C LEU E 15 -33.05 -24.03 11.56
N VAL E 16 -33.78 -25.10 11.88
CA VAL E 16 -35.24 -25.01 11.96
C VAL E 16 -35.65 -24.06 13.07
N GLU E 17 -34.98 -24.13 14.21
CA GLU E 17 -35.29 -23.20 15.31
C GLU E 17 -35.02 -21.76 14.91
N GLN E 18 -33.90 -21.51 14.22
CA GLN E 18 -33.60 -20.16 13.78
C GLN E 18 -34.63 -19.64 12.79
N LEU E 19 -35.04 -20.48 11.83
CA LEU E 19 -36.06 -20.07 10.88
C LEU E 19 -37.39 -19.81 11.57
N LYS E 20 -37.73 -20.65 12.56
CA LYS E 20 -38.96 -20.43 13.31
C LYS E 20 -38.93 -19.09 14.03
N MET E 21 -37.80 -18.75 14.65
CA MET E 21 -37.71 -17.46 15.34
C MET E 21 -37.81 -16.30 14.36
N GLU E 22 -37.08 -16.39 13.24
CA GLU E 22 -37.01 -15.28 12.30
C GLU E 22 -38.30 -15.09 11.51
N ALA E 23 -39.15 -16.12 11.44
CA ALA E 23 -40.39 -15.97 10.71
C ALA E 23 -41.38 -15.09 11.47
N ASN E 24 -41.30 -15.05 12.80
CA ASN E 24 -42.24 -14.32 13.62
C ASN E 24 -41.73 -12.89 13.83
N ILE E 25 -41.92 -12.06 12.81
CA ILE E 25 -41.53 -10.66 12.84
C ILE E 25 -42.63 -9.83 12.18
N ASP E 26 -42.99 -8.72 12.82
CA ASP E 26 -43.92 -7.78 12.21
C ASP E 26 -43.18 -6.90 11.21
N ARG E 27 -43.69 -6.85 9.98
CA ARG E 27 -43.03 -6.13 8.89
C ARG E 27 -43.92 -4.98 8.43
N ILE E 28 -43.32 -3.81 8.25
CA ILE E 28 -44.02 -2.65 7.71
C ILE E 28 -43.96 -2.69 6.18
N LYS E 29 -44.79 -1.88 5.53
CA LYS E 29 -44.80 -1.86 4.07
C LYS E 29 -43.53 -1.20 3.55
N VAL E 30 -43.22 -1.50 2.28
CA VAL E 30 -42.04 -0.91 1.66
C VAL E 30 -42.28 0.56 1.32
N SER E 31 -43.53 0.94 1.06
CA SER E 31 -43.84 2.34 0.76
C SER E 31 -43.50 3.23 1.95
N LYS E 32 -43.92 2.83 3.15
CA LYS E 32 -43.65 3.63 4.34
C LYS E 32 -42.14 3.73 4.60
N ALA E 33 -41.42 2.62 4.44
CA ALA E 33 -39.99 2.62 4.68
C ALA E 33 -39.25 3.50 3.69
N ALA E 34 -39.62 3.43 2.40
CA ALA E 34 -39.00 4.28 1.40
C ALA E 34 -39.32 5.74 1.66
N ALA E 35 -40.55 6.04 2.09
CA ALA E 35 -40.92 7.41 2.45
C ALA E 35 -40.08 7.90 3.62
N ASP E 36 -39.85 7.05 4.62
CA ASP E 36 -39.02 7.44 5.75
C ASP E 36 -37.59 7.73 5.32
N LEU E 37 -37.02 6.88 4.45
CA LEU E 37 -35.68 7.12 3.96
C LEU E 37 -35.59 8.42 3.18
N MET E 38 -36.58 8.67 2.32
CA MET E 38 -36.59 9.91 1.54
C MET E 38 -36.73 11.13 2.44
N ALA E 39 -37.58 11.03 3.47
CA ALA E 39 -37.75 12.14 4.40
C ALA E 39 -36.47 12.43 5.16
N TYR E 40 -35.77 11.38 5.62
CA TYR E 40 -34.51 11.61 6.31
C TYR E 40 -33.49 12.26 5.38
N CYS E 41 -33.44 11.81 4.12
CA CYS E 41 -32.50 12.41 3.18
C CYS E 41 -32.84 13.89 2.95
N GLU E 42 -34.12 14.22 2.82
CA GLU E 42 -34.50 15.60 2.57
C GLU E 42 -34.24 16.50 3.78
N ALA E 43 -34.51 15.99 4.98
CA ALA E 43 -34.39 16.82 6.18
C ALA E 43 -32.96 17.15 6.54
N HIS E 44 -31.98 16.38 6.04
CA HIS E 44 -30.58 16.60 6.38
C HIS E 44 -29.74 16.97 5.16
N ALA E 45 -30.38 17.44 4.09
CA ALA E 45 -29.66 17.73 2.85
C ALA E 45 -28.70 18.90 3.03
N LYS E 46 -29.12 19.94 3.75
CA LYS E 46 -28.31 21.15 3.89
C LYS E 46 -27.08 20.96 4.79
N GLU E 47 -26.98 19.83 5.49
CA GLU E 47 -25.86 19.56 6.37
C GLU E 47 -24.84 18.61 5.76
N ASP E 48 -24.93 18.35 4.45
CA ASP E 48 -24.01 17.42 3.81
C ASP E 48 -22.99 18.17 2.98
N PRO E 49 -21.74 18.28 3.43
CA PRO E 49 -20.72 18.98 2.63
C PRO E 49 -20.45 18.33 1.28
N LEU E 50 -20.57 17.00 1.17
CA LEU E 50 -20.29 16.34 -0.11
C LEU E 50 -21.43 16.58 -1.10
N LEU E 51 -22.67 16.47 -0.63
CA LEU E 51 -23.82 16.71 -1.51
C LEU E 51 -23.88 18.18 -1.94
N THR E 52 -23.74 19.09 -0.99
CA THR E 52 -23.72 20.53 -1.27
C THR E 52 -22.38 21.08 -0.83
N PRO E 53 -21.42 21.24 -1.75
CA PRO E 53 -20.08 21.69 -1.35
C PRO E 53 -20.10 23.06 -0.68
N VAL E 54 -19.25 23.22 0.32
CA VAL E 54 -19.16 24.45 1.10
C VAL E 54 -18.19 25.40 0.43
N PRO E 55 -18.27 26.71 0.69
CA PRO E 55 -17.29 27.64 0.12
C PRO E 55 -15.89 27.38 0.64
N ALA E 56 -14.89 27.82 -0.12
CA ALA E 56 -13.50 27.58 0.22
C ALA E 56 -13.12 28.21 1.56
N SER E 57 -13.84 29.24 2.01
CA SER E 57 -13.56 29.83 3.30
C SER E 57 -13.96 28.91 4.45
N GLU E 58 -14.86 27.97 4.22
CA GLU E 58 -15.32 27.04 5.24
C GLU E 58 -14.71 25.65 5.10
N ASN E 59 -14.08 25.35 3.96
CA ASN E 59 -13.55 24.02 3.72
C ASN E 59 -12.21 23.88 4.42
N PRO E 60 -12.05 22.94 5.35
CA PRO E 60 -10.75 22.77 6.03
C PRO E 60 -9.69 22.12 5.16
N PHE E 61 -10.05 21.62 3.98
CA PHE E 61 -9.11 20.95 3.09
C PHE E 61 -8.76 21.78 1.86
N ARG E 62 -9.17 23.03 1.82
CA ARG E 62 -8.78 23.92 0.73
C ARG E 62 -8.50 25.33 1.26
N GLN F 2 -31.14 -15.86 -3.36
CA GLN F 2 -31.02 -17.19 -2.78
C GLN F 2 -30.47 -18.21 -3.78
N VAL F 3 -29.19 -18.52 -3.67
CA VAL F 3 -28.53 -19.45 -4.58
C VAL F 3 -28.94 -20.86 -4.22
N GLN F 4 -29.51 -21.57 -5.19
CA GLN F 4 -29.97 -22.94 -4.99
C GLN F 4 -29.49 -23.83 -6.14
N LEU F 5 -29.16 -25.07 -5.81
CA LEU F 5 -28.72 -26.06 -6.80
C LEU F 5 -29.30 -27.41 -6.41
N GLN F 6 -30.16 -27.96 -7.26
CA GLN F 6 -30.83 -29.23 -6.99
C GLN F 6 -30.45 -30.24 -8.07
N GLU F 7 -29.99 -31.42 -7.64
CA GLU F 7 -29.66 -32.51 -8.53
C GLU F 7 -30.81 -33.52 -8.56
N SER F 8 -31.05 -34.09 -9.74
CA SER F 8 -32.24 -34.91 -9.97
C SER F 8 -31.92 -36.37 -10.22
N GLY F 9 -31.05 -36.67 -11.19
CA GLY F 9 -30.82 -38.05 -11.57
C GLY F 9 -30.09 -38.84 -10.50
N GLY F 10 -30.23 -40.14 -10.57
CA GLY F 10 -29.58 -41.04 -9.63
C GLY F 10 -30.44 -42.25 -9.34
N GLY F 11 -29.80 -43.30 -8.86
CA GLY F 11 -30.49 -44.52 -8.50
C GLY F 11 -29.55 -45.71 -8.61
N LEU F 12 -30.12 -46.89 -8.42
CA LEU F 12 -29.36 -48.13 -8.54
C LEU F 12 -29.12 -48.46 -10.00
N VAL F 13 -27.87 -48.79 -10.33
CA VAL F 13 -27.46 -49.04 -11.71
C VAL F 13 -26.75 -50.37 -11.77
N GLN F 14 -27.10 -51.19 -12.76
CA GLN F 14 -26.32 -52.37 -13.05
C GLN F 14 -25.00 -51.98 -13.70
N PRO F 15 -23.93 -52.74 -13.46
CA PRO F 15 -22.64 -52.43 -14.09
C PRO F 15 -22.77 -52.42 -15.62
N GLY F 16 -22.12 -51.44 -16.24
CA GLY F 16 -22.27 -51.22 -17.65
C GLY F 16 -23.52 -50.43 -18.03
N GLY F 17 -24.29 -49.96 -17.06
CA GLY F 17 -25.49 -49.21 -17.33
C GLY F 17 -25.20 -47.75 -17.62
N SER F 18 -26.26 -46.95 -17.62
CA SER F 18 -26.17 -45.54 -17.94
C SER F 18 -27.02 -44.72 -16.96
N LEU F 19 -26.66 -43.45 -16.84
CA LEU F 19 -27.40 -42.51 -16.01
C LEU F 19 -27.31 -41.13 -16.65
N ARG F 20 -28.21 -40.24 -16.21
CA ARG F 20 -28.19 -38.84 -16.64
C ARG F 20 -28.56 -37.97 -15.46
N LEU F 21 -27.63 -37.14 -15.02
CA LEU F 21 -27.85 -36.23 -13.91
C LEU F 21 -28.20 -34.84 -14.43
N SER F 22 -29.09 -34.16 -13.72
CA SER F 22 -29.49 -32.79 -14.05
C SER F 22 -29.34 -31.92 -12.82
N CYS F 23 -29.09 -30.63 -13.05
CA CYS F 23 -28.83 -29.68 -11.98
C CYS F 23 -29.54 -28.37 -12.33
N ALA F 24 -30.76 -28.21 -11.83
CA ALA F 24 -31.53 -26.99 -12.03
C ALA F 24 -31.03 -25.92 -11.06
N ALA F 25 -30.58 -24.79 -11.61
CA ALA F 25 -29.98 -23.72 -10.82
C ALA F 25 -30.88 -22.49 -10.83
N SER F 26 -30.86 -21.76 -9.72
CA SER F 26 -31.64 -20.54 -9.56
C SER F 26 -30.93 -19.61 -8.58
N GLY F 27 -31.37 -18.36 -8.58
CA GLY F 27 -30.79 -17.36 -7.71
C GLY F 27 -29.57 -16.65 -8.24
N PHE F 28 -29.15 -16.95 -9.47
CA PHE F 28 -28.00 -16.30 -10.08
C PHE F 28 -28.11 -16.44 -11.58
N THR F 29 -27.33 -15.63 -12.30
CA THR F 29 -27.29 -15.69 -13.75
C THR F 29 -26.42 -16.86 -14.17
N PHE F 30 -27.06 -17.90 -14.74
CA PHE F 30 -26.36 -19.12 -15.09
C PHE F 30 -25.26 -18.88 -16.13
N SER F 31 -25.45 -17.88 -17.00
CA SER F 31 -24.56 -17.69 -18.14
C SER F 31 -23.19 -17.17 -17.76
N ASN F 32 -23.04 -16.51 -16.62
CA ASN F 32 -21.81 -15.83 -16.26
C ASN F 32 -20.88 -16.69 -15.43
N TYR F 33 -21.26 -17.92 -15.10
CA TYR F 33 -20.53 -18.74 -14.15
C TYR F 33 -20.06 -20.04 -14.79
N LYS F 34 -18.88 -20.49 -14.36
CA LYS F 34 -18.39 -21.81 -14.71
C LYS F 34 -18.94 -22.84 -13.73
N MET F 35 -19.33 -23.99 -14.25
CA MET F 35 -20.00 -25.01 -13.46
C MET F 35 -19.11 -26.25 -13.34
N ASN F 36 -19.31 -26.99 -12.25
CA ASN F 36 -18.50 -28.17 -11.94
C ASN F 36 -19.39 -29.32 -11.52
N TRP F 37 -18.82 -30.52 -11.55
CA TRP F 37 -19.42 -31.72 -10.96
C TRP F 37 -18.39 -32.34 -10.03
N VAL F 38 -18.78 -32.58 -8.78
CA VAL F 38 -17.90 -33.22 -7.81
C VAL F 38 -18.67 -34.38 -7.16
N ARG F 39 -17.91 -35.31 -6.59
CA ARG F 39 -18.49 -36.50 -5.98
C ARG F 39 -17.71 -36.86 -4.73
N GLN F 40 -18.34 -37.66 -3.88
CA GLN F 40 -17.73 -38.12 -2.63
C GLN F 40 -18.05 -39.59 -2.46
N ALA F 41 -17.09 -40.46 -2.79
CA ALA F 41 -17.27 -41.88 -2.57
C ALA F 41 -17.24 -42.18 -1.07
N PRO F 42 -17.96 -43.21 -0.62
CA PRO F 42 -17.96 -43.52 0.81
C PRO F 42 -16.57 -43.82 1.33
N GLY F 43 -16.25 -43.27 2.49
CA GLY F 43 -14.93 -43.41 3.06
C GLY F 43 -13.85 -42.55 2.43
N LYS F 44 -14.23 -41.57 1.62
CA LYS F 44 -13.29 -40.70 0.94
C LYS F 44 -13.76 -39.27 1.02
N GLY F 45 -12.90 -38.34 0.59
CA GLY F 45 -13.26 -36.95 0.49
C GLY F 45 -13.85 -36.61 -0.86
N LEU F 46 -14.26 -35.36 -1.01
CA LEU F 46 -14.86 -34.91 -2.26
C LEU F 46 -13.82 -34.89 -3.38
N GLU F 47 -14.23 -35.34 -4.55
CA GLU F 47 -13.36 -35.41 -5.73
C GLU F 47 -13.99 -34.62 -6.87
N TRP F 48 -13.18 -33.79 -7.52
CA TRP F 48 -13.63 -33.10 -8.71
C TRP F 48 -13.74 -34.08 -9.88
N VAL F 49 -14.86 -34.02 -10.58
CA VAL F 49 -15.18 -34.99 -11.64
C VAL F 49 -15.13 -34.36 -13.02
N SER F 50 -15.87 -33.28 -13.24
CA SER F 50 -15.94 -32.66 -14.54
C SER F 50 -16.12 -31.15 -14.38
N ASP F 51 -16.04 -30.43 -15.49
CA ASP F 51 -16.03 -28.98 -15.47
C ASP F 51 -16.39 -28.47 -16.86
N ILE F 52 -17.07 -27.32 -16.91
CA ILE F 52 -17.49 -26.72 -18.17
C ILE F 52 -17.55 -25.20 -17.98
N SER F 53 -17.16 -24.47 -19.03
CA SER F 53 -17.01 -23.02 -18.95
C SER F 53 -18.36 -22.33 -19.16
N GLN F 54 -18.32 -21.01 -19.34
CA GLN F 54 -19.54 -20.22 -19.43
C GLN F 54 -20.33 -20.54 -20.70
N SER F 55 -19.62 -20.80 -21.81
CA SER F 55 -20.27 -21.10 -23.08
C SER F 55 -20.13 -22.55 -23.48
N GLY F 56 -19.43 -23.37 -22.69
CA GLY F 56 -19.16 -24.74 -23.07
C GLY F 56 -17.98 -24.93 -23.99
N ALA F 57 -17.24 -23.86 -24.29
CA ALA F 57 -16.09 -23.99 -25.19
C ALA F 57 -15.00 -24.85 -24.57
N SER F 58 -14.72 -24.65 -23.28
CA SER F 58 -13.68 -25.39 -22.58
C SER F 58 -14.33 -26.41 -21.64
N ILE F 59 -13.94 -27.67 -21.80
CA ILE F 59 -14.48 -28.78 -21.02
C ILE F 59 -13.32 -29.62 -20.52
N SER F 60 -13.40 -30.05 -19.26
CA SER F 60 -12.33 -30.83 -18.65
C SER F 60 -12.93 -32.00 -17.87
N TYR F 61 -12.25 -33.14 -17.90
CA TYR F 61 -12.64 -34.33 -17.17
C TYR F 61 -11.46 -34.86 -16.38
N THR F 62 -11.75 -35.58 -15.30
CA THR F 62 -10.73 -36.32 -14.59
C THR F 62 -10.41 -37.61 -15.32
N GLY F 63 -9.19 -38.11 -15.13
CA GLY F 63 -8.73 -39.28 -15.86
C GLY F 63 -9.49 -40.54 -15.54
N SER F 64 -10.09 -40.63 -14.36
CA SER F 64 -10.80 -41.85 -13.98
C SER F 64 -12.07 -42.05 -14.78
N VAL F 65 -12.73 -40.96 -15.18
CA VAL F 65 -14.00 -41.01 -15.89
C VAL F 65 -13.90 -40.54 -17.32
N LYS F 66 -12.71 -40.15 -17.77
CA LYS F 66 -12.56 -39.62 -19.12
C LYS F 66 -12.89 -40.67 -20.16
N GLY F 67 -13.61 -40.26 -21.20
CA GLY F 67 -14.05 -41.16 -22.25
C GLY F 67 -15.39 -41.81 -22.01
N ARG F 68 -15.98 -41.64 -20.82
CA ARG F 68 -17.28 -42.20 -20.50
C ARG F 68 -18.31 -41.16 -20.10
N PHE F 69 -17.91 -40.09 -19.42
CA PHE F 69 -18.82 -39.07 -18.94
C PHE F 69 -18.81 -37.88 -19.89
N THR F 70 -19.95 -37.21 -20.00
CA THR F 70 -20.08 -36.02 -20.83
C THR F 70 -20.83 -34.95 -20.05
N ILE F 71 -20.29 -33.74 -20.01
CA ILE F 71 -20.89 -32.63 -19.30
C ILE F 71 -21.37 -31.60 -20.32
N SER F 72 -22.56 -31.06 -20.10
CA SER F 72 -23.12 -30.03 -20.95
C SER F 72 -24.03 -29.14 -20.12
N ARG F 73 -24.26 -27.93 -20.62
CA ARG F 73 -25.11 -26.97 -19.94
C ARG F 73 -26.05 -26.32 -20.93
N ASP F 74 -27.20 -25.88 -20.44
CA ASP F 74 -28.22 -25.20 -21.24
C ASP F 74 -28.46 -23.85 -20.58
N ASN F 75 -27.77 -22.82 -21.06
CA ASN F 75 -27.83 -21.51 -20.45
C ASN F 75 -29.23 -20.90 -20.52
N ALA F 76 -30.06 -21.33 -21.47
CA ALA F 76 -31.42 -20.84 -21.55
C ALA F 76 -32.33 -21.46 -20.50
N LYS F 77 -32.11 -22.73 -20.17
CA LYS F 77 -32.94 -23.44 -19.21
C LYS F 77 -32.37 -23.46 -17.80
N ASN F 78 -31.20 -22.86 -17.59
CA ASN F 78 -30.56 -22.80 -16.27
C ASN F 78 -30.41 -24.20 -15.66
N THR F 79 -29.72 -25.07 -16.40
CA THR F 79 -29.54 -26.44 -15.95
C THR F 79 -28.19 -26.97 -16.43
N LEU F 80 -27.66 -27.94 -15.68
CA LEU F 80 -26.38 -28.56 -15.96
C LEU F 80 -26.57 -30.06 -16.04
N TYR F 81 -25.91 -30.70 -17.01
CA TYR F 81 -26.11 -32.10 -17.30
C TYR F 81 -24.81 -32.87 -17.14
N LEU F 82 -24.94 -34.17 -16.86
CA LEU F 82 -23.79 -35.08 -16.84
C LEU F 82 -24.29 -36.45 -17.30
N GLN F 83 -23.89 -36.85 -18.50
CA GLN F 83 -24.26 -38.16 -19.04
C GLN F 83 -23.22 -39.18 -18.61
N MET F 84 -23.66 -40.17 -17.83
CA MET F 84 -22.78 -41.19 -17.28
C MET F 84 -22.99 -42.49 -18.05
N ASN F 85 -21.99 -42.88 -18.84
CA ASN F 85 -22.06 -44.08 -19.67
C ASN F 85 -21.11 -45.13 -19.14
N SER F 86 -21.56 -46.39 -19.17
CA SER F 86 -20.75 -47.55 -18.78
C SER F 86 -20.25 -47.40 -17.34
N LEU F 87 -21.20 -47.38 -16.42
CA LEU F 87 -20.88 -47.20 -15.01
C LEU F 87 -20.13 -48.41 -14.46
N LYS F 88 -19.28 -48.16 -13.47
CA LYS F 88 -18.45 -49.16 -12.83
C LYS F 88 -18.76 -49.19 -11.33
N PRO F 89 -18.48 -50.31 -10.66
CA PRO F 89 -18.69 -50.36 -9.20
C PRO F 89 -17.85 -49.35 -8.43
N GLU F 90 -16.78 -48.82 -9.02
CA GLU F 90 -15.98 -47.78 -8.39
C GLU F 90 -16.63 -46.40 -8.48
N ASP F 91 -17.75 -46.28 -9.19
CA ASP F 91 -18.40 -44.99 -9.40
C ASP F 91 -19.53 -44.72 -8.43
N THR F 92 -19.72 -45.57 -7.42
CA THR F 92 -20.77 -45.35 -6.43
C THR F 92 -20.37 -44.21 -5.51
N ALA F 93 -21.06 -43.09 -5.61
CA ALA F 93 -20.75 -41.90 -4.81
C ALA F 93 -21.97 -41.00 -4.78
N VAL F 94 -21.85 -39.90 -4.05
CA VAL F 94 -22.86 -38.85 -4.00
C VAL F 94 -22.35 -37.70 -4.85
N TYR F 95 -23.07 -37.37 -5.92
CA TYR F 95 -22.61 -36.41 -6.91
C TYR F 95 -23.20 -35.05 -6.62
N TYR F 96 -22.35 -34.03 -6.59
CA TYR F 96 -22.74 -32.67 -6.28
C TYR F 96 -22.53 -31.77 -7.49
N CYS F 97 -23.36 -30.74 -7.59
CA CYS F 97 -23.30 -29.76 -8.67
C CYS F 97 -22.78 -28.46 -8.07
N ALA F 98 -21.51 -28.15 -8.32
CA ALA F 98 -20.84 -27.03 -7.69
C ALA F 98 -20.82 -25.82 -8.61
N ARG F 99 -20.88 -24.63 -7.99
CA ARG F 99 -20.87 -23.36 -8.69
C ARG F 99 -19.56 -22.64 -8.41
N CYS F 100 -18.98 -22.03 -9.43
CA CYS F 100 -17.74 -21.30 -9.24
C CYS F 100 -17.98 -20.07 -8.36
N PRO F 101 -17.05 -19.72 -7.48
CA PRO F 101 -17.36 -18.67 -6.49
C PRO F 101 -17.74 -17.33 -7.09
N ALA F 102 -17.11 -16.91 -8.19
CA ALA F 102 -17.29 -15.59 -8.75
C ALA F 102 -17.51 -15.67 -10.26
N PRO F 103 -18.17 -14.67 -10.85
CA PRO F 103 -18.39 -14.69 -12.29
C PRO F 103 -17.19 -14.14 -13.06
N PHE F 104 -17.19 -14.42 -14.36
CA PHE F 104 -16.20 -13.90 -15.30
C PHE F 104 -14.78 -14.33 -14.94
N THR F 105 -14.63 -15.48 -14.28
CA THR F 105 -13.31 -15.96 -13.86
C THR F 105 -13.10 -17.38 -14.37
N ARG F 106 -11.83 -17.68 -14.66
CA ARG F 106 -11.46 -19.04 -15.07
C ARG F 106 -11.27 -19.97 -13.88
N ASP F 107 -10.87 -19.44 -12.73
CA ASP F 107 -10.44 -20.25 -11.60
C ASP F 107 -11.59 -20.49 -10.64
N CYS F 108 -11.77 -21.75 -10.25
CA CYS F 108 -12.66 -22.14 -9.17
C CYS F 108 -11.80 -22.67 -8.02
N PHE F 109 -12.00 -22.15 -6.82
CA PHE F 109 -11.11 -22.45 -5.71
C PHE F 109 -11.59 -23.62 -4.85
N ASP F 110 -12.73 -23.46 -4.19
CA ASP F 110 -13.09 -24.30 -3.05
C ASP F 110 -14.32 -25.13 -3.34
N VAL F 111 -14.46 -25.61 -4.58
CA VAL F 111 -15.63 -26.39 -4.92
C VAL F 111 -15.64 -27.73 -4.20
N THR F 112 -14.46 -28.24 -3.84
CA THR F 112 -14.34 -29.52 -3.14
C THR F 112 -14.09 -29.35 -1.64
N SER F 113 -14.29 -28.14 -1.11
CA SER F 113 -14.11 -27.92 0.32
C SER F 113 -15.20 -28.63 1.11
N THR F 114 -14.91 -28.84 2.40
CA THR F 114 -15.83 -29.60 3.25
C THR F 114 -17.19 -28.92 3.34
N THR F 115 -17.21 -27.60 3.54
CA THR F 115 -18.43 -26.82 3.60
C THR F 115 -18.32 -25.70 2.57
N TYR F 116 -19.02 -25.86 1.45
CA TYR F 116 -19.02 -24.87 0.38
C TYR F 116 -20.44 -24.34 0.19
N ALA F 117 -20.54 -23.01 0.06
CA ALA F 117 -21.85 -22.37 0.07
C ALA F 117 -22.61 -22.55 -1.24
N TYR F 118 -21.90 -22.64 -2.36
CA TYR F 118 -22.51 -22.68 -3.68
C TYR F 118 -22.51 -24.08 -4.27
N ARG F 119 -22.78 -25.08 -3.44
CA ARG F 119 -22.87 -26.46 -3.85
C ARG F 119 -24.25 -27.02 -3.51
N GLY F 120 -24.67 -28.04 -4.23
CA GLY F 120 -25.95 -28.66 -4.01
C GLY F 120 -25.93 -29.66 -2.87
N GLN F 121 -27.09 -30.27 -2.64
CA GLN F 121 -27.23 -31.29 -1.61
C GLN F 121 -26.90 -32.69 -2.10
N GLY F 122 -26.71 -32.87 -3.40
CA GLY F 122 -26.20 -34.11 -3.95
C GLY F 122 -27.27 -35.13 -4.25
N THR F 123 -26.89 -36.12 -5.05
CA THR F 123 -27.75 -37.24 -5.40
C THR F 123 -26.94 -38.53 -5.29
N GLN F 124 -27.61 -39.61 -4.88
CA GLN F 124 -26.95 -40.88 -4.63
C GLN F 124 -26.94 -41.72 -5.89
N VAL F 125 -25.75 -42.14 -6.32
CA VAL F 125 -25.59 -43.04 -7.46
C VAL F 125 -24.94 -44.31 -6.94
N THR F 126 -25.59 -45.45 -7.18
CA THR F 126 -25.11 -46.74 -6.70
C THR F 126 -24.98 -47.70 -7.88
N VAL F 127 -23.84 -48.37 -7.97
CA VAL F 127 -23.59 -49.34 -9.03
C VAL F 127 -23.35 -50.72 -8.43
#